data_4LUZ
# 
_entry.id   4LUZ 
# 
_audit_conform.dict_name       mmcif_pdbx.dic 
_audit_conform.dict_version    5.379 
_audit_conform.dict_location   http://mmcif.pdb.org/dictionaries/ascii/mmcif_pdbx.dic 
# 
loop_
_database_2.database_id 
_database_2.database_code 
_database_2.pdbx_database_accession 
_database_2.pdbx_DOI 
PDB   4LUZ         pdb_00004luz 10.2210/pdb4luz/pdb 
RCSB  RCSB081119   ?            ?                   
WWPDB D_1000081119 ?            ?                   
# 
loop_
_pdbx_database_related.db_name 
_pdbx_database_related.db_id 
_pdbx_database_related.details 
_pdbx_database_related.content_type 
PDB 4LUV . unspecified 
PDB 4LUO . unspecified 
PDB 4LWC . unspecified 
PDB 4LW1 . unspecified 
# 
_pdbx_database_status.status_code                     REL 
_pdbx_database_status.entry_id                        4LUZ 
_pdbx_database_status.recvd_initial_deposition_date   2013-07-25 
_pdbx_database_status.deposit_site                    RCSB 
_pdbx_database_status.process_site                    RCSB 
_pdbx_database_status.status_code_sf                  REL 
_pdbx_database_status.status_code_mr                  ? 
_pdbx_database_status.SG_entry                        ? 
_pdbx_database_status.status_code_cs                  ? 
_pdbx_database_status.methods_development_category    ? 
_pdbx_database_status.pdb_format_compatible           Y 
_pdbx_database_status.status_code_nmr_data            ? 
# 
loop_
_audit_author.name 
_audit_author.pdbx_ordinal 
'Feldkamp, M.D.'  1  
'Frank, A.O.'     2  
'Kennedy, J.P.'   3  
'Waterson, A.G.'  4  
'Olejnczak, E.O.' 5  
'Pelz, N.F.'      6  
'Patrone, J.D.'   7  
'Vangamudi, B.'   8  
'Camper, D.V.'    9  
'Rossanese, O.W.' 10 
'Fesik, S.W.'     11 
'Chazin, W.J.'    12 
# 
_citation.id                        primary 
_citation.title                     
'Discovery of a potent inhibitor of replication protein a protein-protein interactions using a fragment-linking approach.' 
_citation.journal_abbrev            J.Med.Chem. 
_citation.journal_volume            56 
_citation.page_first                9242 
_citation.page_last                 9250 
_citation.year                      2013 
_citation.journal_id_ASTM           JMCMAR 
_citation.country                   US 
_citation.journal_id_ISSN           0022-2623 
_citation.journal_id_CSD            0151 
_citation.book_publisher            ? 
_citation.pdbx_database_id_PubMed   24147804 
_citation.pdbx_database_id_DOI      10.1021/jm401333u 
# 
loop_
_citation_author.citation_id 
_citation_author.name 
_citation_author.ordinal 
_citation_author.identifier_ORCID 
primary 'Frank, A.O.'     1  ? 
primary 'Feldkamp, M.D.'  2  ? 
primary 'Kennedy, J.P.'   3  ? 
primary 'Waterson, A.G.'  4  ? 
primary 'Pelz, N.F.'      5  ? 
primary 'Patrone, J.D.'   6  ? 
primary 'Vangamudi, B.'   7  ? 
primary 'Camper, D.V.'    8  ? 
primary 'Rossanese, O.W.' 9  ? 
primary 'Chazin, W.J.'    10 ? 
primary 'Fesik, S.W.'     11 ? 
# 
_cell.entry_id           4LUZ 
_cell.length_a           38.361 
_cell.length_b           53.580 
_cell.length_c           54.269 
_cell.angle_alpha        90.00 
_cell.angle_beta         90.00 
_cell.angle_gamma        90.00 
_cell.Z_PDB              4 
_cell.pdbx_unique_axis   ? 
_cell.length_a_esd       ? 
_cell.length_b_esd       ? 
_cell.length_c_esd       ? 
_cell.angle_alpha_esd    ? 
_cell.angle_beta_esd     ? 
_cell.angle_gamma_esd    ? 
# 
_symmetry.entry_id                         4LUZ 
_symmetry.space_group_name_H-M             'P 21 21 21' 
_symmetry.pdbx_full_space_group_name_H-M   ? 
_symmetry.cell_setting                     ? 
_symmetry.Int_Tables_number                19 
_symmetry.space_group_name_Hall            ? 
# 
loop_
_entity.id 
_entity.type 
_entity.src_method 
_entity.pdbx_description 
_entity.formula_weight 
_entity.pdbx_number_of_molecules 
_entity.pdbx_ec 
_entity.pdbx_mutation 
_entity.pdbx_fragment 
_entity.details 
1 polymer     man 'Replication protein A 70 kDa DNA-binding subunit'                                                  13497.728 1 
? E7R 'RPA70N (unp residues 1-120)' ? 
2 non-polymer syn '5-(4-{[4-(5-carboxyfuran-2-yl)benzyl]oxy}phenyl)-1-(3-methylphenyl)-1H-pyrazole-3-carboxylic acid' 494.495   1 
? ?   ?                             ? 
3 water       nat water                                                                                               18.015    
129 ? ?   ?                             ? 
# 
_entity_name_com.entity_id   1 
_entity_name_com.name        
;RP-A p70, Replication factor A protein 1, RF-A protein 1, Single-stranded DNA-binding protein, Replication protein A 70 kDa DNA-binding subunit, N-terminally processed
;
# 
_entity_poly.entity_id                      1 
_entity_poly.type                           'polypeptide(L)' 
_entity_poly.nstd_linkage                   no 
_entity_poly.nstd_monomer                   no 
_entity_poly.pdbx_seq_one_letter_code       
;GSHMVGQLSRGAIAAIMQKGDTNIKPILQVINIRPITTGNSPPRYRLLMSDGLNTLSSFMLATQLNPLVEEEQLSSNCVC
QIHRFIVNTLKDGRRVVILMELEVLKSAEAVGVKIGNPVPYNE
;
_entity_poly.pdbx_seq_one_letter_code_can   
;GSHMVGQLSRGAIAAIMQKGDTNIKPILQVINIRPITTGNSPPRYRLLMSDGLNTLSSFMLATQLNPLVEEEQLSSNCVC
QIHRFIVNTLKDGRRVVILMELEVLKSAEAVGVKIGNPVPYNE
;
_entity_poly.pdbx_strand_id                 A 
_entity_poly.pdbx_target_identifier         ? 
# 
loop_
_entity_poly_seq.entity_id 
_entity_poly_seq.num 
_entity_poly_seq.mon_id 
_entity_poly_seq.hetero 
1 1   GLY n 
1 2   SER n 
1 3   HIS n 
1 4   MET n 
1 5   VAL n 
1 6   GLY n 
1 7   GLN n 
1 8   LEU n 
1 9   SER n 
1 10  ARG n 
1 11  GLY n 
1 12  ALA n 
1 13  ILE n 
1 14  ALA n 
1 15  ALA n 
1 16  ILE n 
1 17  MET n 
1 18  GLN n 
1 19  LYS n 
1 20  GLY n 
1 21  ASP n 
1 22  THR n 
1 23  ASN n 
1 24  ILE n 
1 25  LYS n 
1 26  PRO n 
1 27  ILE n 
1 28  LEU n 
1 29  GLN n 
1 30  VAL n 
1 31  ILE n 
1 32  ASN n 
1 33  ILE n 
1 34  ARG n 
1 35  PRO n 
1 36  ILE n 
1 37  THR n 
1 38  THR n 
1 39  GLY n 
1 40  ASN n 
1 41  SER n 
1 42  PRO n 
1 43  PRO n 
1 44  ARG n 
1 45  TYR n 
1 46  ARG n 
1 47  LEU n 
1 48  LEU n 
1 49  MET n 
1 50  SER n 
1 51  ASP n 
1 52  GLY n 
1 53  LEU n 
1 54  ASN n 
1 55  THR n 
1 56  LEU n 
1 57  SER n 
1 58  SER n 
1 59  PHE n 
1 60  MET n 
1 61  LEU n 
1 62  ALA n 
1 63  THR n 
1 64  GLN n 
1 65  LEU n 
1 66  ASN n 
1 67  PRO n 
1 68  LEU n 
1 69  VAL n 
1 70  GLU n 
1 71  GLU n 
1 72  GLU n 
1 73  GLN n 
1 74  LEU n 
1 75  SER n 
1 76  SER n 
1 77  ASN n 
1 78  CYS n 
1 79  VAL n 
1 80  CYS n 
1 81  GLN n 
1 82  ILE n 
1 83  HIS n 
1 84  ARG n 
1 85  PHE n 
1 86  ILE n 
1 87  VAL n 
1 88  ASN n 
1 89  THR n 
1 90  LEU n 
1 91  LYS n 
1 92  ASP n 
1 93  GLY n 
1 94  ARG n 
1 95  ARG n 
1 96  VAL n 
1 97  VAL n 
1 98  ILE n 
1 99  LEU n 
1 100 MET n 
1 101 GLU n 
1 102 LEU n 
1 103 GLU n 
1 104 VAL n 
1 105 LEU n 
1 106 LYS n 
1 107 SER n 
1 108 ALA n 
1 109 GLU n 
1 110 ALA n 
1 111 VAL n 
1 112 GLY n 
1 113 VAL n 
1 114 LYS n 
1 115 ILE n 
1 116 GLY n 
1 117 ASN n 
1 118 PRO n 
1 119 VAL n 
1 120 PRO n 
1 121 TYR n 
1 122 ASN n 
1 123 GLU n 
# 
_entity_src_gen.entity_id                          1 
_entity_src_gen.pdbx_src_id                        1 
_entity_src_gen.pdbx_alt_source_flag               sample 
_entity_src_gen.pdbx_seq_type                      ? 
_entity_src_gen.pdbx_beg_seq_num                   ? 
_entity_src_gen.pdbx_end_seq_num                   ? 
_entity_src_gen.gene_src_common_name               human 
_entity_src_gen.gene_src_genus                     ? 
_entity_src_gen.pdbx_gene_src_gene                 'RPA1, REPA1, RPA70' 
_entity_src_gen.gene_src_species                   ? 
_entity_src_gen.gene_src_strain                    ? 
_entity_src_gen.gene_src_tissue                    ? 
_entity_src_gen.gene_src_tissue_fraction           ? 
_entity_src_gen.gene_src_details                   ? 
_entity_src_gen.pdbx_gene_src_fragment             ? 
_entity_src_gen.pdbx_gene_src_scientific_name      'Homo sapiens' 
_entity_src_gen.pdbx_gene_src_ncbi_taxonomy_id     9606 
_entity_src_gen.pdbx_gene_src_variant              ? 
_entity_src_gen.pdbx_gene_src_cell_line            ? 
_entity_src_gen.pdbx_gene_src_atcc                 ? 
_entity_src_gen.pdbx_gene_src_organ                ? 
_entity_src_gen.pdbx_gene_src_organelle            ? 
_entity_src_gen.pdbx_gene_src_cell                 ? 
_entity_src_gen.pdbx_gene_src_cellular_location    ? 
_entity_src_gen.host_org_common_name               ? 
_entity_src_gen.pdbx_host_org_scientific_name      'Escherichia coli' 
_entity_src_gen.pdbx_host_org_ncbi_taxonomy_id     562 
_entity_src_gen.host_org_genus                     ? 
_entity_src_gen.pdbx_host_org_gene                 ? 
_entity_src_gen.pdbx_host_org_organ                ? 
_entity_src_gen.host_org_species                   ? 
_entity_src_gen.pdbx_host_org_tissue               ? 
_entity_src_gen.pdbx_host_org_tissue_fraction      ? 
_entity_src_gen.pdbx_host_org_strain               ? 
_entity_src_gen.pdbx_host_org_variant              ? 
_entity_src_gen.pdbx_host_org_cell_line            ? 
_entity_src_gen.pdbx_host_org_atcc                 ? 
_entity_src_gen.pdbx_host_org_culture_collection   ? 
_entity_src_gen.pdbx_host_org_cell                 ? 
_entity_src_gen.pdbx_host_org_organelle            ? 
_entity_src_gen.pdbx_host_org_cellular_location    ? 
_entity_src_gen.pdbx_host_org_vector_type          ? 
_entity_src_gen.pdbx_host_org_vector               ? 
_entity_src_gen.host_org_details                   ? 
_entity_src_gen.expression_system_id               ? 
_entity_src_gen.plasmid_name                       ? 
_entity_src_gen.plasmid_details                    ? 
_entity_src_gen.pdbx_description                   ? 
# 
_struct_ref.id                         1 
_struct_ref.db_name                    UNP 
_struct_ref.db_code                    RFA1_HUMAN 
_struct_ref.pdbx_db_accession          P27694 
_struct_ref.entity_id                  1 
_struct_ref.pdbx_seq_one_letter_code   
;MVGQLSEGAIAAIMQKGDTNIKPILQVINIRPITTGNSPPRYRLLMSDGLNTLSSFMLATQLNPLVEEEQLSSNCVCQIH
RFIVNTLKDGRRVVILMELEVLKSAEAVGVKIGNPVPYNE
;
_struct_ref.pdbx_align_begin           1 
_struct_ref.pdbx_db_isoform            ? 
# 
_struct_ref_seq.align_id                      1 
_struct_ref_seq.ref_id                        1 
_struct_ref_seq.pdbx_PDB_id_code              4LUZ 
_struct_ref_seq.pdbx_strand_id                A 
_struct_ref_seq.seq_align_beg                 4 
_struct_ref_seq.pdbx_seq_align_beg_ins_code   ? 
_struct_ref_seq.seq_align_end                 123 
_struct_ref_seq.pdbx_seq_align_end_ins_code   ? 
_struct_ref_seq.pdbx_db_accession             P27694 
_struct_ref_seq.db_align_beg                  1 
_struct_ref_seq.pdbx_db_align_beg_ins_code    ? 
_struct_ref_seq.db_align_end                  120 
_struct_ref_seq.pdbx_db_align_end_ins_code    ? 
_struct_ref_seq.pdbx_auth_seq_align_beg       1 
_struct_ref_seq.pdbx_auth_seq_align_end       120 
# 
loop_
_struct_ref_seq_dif.align_id 
_struct_ref_seq_dif.pdbx_pdb_id_code 
_struct_ref_seq_dif.mon_id 
_struct_ref_seq_dif.pdbx_pdb_strand_id 
_struct_ref_seq_dif.seq_num 
_struct_ref_seq_dif.pdbx_pdb_ins_code 
_struct_ref_seq_dif.pdbx_seq_db_name 
_struct_ref_seq_dif.pdbx_seq_db_accession_code 
_struct_ref_seq_dif.db_mon_id 
_struct_ref_seq_dif.pdbx_seq_db_seq_num 
_struct_ref_seq_dif.details 
_struct_ref_seq_dif.pdbx_auth_seq_num 
_struct_ref_seq_dif.pdbx_ordinal 
1 4LUZ GLY A 1  ? UNP P27694 ?   ? 'expression tag'      -2 1 
1 4LUZ SER A 2  ? UNP P27694 ?   ? 'expression tag'      -1 2 
1 4LUZ HIS A 3  ? UNP P27694 ?   ? 'expression tag'      0  3 
1 4LUZ ARG A 10 ? UNP P27694 GLU 7 'engineered mutation' 7  4 
# 
loop_
_chem_comp.id 
_chem_comp.type 
_chem_comp.mon_nstd_flag 
_chem_comp.name 
_chem_comp.pdbx_synonyms 
_chem_comp.formula 
_chem_comp.formula_weight 
1XT non-polymer         . '5-(4-{[4-(5-carboxyfuran-2-yl)benzyl]oxy}phenyl)-1-(3-methylphenyl)-1H-pyrazole-3-carboxylic acid' ? 
'C29 H22 N2 O6'  494.495 
ALA 'L-peptide linking' y ALANINE                                                                                             ? 
'C3 H7 N O2'     89.093  
ARG 'L-peptide linking' y ARGININE                                                                                            ? 
'C6 H15 N4 O2 1' 175.209 
ASN 'L-peptide linking' y ASPARAGINE                                                                                          ? 
'C4 H8 N2 O3'    132.118 
ASP 'L-peptide linking' y 'ASPARTIC ACID'                                                                                     ? 
'C4 H7 N O4'     133.103 
CYS 'L-peptide linking' y CYSTEINE                                                                                            ? 
'C3 H7 N O2 S'   121.158 
GLN 'L-peptide linking' y GLUTAMINE                                                                                           ? 
'C5 H10 N2 O3'   146.144 
GLU 'L-peptide linking' y 'GLUTAMIC ACID'                                                                                     ? 
'C5 H9 N O4'     147.129 
GLY 'peptide linking'   y GLYCINE                                                                                             ? 
'C2 H5 N O2'     75.067  
HIS 'L-peptide linking' y HISTIDINE                                                                                           ? 
'C6 H10 N3 O2 1' 156.162 
HOH non-polymer         . WATER                                                                                               ? 
'H2 O'           18.015  
ILE 'L-peptide linking' y ISOLEUCINE                                                                                          ? 
'C6 H13 N O2'    131.173 
LEU 'L-peptide linking' y LEUCINE                                                                                             ? 
'C6 H13 N O2'    131.173 
LYS 'L-peptide linking' y LYSINE                                                                                              ? 
'C6 H15 N2 O2 1' 147.195 
MET 'L-peptide linking' y METHIONINE                                                                                          ? 
'C5 H11 N O2 S'  149.211 
PHE 'L-peptide linking' y PHENYLALANINE                                                                                       ? 
'C9 H11 N O2'    165.189 
PRO 'L-peptide linking' y PROLINE                                                                                             ? 
'C5 H9 N O2'     115.130 
SER 'L-peptide linking' y SERINE                                                                                              ? 
'C3 H7 N O3'     105.093 
THR 'L-peptide linking' y THREONINE                                                                                           ? 
'C4 H9 N O3'     119.119 
TYR 'L-peptide linking' y TYROSINE                                                                                            ? 
'C9 H11 N O3'    181.189 
VAL 'L-peptide linking' y VALINE                                                                                              ? 
'C5 H11 N O2'    117.146 
# 
_exptl.entry_id          4LUZ 
_exptl.method            'X-RAY DIFFRACTION' 
_exptl.crystals_number   1 
# 
_exptl_crystal.id                    1 
_exptl_crystal.density_meas          ? 
_exptl_crystal.density_Matthews      2.07 
_exptl_crystal.density_percent_sol   40.46 
_exptl_crystal.description           ? 
_exptl_crystal.F_000                 ? 
_exptl_crystal.preparation           ? 
# 
_exptl_crystal_grow.crystal_id      1 
_exptl_crystal_grow.method          'VAPOR DIFFUSION, HANGING DROP' 
_exptl_crystal_grow.temp            294 
_exptl_crystal_grow.temp_details    ? 
_exptl_crystal_grow.pH              6.5 
_exptl_crystal_grow.pdbx_details    
'100 MM MES, 200 MM CALCIUM ACETATE, 20% PEG 8000, pH 6.5, VAPOR DIFFUSION, HANGING DROP, temperature 294K' 
_exptl_crystal_grow.pdbx_pH_range   ? 
# 
_diffrn.id                     1 
_diffrn.ambient_temp           100 
_diffrn.ambient_temp_details   ? 
_diffrn.crystal_id             1 
# 
_diffrn_detector.diffrn_id              1 
_diffrn_detector.detector               'IMAGE PLATE' 
_diffrn_detector.type                   'MAR scanner 300 mm plate' 
_diffrn_detector.pdbx_collection_date   2012-08-16 
_diffrn_detector.details                ? 
# 
_diffrn_radiation.diffrn_id                        1 
_diffrn_radiation.wavelength_id                    1 
_diffrn_radiation.pdbx_monochromatic_or_laue_m_l   M 
_diffrn_radiation.monochromator                    'SI(111)' 
_diffrn_radiation.pdbx_diffrn_protocol             'SINGLE WAVELENGTH' 
_diffrn_radiation.pdbx_scattering_type             x-ray 
# 
_diffrn_radiation_wavelength.id           1 
_diffrn_radiation_wavelength.wavelength   0.97872 
_diffrn_radiation_wavelength.wt           1.0 
# 
_diffrn_source.diffrn_id                   1 
_diffrn_source.source                      SYNCHROTRON 
_diffrn_source.type                        'APS BEAMLINE 21-ID-D' 
_diffrn_source.pdbx_synchrotron_site       APS 
_diffrn_source.pdbx_synchrotron_beamline   21-ID-D 
_diffrn_source.pdbx_wavelength             ? 
_diffrn_source.pdbx_wavelength_list        0.97872 
# 
_reflns.entry_id                     4LUZ 
_reflns.observed_criterion_sigma_I   0 
_reflns.observed_criterion_sigma_F   0 
_reflns.d_resolution_low             31.19 
_reflns.d_resolution_high            1.9 
_reflns.number_obs                   9232 
_reflns.number_all                   53261 
_reflns.percent_possible_obs         100 
_reflns.pdbx_Rmerge_I_obs            0.073 
_reflns.pdbx_Rsym_value              ? 
_reflns.pdbx_netI_over_sigmaI        12.21 
_reflns.B_iso_Wilson_estimate        16.26 
_reflns.pdbx_redundancy              4.45 
_reflns.R_free_details               ? 
_reflns.limit_h_max                  ? 
_reflns.limit_h_min                  ? 
_reflns.limit_k_max                  ? 
_reflns.limit_k_min                  ? 
_reflns.limit_l_max                  ? 
_reflns.limit_l_min                  ? 
_reflns.observed_criterion_F_max     ? 
_reflns.observed_criterion_F_min     ? 
_reflns.pdbx_chi_squared             ? 
_reflns.pdbx_scaling_rejects         ? 
_reflns.pdbx_ordinal                 1 
_reflns.pdbx_diffrn_id               1 
# 
_reflns_shell.d_res_high             1.9 
_reflns_shell.d_res_low              1.968 
_reflns_shell.percent_possible_all   100 
_reflns_shell.Rmerge_I_obs           .2464 
_reflns_shell.pdbx_Rsym_value        ? 
_reflns_shell.meanI_over_sigI_obs    4.15 
_reflns_shell.pdbx_redundancy        3.63 
_reflns_shell.percent_possible_obs   ? 
_reflns_shell.number_unique_all      ? 
_reflns_shell.number_measured_all    ? 
_reflns_shell.number_measured_obs    ? 
_reflns_shell.number_unique_obs      ? 
_reflns_shell.pdbx_chi_squared       ? 
_reflns_shell.pdbx_ordinal           1 
_reflns_shell.pdbx_diffrn_id         1 
# 
_refine.entry_id                                 4LUZ 
_refine.ls_number_reflns_obs                     9218 
_refine.ls_number_reflns_all                     53261 
_refine.pdbx_ls_sigma_I                          ? 
_refine.pdbx_ls_sigma_F                          1.34 
_refine.pdbx_data_cutoff_high_absF               ? 
_refine.pdbx_data_cutoff_low_absF                ? 
_refine.pdbx_data_cutoff_high_rms_absF           ? 
_refine.ls_d_res_low                             31.19 
_refine.ls_d_res_high                            1.900 
_refine.ls_percent_reflns_obs                    99.61 
_refine.ls_R_factor_obs                          0.1806 
_refine.ls_R_factor_all                          ? 
_refine.ls_R_factor_R_work                       0.1777 
_refine.ls_R_factor_R_free                       0.2369 
_refine.ls_R_factor_R_free_error                 ? 
_refine.ls_R_factor_R_free_error_details         ? 
_refine.ls_percent_reflns_R_free                 4.77 
_refine.ls_number_reflns_R_free                  440 
_refine.ls_number_parameters                     ? 
_refine.ls_number_restraints                     ? 
_refine.occupancy_min                            ? 
_refine.occupancy_max                            ? 
_refine.correlation_coeff_Fo_to_Fc               ? 
_refine.correlation_coeff_Fo_to_Fc_free          ? 
_refine.B_iso_mean                               ? 
_refine.aniso_B[1][1]                            0.0692 
_refine.aniso_B[2][2]                            -1.4585 
_refine.aniso_B[3][3]                            1.3893 
_refine.aniso_B[1][2]                            -0.0000 
_refine.aniso_B[1][3]                            0.0000 
_refine.aniso_B[2][3]                            0.0000 
_refine.solvent_model_details                    'FLAT BULK SOLVENT MODEL' 
_refine.solvent_model_param_ksol                 0.349 
_refine.solvent_model_param_bsol                 43.221 
_refine.pdbx_solvent_vdw_probe_radii             1.00 
_refine.pdbx_solvent_ion_probe_radii             ? 
_refine.pdbx_solvent_shrinkage_radii             0.73 
_refine.pdbx_ls_cross_valid_method               ? 
_refine.details                                  ? 
_refine.pdbx_starting_model                      'pdb entry 2B29' 
_refine.pdbx_method_to_determine_struct          'MOLECULAR REPLACEMENT' 
_refine.pdbx_isotropic_thermal_model             ? 
_refine.pdbx_stereochemistry_target_values       ML 
_refine.pdbx_stereochem_target_val_spec_case     ? 
_refine.pdbx_R_Free_selection_details            Random 
_refine.pdbx_overall_ESU_R                       ? 
_refine.pdbx_overall_ESU_R_Free                  ? 
_refine.overall_SU_ML                            0.19 
_refine.pdbx_overall_phase_error                 23.56 
_refine.overall_SU_B                             ? 
_refine.overall_SU_R_Cruickshank_DPI             ? 
_refine.ls_redundancy_reflns_obs                 ? 
_refine.B_iso_min                                ? 
_refine.B_iso_max                                ? 
_refine.overall_SU_R_free                        ? 
_refine.ls_wR_factor_R_free                      ? 
_refine.ls_wR_factor_R_work                      ? 
_refine.overall_FOM_free_R_set                   ? 
_refine.overall_FOM_work_R_set                   ? 
_refine.pdbx_diffrn_id                           1 
_refine.pdbx_refine_id                           'X-RAY DIFFRACTION' 
_refine.pdbx_TLS_residual_ADP_flag               ? 
_refine.pdbx_overall_SU_R_free_Cruickshank_DPI   ? 
_refine.pdbx_overall_SU_R_Blow_DPI               ? 
_refine.pdbx_overall_SU_R_free_Blow_DPI          ? 
# 
_refine_hist.pdbx_refine_id                   'X-RAY DIFFRACTION' 
_refine_hist.cycle_id                         LAST 
_refine_hist.pdbx_number_atoms_protein        941 
_refine_hist.pdbx_number_atoms_nucleic_acid   0 
_refine_hist.pdbx_number_atoms_ligand         37 
_refine_hist.number_atoms_solvent             129 
_refine_hist.number_atoms_total               1107 
_refine_hist.d_res_high                       1.900 
_refine_hist.d_res_low                        31.19 
# 
loop_
_refine_ls_restr.type 
_refine_ls_restr.dev_ideal 
_refine_ls_restr.dev_ideal_target 
_refine_ls_restr.weight 
_refine_ls_restr.number 
_refine_ls_restr.pdbx_restraint_function 
_refine_ls_restr.pdbx_refine_id 
f_bond_d           0.007  ? ? 1033 ? 'X-RAY DIFFRACTION' 
f_angle_d          1.247  ? ? 1409 ? 'X-RAY DIFFRACTION' 
f_dihedral_angle_d 16.230 ? ? 410  ? 'X-RAY DIFFRACTION' 
f_chiral_restr     0.081  ? ? 163  ? 'X-RAY DIFFRACTION' 
f_plane_restr      0.005  ? ? 182  ? 'X-RAY DIFFRACTION' 
# 
loop_
_refine_ls_shell.pdbx_total_number_of_bins_used 
_refine_ls_shell.d_res_high 
_refine_ls_shell.d_res_low 
_refine_ls_shell.number_reflns_R_work 
_refine_ls_shell.R_factor_R_work 
_refine_ls_shell.percent_reflns_obs 
_refine_ls_shell.R_factor_R_free 
_refine_ls_shell.R_factor_R_free_error 
_refine_ls_shell.percent_reflns_R_free 
_refine_ls_shell.number_reflns_R_free 
_refine_ls_shell.number_reflns_all 
_refine_ls_shell.R_factor_all 
_refine_ls_shell.number_reflns_obs 
_refine_ls_shell.redundancy_reflns_obs 
_refine_ls_shell.pdbx_refine_id 
. 1.9001 2.1750  2864 0.1850 100.00 0.2684 . . 147 . . . . 'X-RAY DIFFRACTION' 
. 2.1750 2.7400  2898 0.1755 100.00 0.2581 . . 151 . . . . 'X-RAY DIFFRACTION' 
. 2.7400 31.1951 3016 0.1762 99.00  0.2148 . . 142 . . . . 'X-RAY DIFFRACTION' 
# 
_struct.entry_id                  4LUZ 
_struct.title                     
'Fragment-Based Discovery of a Potent Inhibitor of Replication Protein A Protein-Protein Interactions' 
_struct.pdbx_model_details        ? 
_struct.pdbx_CASP_flag            ? 
_struct.pdbx_model_type_details   ? 
# 
_struct_keywords.entry_id        4LUZ 
_struct_keywords.pdbx_keywords   'DNA BINDING protein/inhibitor' 
_struct_keywords.text            'OB-FOLD, PROTEIN-PROTEIN INTERACTION, DNA BINDING protein-inhibitor complex' 
# 
loop_
_struct_asym.id 
_struct_asym.pdbx_blank_PDB_chainid_flag 
_struct_asym.pdbx_modified 
_struct_asym.entity_id 
_struct_asym.details 
A N N 1 ? 
B N N 2 ? 
C N N 3 ? 
# 
_struct_biol.id        1 
_struct_biol.details   ? 
# 
loop_
_struct_conf.conf_type_id 
_struct_conf.id 
_struct_conf.pdbx_PDB_helix_id 
_struct_conf.beg_label_comp_id 
_struct_conf.beg_label_asym_id 
_struct_conf.beg_label_seq_id 
_struct_conf.pdbx_beg_PDB_ins_code 
_struct_conf.end_label_comp_id 
_struct_conf.end_label_asym_id 
_struct_conf.end_label_seq_id 
_struct_conf.pdbx_end_PDB_ins_code 
_struct_conf.beg_auth_comp_id 
_struct_conf.beg_auth_asym_id 
_struct_conf.beg_auth_seq_id 
_struct_conf.end_auth_comp_id 
_struct_conf.end_auth_asym_id 
_struct_conf.end_auth_seq_id 
_struct_conf.pdbx_PDB_helix_class 
_struct_conf.details 
_struct_conf.pdbx_PDB_helix_length 
HELX_P HELX_P1 1 HIS A 3   ? LEU A 8   ? HIS A 0   LEU A 5   5 ? 6 
HELX_P HELX_P2 2 GLY A 11  ? LYS A 19  ? GLY A 8   LYS A 16  1 ? 9 
HELX_P HELX_P3 3 LEU A 65  ? GLU A 71  ? LEU A 62  GLU A 68  1 ? 7 
HELX_P HELX_P4 4 SER A 107 ? GLY A 112 ? SER A 104 GLY A 109 1 ? 6 
# 
_struct_conf_type.id          HELX_P 
_struct_conf_type.criteria    ? 
_struct_conf_type.reference   ? 
# 
_struct_sheet.id               A 
_struct_sheet.type             ? 
_struct_sheet.number_strands   7 
_struct_sheet.details          ? 
# 
loop_
_struct_sheet_order.sheet_id 
_struct_sheet_order.range_id_1 
_struct_sheet_order.range_id_2 
_struct_sheet_order.offset 
_struct_sheet_order.sense 
A 1 2 ? parallel      
A 2 3 ? parallel      
A 3 4 ? anti-parallel 
A 4 5 ? anti-parallel 
A 5 6 ? anti-parallel 
A 6 7 ? anti-parallel 
# 
loop_
_struct_sheet_range.sheet_id 
_struct_sheet_range.id 
_struct_sheet_range.beg_label_comp_id 
_struct_sheet_range.beg_label_asym_id 
_struct_sheet_range.beg_label_seq_id 
_struct_sheet_range.pdbx_beg_PDB_ins_code 
_struct_sheet_range.end_label_comp_id 
_struct_sheet_range.end_label_asym_id 
_struct_sheet_range.end_label_seq_id 
_struct_sheet_range.pdbx_end_PDB_ins_code 
_struct_sheet_range.beg_auth_comp_id 
_struct_sheet_range.beg_auth_asym_id 
_struct_sheet_range.beg_auth_seq_id 
_struct_sheet_range.end_auth_comp_id 
_struct_sheet_range.end_auth_asym_id 
_struct_sheet_range.end_auth_seq_id 
A 1 VAL A 119 ? PRO A 120 ? VAL A 116 PRO A 117 
A 2 ASN A 54  ? LEU A 61  ? ASN A 51  LEU A 58  
A 3 ARG A 95  ? LYS A 106 ? ARG A 92  LYS A 103 
A 4 VAL A 79  ? THR A 89  ? VAL A 76  THR A 86  
A 5 ILE A 27  ? ILE A 36  ? ILE A 24  ILE A 33  
A 6 ARG A 44  ? SER A 50  ? ARG A 41  SER A 47  
A 7 ASN A 54  ? LEU A 61  ? ASN A 51  LEU A 58  
# 
loop_
_pdbx_struct_sheet_hbond.sheet_id 
_pdbx_struct_sheet_hbond.range_id_1 
_pdbx_struct_sheet_hbond.range_id_2 
_pdbx_struct_sheet_hbond.range_1_label_atom_id 
_pdbx_struct_sheet_hbond.range_1_label_comp_id 
_pdbx_struct_sheet_hbond.range_1_label_asym_id 
_pdbx_struct_sheet_hbond.range_1_label_seq_id 
_pdbx_struct_sheet_hbond.range_1_PDB_ins_code 
_pdbx_struct_sheet_hbond.range_1_auth_atom_id 
_pdbx_struct_sheet_hbond.range_1_auth_comp_id 
_pdbx_struct_sheet_hbond.range_1_auth_asym_id 
_pdbx_struct_sheet_hbond.range_1_auth_seq_id 
_pdbx_struct_sheet_hbond.range_2_label_atom_id 
_pdbx_struct_sheet_hbond.range_2_label_comp_id 
_pdbx_struct_sheet_hbond.range_2_label_asym_id 
_pdbx_struct_sheet_hbond.range_2_label_seq_id 
_pdbx_struct_sheet_hbond.range_2_PDB_ins_code 
_pdbx_struct_sheet_hbond.range_2_auth_atom_id 
_pdbx_struct_sheet_hbond.range_2_auth_comp_id 
_pdbx_struct_sheet_hbond.range_2_auth_asym_id 
_pdbx_struct_sheet_hbond.range_2_auth_seq_id 
A 1 2 O VAL A 119 ? O VAL A 116 N THR A 55 ? N THR A 52 
A 2 3 N MET A 60  ? N MET A 57  O VAL A 97 ? O VAL A 94 
A 3 4 O VAL A 96  ? O VAL A 93  N ASN A 88 ? N ASN A 85 
A 4 5 O CYS A 80  ? O CYS A 77  N LEU A 28 ? N LEU A 25 
A 5 6 N ARG A 34  ? N ARG A 31  O ARG A 46 ? O ARG A 43 
A 6 7 N LEU A 47  ? N LEU A 44  O PHE A 59 ? O PHE A 56 
# 
_struct_site.id                   AC1 
_struct_site.pdbx_evidence_code   Software 
_struct_site.pdbx_auth_asym_id    A 
_struct_site.pdbx_auth_comp_id    1XT 
_struct_site.pdbx_auth_seq_id     201 
_struct_site.pdbx_auth_ins_code   ? 
_struct_site.pdbx_num_residues    14 
_struct_site.details              'BINDING SITE FOR RESIDUE 1XT A 201' 
# 
loop_
_struct_site_gen.id 
_struct_site_gen.site_id 
_struct_site_gen.pdbx_num_res 
_struct_site_gen.label_comp_id 
_struct_site_gen.label_asym_id 
_struct_site_gen.label_seq_id 
_struct_site_gen.pdbx_auth_ins_code 
_struct_site_gen.auth_comp_id 
_struct_site_gen.auth_asym_id 
_struct_site_gen.auth_seq_id 
_struct_site_gen.label_atom_id 
_struct_site_gen.label_alt_id 
_struct_site_gen.symmetry 
_struct_site_gen.details 
1  AC1 14 ARG A 34  ? ARG A 31  . ? 1_555 ? 
2  AC1 14 ILE A 36  ? ILE A 33  . ? 1_555 ? 
3  AC1 14 ARG A 44  ? ARG A 41  . ? 1_555 ? 
4  AC1 14 ARG A 46  ? ARG A 43  . ? 1_555 ? 
5  AC1 14 SER A 58  ? SER A 55  . ? 1_555 ? 
6  AC1 14 MET A 60  ? MET A 57  . ? 1_555 ? 
7  AC1 14 ALA A 62  ? ALA A 59  . ? 1_555 ? 
8  AC1 14 THR A 63  ? THR A 60  . ? 1_555 ? 
9  AC1 14 ASN A 88  ? ASN A 85  . ? 1_555 ? 
10 AC1 14 VAL A 96  ? VAL A 93  . ? 1_555 ? 
11 AC1 14 ILE A 98  ? ILE A 95  . ? 1_555 ? 
12 AC1 14 MET A 100 ? MET A 97  . ? 1_555 ? 
13 AC1 14 HOH C .   ? HOH A 395 . ? 1_555 ? 
14 AC1 14 HOH C .   ? HOH A 417 . ? 1_555 ? 
# 
_atom_sites.entry_id                    4LUZ 
_atom_sites.fract_transf_matrix[1][1]   0.00756583 
_atom_sites.fract_transf_matrix[1][2]   -0.02208215 
_atom_sites.fract_transf_matrix[1][3]   -0.01160505 
_atom_sites.fract_transf_matrix[2][1]   0.00023559 
_atom_sites.fract_transf_matrix[2][2]   -0.00861865 
_atom_sites.fract_transf_matrix[2][3]   0.01655320 
_atom_sites.fract_transf_matrix[3][1]   -0.01763229 
_atom_sites.fract_transf_matrix[3][2]   -0.00484685 
_atom_sites.fract_transf_matrix[3][3]   -0.00227263 
_atom_sites.fract_transf_vector[1]      -0.174432 
_atom_sites.fract_transf_vector[2]      0.143646 
_atom_sites.fract_transf_vector[3]      -0.195681 
# 
loop_
_atom_type.symbol 
C 
N 
O 
S 
# 
loop_
_atom_site.group_PDB 
_atom_site.id 
_atom_site.type_symbol 
_atom_site.label_atom_id 
_atom_site.label_alt_id 
_atom_site.label_comp_id 
_atom_site.label_asym_id 
_atom_site.label_entity_id 
_atom_site.label_seq_id 
_atom_site.pdbx_PDB_ins_code 
_atom_site.Cartn_x 
_atom_site.Cartn_y 
_atom_site.Cartn_z 
_atom_site.occupancy 
_atom_site.B_iso_or_equiv 
_atom_site.pdbx_formal_charge 
_atom_site.auth_seq_id 
_atom_site.auth_comp_id 
_atom_site.auth_asym_id 
_atom_site.auth_atom_id 
_atom_site.pdbx_PDB_model_num 
ATOM   1    N N   . GLY A 1 1   ? -17.014 -7.971  -7.378  0.59   33.72 ?  -2  GLY A N   1 
ATOM   2    C CA  . GLY A 1 1   ? -17.697 -8.488  -8.550  1.00   31.68 ?  -2  GLY A CA  1 
ATOM   3    C C   . GLY A 1 1   ? -16.761 -8.828  -9.695  0.29   33.77 ?  -2  GLY A C   1 
ATOM   4    O O   . GLY A 1 1   ? -15.542 -8.803  -9.534  1.00   32.37 ?  -2  GLY A O   1 
ATOM   5    N N   . SER A 1 2   ? -17.336 -9.145  -10.855 0.75   33.98 ?  -1  SER A N   1 
ATOM   6    C CA  . SER A 1 2   ? -16.554 -9.495  -12.045 1.00   43.23 ?  -1  SER A CA  1 
ATOM   7    C C   . SER A 1 2   ? -15.585 -8.374  -12.429 1.00   37.49 ?  -1  SER A C   1 
ATOM   8    O O   . SER A 1 2   ? -15.737 -7.242  -11.966 0.47   32.15 ?  -1  SER A O   1 
ATOM   9    C CB  . SER A 1 2   ? -17.482 -9.826  -13.221 0.81   41.70 ?  -1  SER A CB  1 
ATOM   10   O OG  . SER A 1 2   ? -18.333 -10.923 -12.913 0.89   40.85 ?  -1  SER A OG  1 
ATOM   11   N N   . HIS A 1 3   ? -14.588 -8.700  -13.254 1.00   36.14 ?  0   HIS A N   1 
ATOM   12   C CA  . HIS A 1 3   ? -13.588 -7.727  -13.697 1.00   29.55 ?  0   HIS A CA  1 
ATOM   13   C C   . HIS A 1 3   ? -12.827 -7.185  -12.478 1.00   26.47 ?  0   HIS A C   1 
ATOM   14   O O   . HIS A 1 3   ? -12.796 -5.983  -12.245 1.00   23.49 ?  0   HIS A O   1 
ATOM   15   C CB  . HIS A 1 3   ? -14.290 -6.606  -14.491 1.00   34.72 ?  0   HIS A CB  1 
ATOM   16   C CG  . HIS A 1 3   ? -13.382 -5.517  -14.971 1.00   35.88 ?  0   HIS A CG  1 
ATOM   17   N ND1 . HIS A 1 3   ? -12.129 -5.761  -15.487 1.00   42.76 ?  0   HIS A ND1 1 
ATOM   18   C CD2 . HIS A 1 3   ? -13.557 -4.173  -15.024 1.00   34.02 ?  0   HIS A CD2 1 
ATOM   19   C CE1 . HIS A 1 3   ? -11.566 -4.614  -15.834 0.53   29.31 ?  0   HIS A CE1 1 
ATOM   20   N NE2 . HIS A 1 3   ? -12.412 -3.638  -15.563 0.50   35.33 ?  0   HIS A NE2 1 
ATOM   21   N N   . MET A 1 4   ? -12.226 -8.080  -11.694 1.00   20.83 ?  1   MET A N   1 
ATOM   22   C CA  . MET A 1 4   ? -11.697 -7.711  -10.366 1.00   16.42 ?  1   MET A CA  1 
ATOM   23   C C   . MET A 1 4   ? -10.654 -6.601  -10.359 1.00   10.25 ?  1   MET A C   1 
ATOM   24   O O   . MET A 1 4   ? -10.615 -5.798  -9.438  1.00   12.51 ?  1   MET A O   1 
ATOM   25   C CB  . MET A 1 4   ? -11.159 -8.928  -9.603  1.00   12.99 ?  1   MET A CB  1 
ATOM   26   C CG  . MET A 1 4   ? -12.254 -9.834  -9.070  1.00   22.55 ?  1   MET A CG  1 
ATOM   27   S SD  . MET A 1 4   ? -11.630 -11.009 -7.863  1.00   24.17 ?  1   MET A SD  1 
ATOM   28   C CE  . MET A 1 4   ? -10.797 -12.159 -8.945  1.00   12.61 ?  1   MET A CE  1 
ATOM   29   N N   . VAL A 1 5   ? -9.802  -6.555  -11.375 1.00   15.05 ?  2   VAL A N   1 
ATOM   30   C CA  . VAL A 1 5   ? -8.762  -5.532  -11.407 1.00   13.76 ?  2   VAL A CA  1 
ATOM   31   C C   . VAL A 1 5   ? -9.394  -4.147  -11.566 1.00   13.49 ?  2   VAL A C   1 
ATOM   32   O O   . VAL A 1 5   ? -8.782  -3.141  -11.236 1.00   10.52 ?  2   VAL A O   1 
ATOM   33   C CB  . VAL A 1 5   ? -7.707  -5.797  -12.499 1.00   17.56 ?  2   VAL A CB  1 
ATOM   34   C CG1 . VAL A 1 5   ? -8.300  -5.578  -13.879 1.00   15.42 ?  2   VAL A CG1 1 
ATOM   35   C CG2 . VAL A 1 5   ? -6.497  -4.919  -12.286 1.00   18.33 ?  2   VAL A CG2 1 
ATOM   36   N N   . GLY A 1 6   ? -10.643 -4.110  -12.027 1.00   13.50 ?  3   GLY A N   1 
ATOM   37   C CA  . GLY A 1 6   ? -11.376 -2.860  -12.146 1.00   13.37 ?  3   GLY A CA  1 
ATOM   38   C C   . GLY A 1 6   ? -11.705 -2.247  -10.790 1.00   12.91 ?  3   GLY A C   1 
ATOM   39   O O   . GLY A 1 6   ? -12.174 -1.111  -10.718 1.00   14.27 ?  3   GLY A O   1 
ATOM   40   N N   . GLN A 1 7   ? -11.468 -3.000  -9.718  1.00   9.75  ?  4   GLN A N   1 
ATOM   41   C CA  . GLN A 1 7   ? -11.673 -2.528  -8.354  0.0000 13.62 ?  4   GLN A CA  1 
ATOM   42   C C   . GLN A 1 7   ? -10.507 -1.694  -7.848  1.00   10.94 ?  4   GLN A C   1 
ATOM   43   O O   . GLN A 1 7   ? -10.620 -1.002  -6.833  0.96   9.51  ?  4   GLN A O   1 
ATOM   44   C CB  . GLN A 1 7   ? -11.860 -3.724  -7.420  1.00   14.48 ?  4   GLN A CB  1 
ATOM   45   C CG  . GLN A 1 7   ? -13.055 -4.597  -7.725  1.00   26.19 ?  4   GLN A CG  1 
ATOM   46   C CD  . GLN A 1 7   ? -14.351 -3.838  -7.631  0.0000 25.61 ?  4   GLN A CD  1 
ATOM   47   O OE1 . GLN A 1 7   ? -14.872 -3.612  -6.541  0.46   30.25 ?  4   GLN A OE1 1 
ATOM   48   N NE2 . GLN A 1 7   ? -14.882 -3.432  -8.776  1.00   37.67 ?  4   GLN A NE2 1 
ATOM   49   N N   . LEU A 1 8   ? -9.370  -1.797  -8.528  1.00   10.04 ?  5   LEU A N   1 
ATOM   50   C CA  . LEU A 1 8   ? -8.141  -1.129  -8.092  1.00   8.96  ?  5   LEU A CA  1 
ATOM   51   C C   . LEU A 1 8   ? -7.759  0.057   -8.981  1.00   7.81  ?  5   LEU A C   1 
ATOM   52   O O   . LEU A 1 8   ? -8.099  0.090   -10.170 1.00   9.66  ?  5   LEU A O   1 
ATOM   53   C CB  . LEU A 1 8   ? -6.977  -2.120  -8.058  1.00   6.97  ?  5   LEU A CB  1 
ATOM   54   C CG  . LEU A 1 8   ? -7.241  -3.390  -7.239  1.00   12.37 ?  5   LEU A CG  1 
ATOM   55   C CD1 . LEU A 1 8   ? -6.014  -4.298  -7.242  1.00   11.32 ?  5   LEU A CD1 1 
ATOM   56   C CD2 . LEU A 1 8   ? -7.652  -3.045  -5.813  1.00   10.83 ?  5   LEU A CD2 1 
ATOM   57   N N   . SER A 1 9   ? -7.059  1.021   -8.388  1.00   8.32  ?  6   SER A N   1 
ATOM   58   C CA  . SER A 1 9   ? -6.641  2.233   -9.094  1.00   8.85  ?  6   SER A CA  1 
ATOM   59   C C   . SER A 1 9   ? -5.434  1.971   -9.991  1.00   11.27 ?  6   SER A C   1 
ATOM   60   O O   . SER A 1 9   ? -4.317  2.404   -9.695  1.00   8.67  ?  6   SER A O   1 
ATOM   61   C CB  . SER A 1 9   ? -6.329  3.348   -8.101  1.00   6.94  ?  6   SER A CB  1 
ATOM   62   O OG  . SER A 1 9   ? -7.520  3.825   -7.490  1.00   11.66 ?  6   SER A OG  1 
ATOM   63   N N   . ARG A 1 10  ? -5.676  1.269   -11.092 1.00   10.39 ?  7   ARG A N   1 
ATOM   64   C CA  . ARG A 1 10  ? -4.617  0.911   -12.026 1.00   9.30  ?  7   ARG A CA  1 
ATOM   65   C C   . ARG A 1 10  ? -3.919  2.168   -12.480 1.00   15.23 ?  7   ARG A C   1 
ATOM   66   O O   . ARG A 1 10  ? -4.564  3.092   -12.966 1.00   14.21 ?  7   ARG A O   1 
ATOM   67   C CB  . ARG A 1 10  ? -5.195  0.191   -13.239 1.00   8.53  ?  7   ARG A CB  1 
ATOM   68   C CG  . ARG A 1 10  ? -5.578  -1.254  -12.953 1.00   14.68 ?  7   ARG A CG  1 
ATOM   69   C CD  . ARG A 1 10  ? -6.209  -1.893  -14.164 1.00   12.97 ?  7   ARG A CD  1 
ATOM   70   N NE  . ARG A 1 10  ? -7.545  -1.368  -14.430 1.00   18.86 ?  7   ARG A NE  1 
ATOM   71   C CZ  . ARG A 1 10  ? -8.317  -1.760  -15.439 1.00   20.32 ?  7   ARG A CZ  1 
ATOM   72   N NH1 . ARG A 1 10  ? -7.883  -2.676  -16.296 1.00   22.58 ?  7   ARG A NH1 1 
ATOM   73   N NH2 . ARG A 1 10  ? -9.528  -1.237  -15.593 1.00   20.89 ?  7   ARG A NH2 1 
ATOM   74   N N   . GLY A 1 11  ? -2.608  2.209   -12.289 1.00   11.48 ?  8   GLY A N   1 
ATOM   75   C CA  . GLY A 1 11  ? -1.813  3.357   -12.685 1.00   11.83 ?  8   GLY A CA  1 
ATOM   76   C C   . GLY A 1 11  ? -1.458  4.300   -11.554 1.00   14.13 ?  8   GLY A C   1 
ATOM   77   O O   . GLY A 1 11  ? -0.637  5.206   -11.730 1.00   11.24 ?  8   GLY A O   1 
ATOM   78   N N   . ALA A 1 12  ? -2.073  4.107   -10.391 1.00   9.79  ?  9   ALA A N   1 
ATOM   79   C CA  . ALA A 1 12  ? -1.815  4.989   -9.260  1.00   8.89  ?  9   ALA A CA  1 
ATOM   80   C C   . ALA A 1 12  ? -0.386  4.864   -8.756  1.00   13.91 ?  9   ALA A C   1 
ATOM   81   O O   . ALA A 1 12  ? 0.207   5.843   -8.314  1.00   12.26 ?  9   ALA A O   1 
ATOM   82   C CB  . ALA A 1 12  ? -2.798  4.729   -8.120  1.00   10.69 ?  9   ALA A CB  1 
ATOM   83   N N   . ILE A 1 13  ? 0.174   3.666   -8.804  1.00   9.23  ?  10  ILE A N   1 
ATOM   84   C CA  . ILE A 1 13  ? 1.534   3.508   -8.304  1.00   12.18 ?  10  ILE A CA  1 
ATOM   85   C C   . ILE A 1 13  ? 2.524   4.321   -9.159  1.00   13.12 ?  10  ILE A C   1 
ATOM   86   O O   . ILE A 1 13  ? 3.348   5.073   -8.629  1.00   11.92 ?  10  ILE A O   1 
ATOM   87   C CB  . ILE A 1 13  ? 1.906   2.014   -8.145  1.00   12.52 ?  10  ILE A CB  1 
ATOM   88   C CG1 . ILE A 1 13  ? 1.218   1.468   -6.879  1.00   7.55  ?  10  ILE A CG1 1 
ATOM   89   C CG2 . ILE A 1 13  ? 3.420   1.828   -8.105  1.00   10.77 ?  10  ILE A CG2 1 
ATOM   90   C CD1 . ILE A 1 13  ? 1.343   -0.033  -6.672  1.00   13.22 ?  10  ILE A CD1 1 
ATOM   91   N N   . ALA A 1 14  ? 2.395   4.220   -10.473 1.00   11.87 ?  11  ALA A N   1 
ATOM   92   C CA  . ALA A 1 14  ? 3.237   5.015   -11.374 1.00   16.22 ?  11  ALA A CA  1 
ATOM   93   C C   . ALA A 1 14  ? 3.020   6.506   -11.158 1.00   18.92 ?  11  ALA A C   1 
ATOM   94   O O   . ALA A 1 14  ? 3.971   7.281   -11.138 1.00   23.13 ?  11  ALA A O   1 
ATOM   95   C CB  . ALA A 1 14  ? 2.979   4.647   -12.811 1.00   16.06 ?  11  ALA A CB  1 
ATOM   96   N N   . ALA A 1 15  ? 1.765   6.908   -10.996 1.00   16.43 ?  12  ALA A N   1 
ATOM   97   C CA  . ALA A 1 15  ? 1.445   8.312   -10.750 1.00   18.01 ?  12  ALA A CA  1 
ATOM   98   C C   . ALA A 1 15  ? 2.132   8.829   -9.494  1.00   16.43 ?  12  ALA A C   1 
ATOM   99   O O   . ALA A 1 15  ? 2.659   9.941   -9.475  1.00   22.36 ?  12  ALA A O   1 
ATOM   100  C CB  . ALA A 1 15  ? -0.064  8.511   -10.651 1.00   16.24 ?  12  ALA A CB  1 
ATOM   101  N N   . ILE A 1 16  ? 2.121   8.022   -8.437  1.00   21.83 ?  13  ILE A N   1 
ATOM   102  C CA  . ILE A 1 16  ? 2.772   8.398   -7.192  1.00   16.50 ?  13  ILE A CA  1 
ATOM   103  C C   . ILE A 1 16  ? 4.275   8.514   -7.404  1.00   21.93 ?  13  ILE A C   1 
ATOM   104  O O   . ILE A 1 16  ? 4.918   9.447   -6.922  1.00   23.66 ?  13  ILE A O   1 
ATOM   105  C CB  . ILE A 1 16  ? 2.516   7.362   -6.071  1.00   19.22 ?  13  ILE A CB  1 
ATOM   106  C CG1 . ILE A 1 16  ? 1.050   7.401   -5.615  1.00   19.01 ?  13  ILE A CG1 1 
ATOM   107  C CG2 . ILE A 1 16  ? 3.418   7.632   -4.881  1.00   20.95 ?  13  ILE A CG2 1 
ATOM   108  C CD1 . ILE A 1 16  ? 0.705   6.362   -4.566  1.00   17.89 ?  13  ILE A CD1 1 
ATOM   109  N N   . MET A 1 17  ? 4.820   7.560   -8.144  1.00   17.51 ?  14  MET A N   1 
ATOM   110  C CA  A MET A 1 17  ? 6.268   7.460   -8.281  0.38   20.26 ?  14  MET A CA  1 
ATOM   111  C CA  B MET A 1 17  ? 6.263   7.420   -8.320  0.62   20.22 ?  14  MET A CA  1 
ATOM   112  C C   . MET A 1 17  ? 6.844   8.317   -9.412  1.00   23.19 ?  14  MET A C   1 
ATOM   113  O O   . MET A 1 17  ? 7.929   8.877   -9.257  1.00   24.97 ?  14  MET A O   1 
ATOM   114  C CB  A MET A 1 17  ? 6.702   5.998   -8.420  0.38   19.13 ?  14  MET A CB  1 
ATOM   115  C CB  B MET A 1 17  ? 6.592   5.966   -8.641  0.62   18.87 ?  14  MET A CB  1 
ATOM   116  C CG  A MET A 1 17  ? 6.247   5.106   -7.265  0.38   18.64 ?  14  MET A CG  1 
ATOM   117  C CG  B MET A 1 17  ? 6.374   5.015   -7.484  0.62   18.72 ?  14  MET A CG  1 
ATOM   118  S SD  A MET A 1 17  ? 6.901   5.578   -5.649  0.38   20.70 ?  14  MET A SD  1 
ATOM   119  S SD  B MET A 1 17  ? 7.822   4.966   -6.430  0.62   25.97 ?  14  MET A SD  1 
ATOM   120  C CE  A MET A 1 17  ? 8.523   4.816   -5.691  0.38   24.64 ?  14  MET A CE  1 
ATOM   121  C CE  B MET A 1 17  ? 7.171   5.626   -4.893  0.62   14.85 ?  14  MET A CE  1 
ATOM   122  N N   . GLN A 1 18  ? 6.127   8.420   -10.530 1.00   19.28 ?  15  GLN A N   1 
ATOM   123  C CA  . GLN A 1 18  ? 6.588   9.218   -11.683 1.00   24.06 ?  15  GLN A CA  1 
ATOM   124  C C   . GLN A 1 18  ? 6.172   10.692  -11.598 0.75   24.36 ?  15  GLN A C   1 
ATOM   125  O O   . GLN A 1 18  ? 6.932   11.576  -11.986 0.73   28.71 ?  15  GLN A O   1 
ATOM   126  C CB  . GLN A 1 18  ? 6.078   8.630   -13.014 1.00   19.62 ?  15  GLN A CB  1 
ATOM   127  C CG  . GLN A 1 18  ? 6.619   7.253   -13.366 1.00   22.41 ?  15  GLN A CG  1 
ATOM   128  C CD  . GLN A 1 18  ? 5.849   6.578   -14.497 0.14   26.24 ?  15  GLN A CD  1 
ATOM   129  O OE1 . GLN A 1 18  ? 4.985   7.189   -15.122 1.00   34.50 ?  15  GLN A OE1 1 
ATOM   130  N NE2 . GLN A 1 18  ? 6.160   5.308   -14.760 1.00   33.01 ?  15  GLN A NE2 1 
ATOM   131  N N   . LYS A 1 19  ? 4.960   10.950  -11.108 0.80   25.08 ?  16  LYS A N   1 
ATOM   132  C CA  . LYS A 1 19  ? 4.422   12.309  -11.060 1.00   28.30 ?  16  LYS A CA  1 
ATOM   133  C C   . LYS A 1 19  ? 4.475   12.930  -9.670  1.00   28.22 ?  16  LYS A C   1 
ATOM   134  O O   . LYS A 1 19  ? 4.418   14.151  -9.528  0.65   24.17 ?  16  LYS A O   1 
ATOM   135  C CB  . LYS A 1 19  ? 2.972   12.338  -11.542 1.00   30.27 ?  16  LYS A CB  1 
ATOM   136  C CG  . LYS A 1 19  ? 2.750   11.827  -12.941 1.00   34.59 ?  16  LYS A CG  1 
ATOM   137  C CD  . LYS A 1 19  ? 1.296   12.006  -13.335 0.52   29.53 ?  16  LYS A CD  1 
ATOM   138  C CE  . LYS A 1 19  ? 0.868   13.460  -13.185 1.00   41.80 ?  16  LYS A CE  1 
ATOM   139  N NZ  . LYS A 1 19  ? 1.675   14.367  -14.051 0.28   35.79 ?  16  LYS A NZ  1 
ATOM   140  N N   . GLY A 1 20  ? 4.577   12.094  -8.644  0.79   25.01 ?  17  GLY A N   1 
ATOM   141  C CA  . GLY A 1 20  ? 4.552   12.587  -7.281  1.00   29.69 ?  17  GLY A CA  1 
ATOM   142  C C   . GLY A 1 20  ? 3.194   13.176  -6.959  1.00   30.16 ?  17  GLY A C   1 
ATOM   143  O O   . GLY A 1 20  ? 3.086   14.133  -6.201  1.00   27.54 ?  17  GLY A O   1 
ATOM   144  N N   . ASP A 1 21  ? 2.154   12.603  -7.557  1.00   25.16 ?  18  ASP A N   1 
ATOM   145  C CA  . ASP A 1 21  ? 0.782   13.041  -7.321  0.73   27.57 ?  18  ASP A CA  1 
ATOM   146  C C   . ASP A 1 21  ? 0.395   12.693  -5.888  1.00   24.27 ?  18  ASP A C   1 
ATOM   147  O O   . ASP A 1 21  ? 0.523   11.539  -5.486  1.00   31.01 ?  18  ASP A O   1 
ATOM   148  C CB  . ASP A 1 21  ? -0.148  12.327  -8.306  1.00   32.90 ?  18  ASP A CB  1 
ATOM   149  C CG  . ASP A 1 21  ? -1.507  12.982  -8.407  0.56   24.57 ?  18  ASP A CG  1 
ATOM   150  O OD1 . ASP A 1 21  ? -1.914  13.672  -7.450  0.58   27.81 ?  18  ASP A OD1 1 
ATOM   151  O OD2 . ASP A 1 21  ? -2.168  12.805  -9.451  0.60   23.45 ?  18  ASP A OD2 1 
ATOM   152  N N   . THR A 1 22  ? -0.067  13.675  -5.114  1.00   24.55 ?  19  THR A N   1 
ATOM   153  C CA  . THR A 1 22  ? -0.370  13.436  -3.699  1.00   27.29 ?  19  THR A CA  1 
ATOM   154  C C   . THR A 1 22  ? -1.816  13.704  -3.334  1.00   26.74 ?  19  THR A C   1 
ATOM   155  O O   . THR A 1 22  ? -2.214  13.548  -2.175  1.00   28.81 ?  19  THR A O   1 
ATOM   156  C CB  . THR A 1 22  ? 0.471   14.319  -2.780  1.00   35.43 ?  19  THR A CB  1 
ATOM   157  O OG1 . THR A 1 22  ? 0.151   14.014  -1.416  1.00   35.99 ?  19  THR A OG1 1 
ATOM   158  C CG2 . THR A 1 22  ? 0.134   15.762  -3.032  1.00   31.82 ?  19  THR A CG2 1 
ATOM   159  N N   . ASN A 1 23  ? -2.600  14.127  -4.313  1.00   22.89 ?  20  ASN A N   1 
ATOM   160  C CA  . ASN A 1 23  ? -4.000  14.422  -4.071  1.00   23.24 ?  20  ASN A CA  1 
ATOM   161  C C   . ASN A 1 23  ? -4.903  13.245  -4.399  1.00   22.75 ?  20  ASN A C   1 
ATOM   162  O O   . ASN A 1 23  ? -6.059  13.207  -3.976  0.57   20.24 ?  20  ASN A O   1 
ATOM   163  C CB  . ASN A 1 23  ? -4.435  15.637  -4.875  0.0000 27.69 ?  20  ASN A CB  1 
ATOM   164  C CG  . ASN A 1 23  ? -3.808  16.898  -4.375  1.00   30.93 ?  20  ASN A CG  1 
ATOM   165  O OD1 . ASN A 1 23  ? -4.213  17.443  -3.347  0.84   39.58 ?  20  ASN A OD1 1 
ATOM   166  N ND2 . ASN A 1 23  ? -2.793  17.367  -5.084  0.81   34.09 ?  20  ASN A ND2 1 
ATOM   167  N N   . ILE A 1 24  ? -4.380  12.289  -5.156  1.00   16.91 ?  21  ILE A N   1 
ATOM   168  C CA  . ILE A 1 24  ? -5.171  11.118  -5.510  1.00   10.59 ?  21  ILE A CA  1 
ATOM   169  C C   . ILE A 1 24  ? -5.518  10.355  -4.234  1.00   9.94  ?  21  ILE A C   1 
ATOM   170  O O   . ILE A 1 24  ? -4.804  10.451  -3.227  1.00   13.36 ?  21  ILE A O   1 
ATOM   171  C CB  . ILE A 1 24  ? -4.456  10.205  -6.524  1.00   15.54 ?  21  ILE A CB  1 
ATOM   172  C CG1 . ILE A 1 24  ? -3.054  9.818   -6.044  1.00   18.68 ?  21  ILE A CG1 1 
ATOM   173  C CG2 . ILE A 1 24  ? -4.362  10.897  -7.892  1.00   19.69 ?  21  ILE A CG2 1 
ATOM   174  C CD1 . ILE A 1 24  ? -2.416  8.715   -6.909  1.00   17.55 ?  21  ILE A CD1 1 
ATOM   175  N N   . LYS A 1 25  ? -6.625  9.631   -4.259  1.00   10.69 ?  22  LYS A N   1 
ATOM   176  C CA  . LYS A 1 25  ? -6.968  8.759   -3.135  1.00   10.96 ?  22  LYS A CA  1 
ATOM   177  C C   . LYS A 1 25  ? -7.122  7.331   -3.635  1.00   8.71  ?  22  LYS A C   1 
ATOM   178  O O   . LYS A 1 25  ? -8.236  6.799   -3.707  1.00   9.17  ?  22  LYS A O   1 
ATOM   179  C CB  . LYS A 1 25  ? -8.237  9.267   -2.446  1.00   11.25 ?  22  LYS A CB  1 
ATOM   180  C CG  . LYS A 1 25  ? -8.002  10.607  -1.739  1.00   15.53 ?  22  LYS A CG  1 
ATOM   181  C CD  . LYS A 1 25  ? -9.286  11.186  -1.177  1.00   26.84 ?  22  LYS A CD  1 
ATOM   182  C CE  . LYS A 1 25  ? -9.066  12.610  -0.669  1.00   36.31 ?  22  LYS A CE  1 
ATOM   183  N NZ  . LYS A 1 25  ? -8.021  12.698  0.396   0.43   24.04 ?  22  LYS A NZ  1 
ATOM   184  N N   . PRO A 1 26  ? -5.996  6.708   -4.001  1.00   9.61  ?  23  PRO A N   1 
ATOM   185  C CA  . PRO A 1 26  ? -6.031  5.449   -4.747  1.00   7.77  ?  23  PRO A CA  1 
ATOM   186  C C   . PRO A 1 26  ? -6.549  4.251   -3.958  1.00   9.17  ?  23  PRO A C   1 
ATOM   187  O O   . PRO A 1 26  ? -6.334  4.134   -2.747  1.00   9.60  ?  23  PRO A O   1 
ATOM   188  C CB  . PRO A 1 26  ? -4.565  5.227   -5.129  1.00   7.12  ?  23  PRO A CB  1 
ATOM   189  C CG  . PRO A 1 26  ? -3.796  5.931   -4.068  1.00   6.82  ?  23  PRO A CG  1 
ATOM   190  C CD  . PRO A 1 26  ? -4.614  7.165   -3.764  1.00   10.09 ?  23  PRO A CD  1 
ATOM   191  N N   . ILE A 1 27  ? -7.211  3.354   -4.678  1.00   9.52  ?  24  ILE A N   1 
ATOM   192  C CA  . ILE A 1 27  ? -7.638  2.076   -4.118  1.00   7.58  ?  24  ILE A CA  1 
ATOM   193  C C   . ILE A 1 27  ? -6.634  1.014   -4.512  1.00   9.56  ?  24  ILE A C   1 
ATOM   194  O O   . ILE A 1 27  ? -6.431  0.731   -5.705  1.00   9.25  ?  24  ILE A O   1 
ATOM   195  C CB  . ILE A 1 27  ? -9.065  1.716   -4.565  1.00   7.02  ?  24  ILE A CB  1 
ATOM   196  C CG1 . ILE A 1 27  ? -10.041 2.777   -4.052  1.00   10.71 ?  24  ILE A CG1 1 
ATOM   197  C CG2 . ILE A 1 27  ? -9.477  0.335   -4.040  1.00   6.97  ?  24  ILE A CG2 1 
ATOM   198  C CD1 . ILE A 1 27  ? -11.468 2.567   -4.534  1.00   13.52 ?  24  ILE A CD1 1 
ATOM   199  N N   . LEU A 1 28  ? -6.005  0.438   -3.487  1.00   8.73  ?  25  LEU A N   1 
ATOM   200  C CA  . LEU A 1 28  ? -4.920  -0.517  -3.629  1.00   7.45  ?  25  LEU A CA  1 
ATOM   201  C C   . LEU A 1 28  ? -5.262  -1.815  -2.916  1.00   10.44 ?  25  LEU A C   1 
ATOM   202  O O   . LEU A 1 28  ? -6.111  -1.830  -2.034  1.00   9.75  ?  25  LEU A O   1 
ATOM   203  C CB  . LEU A 1 28  ? -3.647  0.059   -2.995  1.00   7.29  ?  25  LEU A CB  1 
ATOM   204  C CG  . LEU A 1 28  ? -3.235  1.421   -3.554  1.00   9.66  ?  25  LEU A CG  1 
ATOM   205  C CD1 . LEU A 1 28  ? -2.000  1.999   -2.835  1.00   12.69 ?  25  LEU A CD1 1 
ATOM   206  C CD2 . LEU A 1 28  ? -2.968  1.237   -5.017  1.00   7.95  ?  25  LEU A CD2 1 
ATOM   207  N N   . GLN A 1 29  ? -4.593  -2.897  -3.296  1.00   7.64  ?  26  GLN A N   1 
ATOM   208  C CA  . GLN A 1 29  ? -4.707  -4.144  -2.546  1.00   8.04  ?  26  GLN A CA  1 
ATOM   209  C C   . GLN A 1 29  ? -3.425  -4.389  -1.770  1.00   8.45  ?  26  GLN A C   1 
ATOM   210  O O   . GLN A 1 29  ? -2.332  -4.188  -2.286  1.00   7.60  ?  26  GLN A O   1 
ATOM   211  C CB  . GLN A 1 29  ? -4.993  -5.338  -3.467  1.00   6.31  ?  26  GLN A CB  1 
ATOM   212  C CG  . GLN A 1 29  ? -5.101  -6.662  -2.693  1.00   8.95  ?  26  GLN A CG  1 
ATOM   213  C CD  . GLN A 1 29  ? -5.467  -7.837  -3.577  1.00   10.91 ?  26  GLN A CD  1 
ATOM   214  O OE1 . GLN A 1 29  ? -4.929  -7.998  -4.671  1.00   10.67 ?  26  GLN A OE1 1 
ATOM   215  N NE2 . GLN A 1 29  ? -6.371  -8.676  -3.094  1.00   6.42  ?  26  GLN A NE2 1 
ATOM   216  N N   . VAL A 1 30  ? -3.565  -4.822  -0.524  1.00   7.52  ?  27  VAL A N   1 
ATOM   217  C CA  . VAL A 1 30  ? -2.416  -5.231  0.261   1.00   7.46  ?  27  VAL A CA  1 
ATOM   218  C C   . VAL A 1 30  ? -2.013  -6.621  -0.215  1.00   6.04  ?  27  VAL A C   1 
ATOM   219  O O   . VAL A 1 30  ? -2.842  -7.534  -0.238  1.00   9.81  ?  27  VAL A O   1 
ATOM   220  C CB  . VAL A 1 30  ? -2.764  -5.308  1.756   1.00   9.08  ?  27  VAL A CB  1 
ATOM   221  C CG1 . VAL A 1 30  ? -1.594  -5.869  2.540   1.00   10.82 ?  27  VAL A CG1 1 
ATOM   222  C CG2 . VAL A 1 30  ? -3.176  -3.931  2.284   1.00   9.39  ?  27  VAL A CG2 1 
ATOM   223  N N   . ILE A 1 31  ? -0.757  -6.777  -0.619  1.00   7.59  ?  28  ILE A N   1 
ATOM   224  C CA  . ILE A 1 31  ? -0.251  -8.084  -1.009  1.00   6.59  ?  28  ILE A CA  1 
ATOM   225  C C   . ILE A 1 31  ? 0.466   -8.696  0.183   1.00   13.30 ?  28  ILE A C   1 
ATOM   226  O O   . ILE A 1 31  ? 0.309   -9.883  0.478   1.00   12.06 ?  28  ILE A O   1 
ATOM   227  C CB  . ILE A 1 31  ? 0.722   -7.997  -2.213  1.00   10.68 ?  28  ILE A CB  1 
ATOM   228  C CG1 . ILE A 1 31  ? 0.019   -7.404  -3.440  1.00   8.68  ?  28  ILE A CG1 1 
ATOM   229  C CG2 . ILE A 1 31  ? 1.330   -9.362  -2.505  1.00   13.07 ?  28  ILE A CG2 1 
ATOM   230  C CD1 . ILE A 1 31  ? -1.197  -8.177  -3.888  1.00   13.02 ?  28  ILE A CD1 1 
ATOM   231  N N   . ASN A 1 32  ? 1.254   -7.884  0.882   1.00   10.21 ?  29  ASN A N   1 
ATOM   232  C CA  . ASN A 1 32  ? 1.959   -8.396  2.045   1.00   10.74 ?  29  ASN A CA  1 
ATOM   233  C C   . ASN A 1 32  ? 2.215   -7.296  3.055   1.00   11.60 ?  29  ASN A C   1 
ATOM   234  O O   . ASN A 1 32  ? 2.233   -6.116  2.694   1.00   11.30 ?  29  ASN A O   1 
ATOM   235  C CB  . ASN A 1 32  ? 3.286   -9.052  1.610   1.00   15.08 ?  29  ASN A CB  1 
ATOM   236  C CG  . ASN A 1 32  ? 3.911   -9.886  2.708   1.00   23.66 ?  29  ASN A CG  1 
ATOM   237  O OD1 . ASN A 1 32  ? 3.304   -10.837 3.194   0.81   24.15 ?  29  ASN A OD1 1 
ATOM   238  N ND2 . ASN A 1 32  ? 5.128   -9.529  3.109   1.00   25.11 ?  29  ASN A ND2 1 
ATOM   239  N N   . ILE A 1 33  ? 2.379   -7.681  4.320   1.00   9.26  ?  30  ILE A N   1 
ATOM   240  C CA  . ILE A 1 33  ? 2.763   -6.738  5.375   1.00   8.25  ?  30  ILE A CA  1 
ATOM   241  C C   . ILE A 1 33  ? 3.821   -7.407  6.231   1.00   14.89 ?  30  ILE A C   1 
ATOM   242  O O   . ILE A 1 33  ? 3.699   -8.577  6.578   1.00   15.03 ?  30  ILE A O   1 
ATOM   243  C CB  . ILE A 1 33  ? 1.579   -6.368  6.306   1.00   9.05  ?  30  ILE A CB  1 
ATOM   244  C CG1 . ILE A 1 33  ? 0.346   -5.954  5.502   0.86   13.97 ?  30  ILE A CG1 1 
ATOM   245  C CG2 . ILE A 1 33  ? 1.989   -5.248  7.272   1.00   12.40 ?  30  ILE A CG2 1 
ATOM   246  C CD1 . ILE A 1 33  ? -0.850  -5.548  6.367   1.00   13.70 ?  30  ILE A CD1 1 
ATOM   247  N N   . ARG A 1 34  ? 4.871   -6.677  6.563   1.00   11.64 ?  31  ARG A N   1 
ATOM   248  C CA  . ARG A 1 34  ? 5.921   -7.255  7.386   1.00   13.53 ?  31  ARG A CA  1 
ATOM   249  C C   . ARG A 1 34  ? 6.405   -6.175  8.337   1.00   15.36 ?  31  ARG A C   1 
ATOM   250  O O   . ARG A 1 34  ? 6.458   -4.995  7.974   1.00   15.83 ?  31  ARG A O   1 
ATOM   251  C CB  . ARG A 1 34  ? 7.064   -7.769  6.500   1.00   18.39 ?  31  ARG A CB  1 
ATOM   252  C CG  . ARG A 1 34  ? 8.176   -6.750  6.271   1.00   30.22 ?  31  ARG A CG  1 
ATOM   253  C CD  . ARG A 1 34  ? 8.513   -6.532  4.799   0.21   29.95 ?  31  ARG A CD  1 
ATOM   254  N NE  . ARG A 1 34  ? 9.673   -7.311  4.374   1.00   30.90 ?  31  ARG A NE  1 
ATOM   255  C CZ  . ARG A 1 34  ? 10.938  -6.921  4.519   0.0000 38.65 ?  31  ARG A CZ  1 
ATOM   256  N NH1 . ARG A 1 34  ? 11.922  -7.705  4.103   1.00   57.55 ?  31  ARG A NH1 1 
ATOM   257  N NH2 . ARG A 1 34  ? 11.228  -5.754  5.082   1.00   46.53 ?  31  ARG A NH2 1 
ATOM   258  N N   . PRO A 1 35  ? 6.722   -6.565  9.577   1.00   17.05 ?  32  PRO A N   1 
ATOM   259  C CA  . PRO A 1 35  ? 7.352   -5.613  10.487  1.00   15.56 ?  32  PRO A CA  1 
ATOM   260  C C   . PRO A 1 35  ? 8.757   -5.350  9.985   1.00   22.57 ?  32  PRO A C   1 
ATOM   261  O O   . PRO A 1 35  ? 9.350   -6.219  9.338   1.00   19.10 ?  32  PRO A O   1 
ATOM   262  C CB  . PRO A 1 35  ? 7.440   -6.384  11.813  1.00   19.08 ?  32  PRO A CB  1 
ATOM   263  C CG  . PRO A 1 35  ? 6.669   -7.633  11.627  1.00   15.61 ?  32  PRO A CG  1 
ATOM   264  C CD  . PRO A 1 35  ? 6.586   -7.904  10.171  1.00   17.40 ?  32  PRO A CD  1 
ATOM   265  N N   . ILE A 1 36  ? 9.283   -4.164  10.253  1.00   16.12 ?  33  ILE A N   1 
ATOM   266  C CA  . ILE A 1 36  ? 10.694  -3.921  9.990   1.00   23.83 ?  33  ILE A CA  1 
ATOM   267  C C   . ILE A 1 36  ? 11.393  -3.778  11.332  1.00   29.84 ?  33  ILE A C   1 
ATOM   268  O O   . ILE A 1 36  ? 10.765  -3.429  12.335  1.00   28.91 ?  33  ILE A O   1 
ATOM   269  C CB  . ILE A 1 36  ? 10.926  -2.660  9.151   1.00   27.11 ?  33  ILE A CB  1 
ATOM   270  C CG1 . ILE A 1 36  ? 10.441  -1.430  9.908   1.00   25.06 ?  33  ILE A CG1 1 
ATOM   271  C CG2 . ILE A 1 36  ? 10.234  -2.773  7.807   1.00   29.14 ?  33  ILE A CG2 1 
ATOM   272  C CD1 . ILE A 1 36  ? 10.509  -0.171  9.097   1.00   45.59 ?  33  ILE A CD1 1 
ATOM   273  N N   . THR A 1 37  ? 12.691  -4.055  11.357  1.00   24.91 ?  34  THR A N   1 
ATOM   274  C CA  . THR A 1 37  ? 13.428  -4.015  12.613  1.00   33.55 ?  34  THR A CA  1 
ATOM   275  C C   . THR A 1 37  ? 13.629  -2.578  13.095  1.00   41.31 ?  34  THR A C   1 
ATOM   276  O O   . THR A 1 37  ? 14.243  -1.753  12.412  1.00   40.70 ?  34  THR A O   1 
ATOM   277  C CB  . THR A 1 37  ? 14.763  -4.747  12.483  1.00   33.46 ?  34  THR A CB  1 
ATOM   278  O OG1 . THR A 1 37  ? 15.580  -4.088  11.506  1.00   37.09 ?  34  THR A OG1 1 
ATOM   279  C CG2 . THR A 1 37  ? 14.510  -6.164  12.027  1.00   18.50 ?  34  THR A CG2 1 
ATOM   280  N N   . THR A 1 38  ? 13.093  -2.283  14.273  1.00   32.07 ?  35  THR A N   1 
ATOM   281  C CA  . THR A 1 38  ? 13.154  -0.935  14.819  1.00   46.12 ?  35  THR A CA  1 
ATOM   282  C C   . THR A 1 38  ? 13.861  -0.911  16.164  1.00   50.09 ?  35  THR A C   1 
ATOM   283  O O   . THR A 1 38  ? 14.726  -0.070  16.396  1.00   58.57 ?  35  THR A O   1 
ATOM   284  C CB  . THR A 1 38  ? 11.752  -0.326  14.963  0.58   43.72 ?  35  THR A CB  1 
ATOM   285  O OG1 . THR A 1 38  ? 10.881  -1.273  15.598  1.00   52.83 ?  35  THR A OG1 1 
ATOM   286  C CG2 . THR A 1 38  ? 11.198  0.026   13.595  1.00   43.88 ?  35  THR A CG2 1 
ATOM   287  N N   . GLY A 1 39  ? 13.486  -1.832  17.048  1.00   50.32 ?  36  GLY A N   1 
ATOM   288  C CA  . GLY A 1 39  ? 14.131  -1.960  18.344  1.00   46.95 ?  36  GLY A CA  1 
ATOM   289  C C   . GLY A 1 39  ? 13.913  -0.792  19.291  0.0000 46.00 ?  36  GLY A C   1 
ATOM   290  O O   . GLY A 1 39  ? 14.479  0.281   19.100  1.00   44.45 ?  36  GLY A O   1 
ATOM   291  N N   . ASN A 1 40  ? 13.083  -1.018  20.308  1.00   50.89 ?  37  ASN A N   1 
ATOM   292  C CA  . ASN A 1 40  ? 12.798  -0.050  21.374  1.00   45.38 ?  37  ASN A CA  1 
ATOM   293  C C   . ASN A 1 40  ? 11.868  1.087   20.956  0.0000 47.23 ?  37  ASN A C   1 
ATOM   294  O O   . ASN A 1 40  ? 11.217  1.709   21.796  0.60   50.96 ?  37  ASN A O   1 
ATOM   295  C CB  . ASN A 1 40  ? 14.082  0.471   22.028  1.00   48.68 ?  37  ASN A CB  1 
ATOM   296  C CG  . ASN A 1 40  ? 15.007  -0.653  22.462  0.0000 36.88 ?  37  ASN A CG  1 
ATOM   297  O OD1 . ASN A 1 40  ? 14.581  -1.801  22.617  0.72   33.72 ?  37  ASN A OD1 1 
ATOM   298  N ND2 . ASN A 1 40  ? 16.278  -0.333  22.653  0.44   34.35 ?  37  ASN A ND2 1 
ATOM   299  N N   . SER A 1 41  ? 11.810  1.350   19.656  1.00   53.68 ?  38  SER A N   1 
ATOM   300  C CA  . SER A 1 41  ? 10.780  2.209   19.092  0.68   48.76 ?  38  SER A CA  1 
ATOM   301  C C   . SER A 1 41  ? 9.594   1.299   18.818  1.00   40.36 ?  38  SER A C   1 
ATOM   302  O O   . SER A 1 41  ? 9.767   0.081   18.715  1.00   46.65 ?  38  SER A O   1 
ATOM   303  C CB  . SER A 1 41  ? 11.265  2.828   17.780  1.00   51.34 ?  38  SER A CB  1 
ATOM   304  O OG  . SER A 1 41  ? 12.481  3.533   17.969  1.00   62.42 ?  38  SER A OG  1 
ATOM   305  N N   . PRO A 1 42  ? 8.382   1.872   18.721  0.54   34.90 ?  39  PRO A N   1 
ATOM   306  C CA  . PRO A 1 42  ? 7.219   1.060   18.345  1.00   38.68 ?  39  PRO A CA  1 
ATOM   307  C C   . PRO A 1 42  ? 7.445   0.387   16.996  1.00   29.72 ?  39  PRO A C   1 
ATOM   308  O O   . PRO A 1 42  ? 8.191   0.931   16.174  1.00   28.54 ?  39  PRO A O   1 
ATOM   309  C CB  . PRO A 1 42  ? 6.080   2.092   18.241  1.00   38.72 ?  39  PRO A CB  1 
ATOM   310  C CG  . PRO A 1 42  ? 6.750   3.439   18.221  1.00   36.95 ?  39  PRO A CG  1 
ATOM   311  C CD  . PRO A 1 42  ? 8.006   3.265   19.014  0.34   38.52 ?  39  PRO A CD  1 
ATOM   312  N N   . PRO A 1 43  ? 6.809   -0.774  16.765  1.00   28.32 ?  40  PRO A N   1 
ATOM   313  C CA  . PRO A 1 43  ? 7.030   -1.463  15.495  0.85   26.45 ?  40  PRO A CA  1 
ATOM   314  C C   . PRO A 1 43  ? 6.618   -0.588  14.331  1.00   19.63 ?  40  PRO A C   1 
ATOM   315  O O   . PRO A 1 43  ? 5.746   0.271   14.476  1.00   23.49 ?  40  PRO A O   1 
ATOM   316  C CB  . PRO A 1 43  ? 6.109   -2.685  15.587  0.69   26.29 ?  40  PRO A CB  1 
ATOM   317  C CG  . PRO A 1 43  ? 5.104   -2.331  16.614  1.00   27.87 ?  40  PRO A CG  1 
ATOM   318  C CD  . PRO A 1 43  ? 5.820   -1.474  17.602  1.00   21.38 ?  40  PRO A CD  1 
ATOM   319  N N   . ARG A 1 44  ? 7.285   -0.776  13.200  1.00   16.95 ?  41  ARG A N   1 
ATOM   320  C CA  . ARG A 1 44  ? 6.876   -0.152  11.964  1.00   17.47 ?  41  ARG A CA  1 
ATOM   321  C C   . ARG A 1 44  ? 6.551   -1.243  10.959  0.80   17.80 ?  41  ARG A C   1 
ATOM   322  O O   . ARG A 1 44  ? 7.225   -2.277  10.909  1.00   17.66 ?  41  ARG A O   1 
ATOM   323  C CB  . ARG A 1 44  ? 7.980   0.757   11.434  1.00   32.82 ?  41  ARG A CB  1 
ATOM   324  C CG  . ARG A 1 44  ? 8.399   1.850   12.413  1.00   38.38 ?  41  ARG A CG  1 
ATOM   325  C CD  . ARG A 1 44  ? 8.751   3.108   11.650  1.00   37.45 ?  41  ARG A CD  1 
ATOM   326  N NE  . ARG A 1 44  ? 7.588   3.578   10.908  1.00   36.82 ?  41  ARG A NE  1 
ATOM   327  C CZ  . ARG A 1 44  ? 7.000   4.747   11.117  1.00   33.01 ?  41  ARG A CZ  1 
ATOM   328  N NH1 . ARG A 1 44  ? 7.497   5.574   12.030  1.00   26.88 ?  41  ARG A NH1 1 
ATOM   329  N NH2 . ARG A 1 44  ? 5.933   5.095   10.404  1.00   24.53 ?  41  ARG A NH2 1 
ATOM   330  N N   . TYR A 1 45  ? 5.502   -1.023  10.174  1.00   14.68 ?  42  TYR A N   1 
ATOM   331  C CA  . TYR A 1 45  ? 5.086   -2.015  9.193   1.00   11.01 ?  42  TYR A CA  1 
ATOM   332  C C   . TYR A 1 45  ? 5.359   -1.539  7.775   1.00   12.66 ?  42  TYR A C   1 
ATOM   333  O O   . TYR A 1 45  ? 4.995   -0.419  7.402   1.00   13.22 ?  42  TYR A O   1 
ATOM   334  C CB  . TYR A 1 45  ? 3.607   -2.370  9.354   1.00   12.70 ?  42  TYR A CB  1 
ATOM   335  C CG  . TYR A 1 45  ? 3.318   -2.984  10.694  1.00   13.33 ?  42  TYR A CG  1 
ATOM   336  C CD1 . TYR A 1 45  ? 3.624   -4.315  10.950  1.00   16.85 ?  42  TYR A CD1 1 
ATOM   337  C CD2 . TYR A 1 45  ? 2.778   -2.226  11.719  1.00   12.67 ?  42  TYR A CD2 1 
ATOM   338  C CE1 . TYR A 1 45  ? 3.378   -4.878  12.188  1.00   13.88 ?  42  TYR A CE1 1 
ATOM   339  C CE2 . TYR A 1 45  ? 2.532   -2.779  12.964  1.00   13.71 ?  42  TYR A CE2 1 
ATOM   340  C CZ  . TYR A 1 45  ? 2.832   -4.102  13.186  1.00   15.95 ?  42  TYR A CZ  1 
ATOM   341  O OH  . TYR A 1 45  ? 2.577   -4.649  14.416  1.00   14.93 ?  42  TYR A OH  1 
ATOM   342  N N   . ARG A 1 46  ? 6.011   -2.403  7.003   1.00   10.54 ?  43  ARG A N   1 
ATOM   343  C CA  . ARG A 1 46  ? 6.244   -2.183  5.575   1.00   14.50 ?  43  ARG A CA  1 
ATOM   344  C C   . ARG A 1 46  ? 5.184   -2.946  4.771   1.00   12.32 ?  43  ARG A C   1 
ATOM   345  O O   . ARG A 1 46  ? 4.855   -4.083  5.106   1.00   13.90 ?  43  ARG A O   1 
ATOM   346  C CB  . ARG A 1 46  ? 7.635   -2.694  5.219   1.00   19.60 ?  43  ARG A CB  1 
ATOM   347  C CG  . ARG A 1 46  ? 8.022   -2.539  3.771   1.00   22.75 ?  43  ARG A CG  1 
ATOM   348  C CD  . ARG A 1 46  ? 9.478   -2.935  3.566   1.00   23.42 ?  43  ARG A CD  1 
ATOM   349  N NE  . ARG A 1 46  ? 9.883   -2.758  2.179   1.00   24.25 ?  43  ARG A NE  1 
ATOM   350  C CZ  . ARG A 1 46  ? 11.137  -2.809  1.755   1.00   37.08 ?  43  ARG A CZ  1 
ATOM   351  N NH1 . ARG A 1 46  ? 12.118  -3.029  2.619   1.00   40.20 ?  43  ARG A NH1 1 
ATOM   352  N NH2 . ARG A 1 46  ? 11.410  -2.634  0.469   1.00   34.40 ?  43  ARG A NH2 1 
ATOM   353  N N   . LEU A 1 47  ? 4.618   -2.319  3.738   1.00   10.64 ?  44  LEU A N   1 
ATOM   354  C CA  . LEU A 1 47  ? 3.584   -2.980  2.947   1.00   6.83  ?  44  LEU A CA  1 
ATOM   355  C C   . LEU A 1 47  ? 3.986   -3.157  1.492   1.00   11.72 ?  44  LEU A C   1 
ATOM   356  O O   . LEU A 1 47  ? 4.519   -2.250  0.861   1.00   8.95  ?  44  LEU A O   1 
ATOM   357  C CB  . LEU A 1 47  ? 2.226   -2.247  3.013   1.00   8.78  ?  44  LEU A CB  1 
ATOM   358  C CG  . LEU A 1 47  ? 1.458   -2.301  4.345   1.00   9.19  ?  44  LEU A CG  1 
ATOM   359  C CD1 . LEU A 1 47  ? 2.002   -1.259  5.287   1.00   15.16 ?  44  LEU A CD1 1 
ATOM   360  C CD2 . LEU A 1 47  ? -0.046  -2.139  4.162   1.00   10.81 ?  44  LEU A CD2 1 
ATOM   361  N N   . LEU A 1 48  ? 3.712   -4.340  0.965   1.00   8.01  ?  45  LEU A N   1 
ATOM   362  C CA  . LEU A 1 48  ? 3.789   -4.552  -0.467  1.00   11.52 ?  45  LEU A CA  1 
ATOM   363  C C   . LEU A 1 48  ? 2.365   -4.363  -0.976  1.00   13.89 ?  45  LEU A C   1 
ATOM   364  O O   . LEU A 1 48  ? 1.473   -5.108  -0.584  1.00   11.63 ?  45  LEU A O   1 
ATOM   365  C CB  . LEU A 1 48  ? 4.263   -5.972  -0.751  1.00   10.78 ?  45  LEU A CB  1 
ATOM   366  C CG  . LEU A 1 48  ? 4.281   -6.362  -2.230  1.00   11.93 ?  45  LEU A CG  1 
ATOM   367  C CD1 . LEU A 1 48  ? 5.284   -5.525  -3.019  1.00   13.89 ?  45  LEU A CD1 1 
ATOM   368  C CD2 . LEU A 1 48  ? 4.594   -7.851  -2.351  1.00   15.79 ?  45  LEU A CD2 1 
ATOM   369  N N   . MET A 1 49  ? 2.139   -3.356  -1.818  1.00   9.50  ?  46  MET A N   1 
ATOM   370  C CA  A MET A 1 49  ? 0.783   -3.092  -2.287  0.57   8.21  ?  46  MET A CA  1 
ATOM   371  C CA  B MET A 1 49  ? 0.793   -3.000  -2.284  0.43   8.34  ?  46  MET A CA  1 
ATOM   372  C C   . MET A 1 49  ? 0.666   -3.101  -3.793  1.00   10.00 ?  46  MET A C   1 
ATOM   373  O O   . MET A 1 49  ? 1.657   -2.956  -4.507  1.00   10.51 ?  46  MET A O   1 
ATOM   374  C CB  A MET A 1 49  ? 0.277   -1.771  -1.727  0.57   9.68  ?  46  MET A CB  1 
ATOM   375  C CB  B MET A 1 49  ? 0.463   -1.561  -1.890  0.43   9.40  ?  46  MET A CB  1 
ATOM   376  C CG  A MET A 1 49  ? 0.352   -1.720  -0.221  0.57   12.14 ?  46  MET A CG  1 
ATOM   377  C CG  B MET A 1 49  ? 0.712   -1.243  -0.439  0.43   13.63 ?  46  MET A CG  1 
ATOM   378  S SD  A MET A 1 49  ? -0.268  -0.161  0.392   0.57   11.06 ?  46  MET A SD  1 
ATOM   379  S SD  B MET A 1 49  ? -0.591  -1.849  0.611   0.43   11.22 ?  46  MET A SD  1 
ATOM   380  C CE  A MET A 1 49  ? -2.016  -0.486  0.365   0.57   10.46 ?  46  MET A CE  1 
ATOM   381  C CE  B MET A 1 49  ? -1.981  -0.909  0.006   0.43   9.64  ?  46  MET A CE  1 
ATOM   382  N N   . SER A 1 50  ? -0.566  -3.294  -4.267  1.00   4.92  ?  47  SER A N   1 
ATOM   383  C CA  . SER A 1 50  ? -0.827  -3.458  -5.687  1.00   7.91  ?  47  SER A CA  1 
ATOM   384  C C   . SER A 1 50  ? -1.899  -2.496  -6.154  1.00   9.88  ?  47  SER A C   1 
ATOM   385  O O   . SER A 1 50  ? -2.903  -2.287  -5.465  1.00   10.20 ?  47  SER A O   1 
ATOM   386  C CB  . SER A 1 50  ? -1.299  -4.898  -5.960  1.00   8.50  ?  47  SER A CB  1 
ATOM   387  O OG  . SER A 1 50  ? -1.969  -5.028  -7.221  1.00   10.93 ?  47  SER A OG  1 
ATOM   388  N N   . ASP A 1 51  ? -1.711  -1.910  -7.329  1.00   9.89  ?  48  ASP A N   1 
ATOM   389  C CA  . ASP A 1 51  ? -2.792  -1.124  -7.915  1.00   10.04 ?  48  ASP A CA  1 
ATOM   390  C C   . ASP A 1 51  ? -3.491  -1.884  -9.049  0.82   11.36 ?  48  ASP A C   1 
ATOM   391  O O   . ASP A 1 51  ? -4.251  -1.305  -9.818  1.00   12.81 ?  48  ASP A O   1 
ATOM   392  C CB  . ASP A 1 51  ? -2.316  0.262   -8.374  1.00   9.65  ?  48  ASP A CB  1 
ATOM   393  C CG  . ASP A 1 51  ? -1.347  0.213   -9.547  1.00   15.58 ?  48  ASP A CG  1 
ATOM   394  O OD1 . ASP A 1 51  ? -1.033  -0.895  -10.046 1.00   12.79 ?  48  ASP A OD1 1 
ATOM   395  O OD2 . ASP A 1 51  ? -0.908  1.313   -9.984  1.00   14.81 ?  48  ASP A OD2 1 
ATOM   396  N N   . GLY A 1 52  ? -3.231  -3.184  -9.143  1.00   13.31 ?  49  GLY A N   1 
ATOM   397  C CA  . GLY A 1 52  ? -3.733  -3.966  -10.260 1.00   15.22 ?  49  GLY A CA  1 
ATOM   398  C C   . GLY A 1 52  ? -2.771  -4.091  -11.438 1.00   16.41 ?  49  GLY A C   1 
ATOM   399  O O   . GLY A 1 52  ? -2.811  -5.077  -12.169 1.00   21.73 ?  49  GLY A O   1 
ATOM   400  N N   . LEU A 1 53  ? -1.902  -3.104  -11.627 1.00   10.79 ?  50  LEU A N   1 
ATOM   401  C CA  . LEU A 1 53  ? -0.932  -3.124  -12.736 1.00   12.85 ?  50  LEU A CA  1 
ATOM   402  C C   . LEU A 1 53  ? 0.459   -3.393  -12.208 1.00   16.30 ?  50  LEU A C   1 
ATOM   403  O O   . LEU A 1 53  ? 1.204   -4.222  -12.739 1.00   14.55 ?  50  LEU A O   1 
ATOM   404  C CB  . LEU A 1 53  ? -0.879  -1.763  -13.435 1.00   21.74 ?  50  LEU A CB  1 
ATOM   405  C CG  . LEU A 1 53  ? -1.832  -1.386  -14.559 1.00   30.19 ?  50  LEU A CG  1 
ATOM   406  C CD1 . LEU A 1 53  ? -1.411  -0.021  -15.099 1.00   17.17 ?  50  LEU A CD1 1 
ATOM   407  C CD2 . LEU A 1 53  ? -1.825  -2.444  -15.649 1.00   27.48 ?  50  LEU A CD2 1 
ATOM   408  N N   . ASN A 1 54  ? 0.812   -2.644  -11.166 1.00   11.98 ?  51  ASN A N   1 
ATOM   409  C CA  . ASN A 1 54  ? 2.098   -2.773  -10.513 1.00   8.31  ?  51  ASN A CA  1 
ATOM   410  C C   . ASN A 1 54  ? 1.945   -3.144  -9.045  1.00   12.00 ?  51  ASN A C   1 
ATOM   411  O O   . ASN A 1 54  ? 0.906   -2.884  -8.437  1.00   10.82 ?  51  ASN A O   1 
ATOM   412  C CB  . ASN A 1 54  ? 2.877   -1.453  -10.570 1.00   12.06 ?  51  ASN A CB  1 
ATOM   413  C CG  . ASN A 1 54  ? 3.308   -1.074  -11.981 1.00   16.22 ?  51  ASN A CG  1 
ATOM   414  O OD1 . ASN A 1 54  ? 2.765   -0.140  -12.582 1.00   17.60 ?  51  ASN A OD1 1 
ATOM   415  N ND2 . ASN A 1 54  ? 4.313   -1.769  -12.499 1.00   16.64 ?  51  ASN A ND2 1 
ATOM   416  N N   . THR A 1 55  ? 2.992   -3.751  -8.494  1.00   8.44  ?  52  THR A N   1 
ATOM   417  C CA  . THR A 1 55  ? 3.212   -3.759  -7.053  1.00   9.93  ?  52  THR A CA  1 
ATOM   418  C C   . THR A 1 55  ? 4.327   -2.776  -6.703  1.00   14.25 ?  52  THR A C   1 
ATOM   419  O O   . THR A 1 55  ? 5.135   -2.395  -7.561  1.00   13.61 ?  52  THR A O   1 
ATOM   420  C CB  . THR A 1 55  ? 3.546   -5.170  -6.502  1.00   11.42 ?  52  THR A CB  1 
ATOM   421  O OG1 . THR A 1 55  ? 4.772   -5.651  -7.070  1.00   12.14 ?  52  THR A OG1 1 
ATOM   422  C CG2 . THR A 1 55  ? 2.414   -6.152  -6.823  1.00   12.08 ?  52  THR A CG2 1 
ATOM   423  N N   . LEU A 1 56  ? 4.363   -2.365  -5.440  1.00   9.66  ?  53  LEU A N   1 
ATOM   424  C CA  . LEU A 1 56  ? 5.400   -1.483  -4.937  1.00   11.68 ?  53  LEU A CA  1 
ATOM   425  C C   . LEU A 1 56  ? 5.626   -1.882  -3.491  1.00   14.75 ?  53  LEU A C   1 
ATOM   426  O O   . LEU A 1 56  ? 4.667   -2.011  -2.725  1.00   10.55 ?  53  LEU A O   1 
ATOM   427  C CB  . LEU A 1 56  ? 4.943   -0.021  -5.026  1.00   12.86 ?  53  LEU A CB  1 
ATOM   428  C CG  . LEU A 1 56  ? 5.956   1.062   -4.641  1.00   16.68 ?  53  LEU A CG  1 
ATOM   429  C CD1 . LEU A 1 56  ? 7.149   1.053   -5.581  1.00   24.87 ?  53  LEU A CD1 1 
ATOM   430  C CD2 . LEU A 1 56  ? 5.289   2.423   -4.625  1.00   15.03 ?  53  LEU A CD2 1 
ATOM   431  N N   . SER A 1 57  ? 6.880   -2.095  -3.108  1.00   9.69  ?  54  SER A N   1 
ATOM   432  C CA  . SER A 1 57  ? 7.150   -2.602  -1.769  1.00   14.64 ?  54  SER A CA  1 
ATOM   433  C C   . SER A 1 57  ? 7.565   -1.498  -0.795  1.00   16.65 ?  54  SER A C   1 
ATOM   434  O O   . SER A 1 57  ? 7.859   -1.769  0.368   1.00   21.24 ?  54  SER A O   1 
ATOM   435  C CB  . SER A 1 57  ? 8.250   -3.658  -1.822  1.00   18.46 ?  54  SER A CB  1 
ATOM   436  O OG  . SER A 1 57  ? 9.464   -3.064  -2.246  1.00   22.96 ?  54  SER A OG  1 
ATOM   437  N N   . SER A 1 58  ? 7.567   -0.253  -1.247  1.00   12.39 ?  55  SER A N   1 
ATOM   438  C CA  A SER A 1 58  ? 8.108   0.850   -0.455  0.0000 17.30 ?  55  SER A CA  1 
ATOM   439  C CA  B SER A 1 58  ? 8.110   0.820   -0.413  1.00   17.21 ?  55  SER A CA  1 
ATOM   440  C C   . SER A 1 58  ? 7.069   1.628   0.358   1.00   15.77 ?  55  SER A C   1 
ATOM   441  O O   . SER A 1 58  ? 7.280   2.796   0.678   1.00   15.71 ?  55  SER A O   1 
ATOM   442  C CB  A SER A 1 58  ? 8.887   1.814   -1.355  0.0000 21.33 ?  55  SER A CB  1 
ATOM   443  C CB  B SER A 1 58  ? 9.016   1.737   -1.234  1.00   21.90 ?  55  SER A CB  1 
ATOM   444  O OG  A SER A 1 58  ? 8.050   2.365   -2.357  0.0000 21.17 ?  55  SER A OG  1 
ATOM   445  O OG  B SER A 1 58  ? 8.352   2.200   -2.386  1.00   22.65 ?  55  SER A OG  1 
ATOM   446  N N   . PHE A 1 59  ? 5.957   0.991   0.690   1.00   16.24 ?  56  PHE A N   1 
ATOM   447  C CA  . PHE A 1 59  ? 4.950   1.631   1.529   1.00   14.08 ?  56  PHE A CA  1 
ATOM   448  C C   . PHE A 1 59  ? 5.267   1.369   2.998   1.00   15.50 ?  56  PHE A C   1 
ATOM   449  O O   . PHE A 1 59  ? 5.688   0.257   3.356   1.00   12.55 ?  56  PHE A O   1 
ATOM   450  C CB  . PHE A 1 59  ? 3.568   1.065   1.224   1.00   13.93 ?  56  PHE A CB  1 
ATOM   451  C CG  . PHE A 1 59  ? 3.026   1.453   -0.121  1.00   12.08 ?  56  PHE A CG  1 
ATOM   452  C CD1 . PHE A 1 59  ? 2.299   2.615   -0.273  1.00   13.95 ?  56  PHE A CD1 1 
ATOM   453  C CD2 . PHE A 1 59  ? 3.216   0.641   -1.224  1.00   10.28 ?  56  PHE A CD2 1 
ATOM   454  C CE1 . PHE A 1 59  ? 1.768   2.970   -1.509  1.00   12.70 ?  56  PHE A CE1 1 
ATOM   455  C CE2 . PHE A 1 59  ? 2.686   0.982   -2.465  1.00   14.77 ?  56  PHE A CE2 1 
ATOM   456  C CZ  . PHE A 1 59  ? 1.963   2.146   -2.611  1.00   13.87 ?  56  PHE A CZ  1 
ATOM   457  N N   . MET A 1 60  ? 5.061   2.384   3.838   1.00   12.11 ?  57  MET A N   1 
ATOM   458  C CA  . MET A 1 60  ? 5.246   2.271   5.284   1.00   14.00 ?  57  MET A CA  1 
ATOM   459  C C   . MET A 1 60  ? 4.017   2.839   5.972   1.00   11.91 ?  57  MET A C   1 
ATOM   460  O O   . MET A 1 60  ? 3.530   3.895   5.589   1.00   14.35 ?  57  MET A O   1 
ATOM   461  C CB  . MET A 1 60  ? 6.454   3.095   5.741   1.00   14.07 ?  57  MET A CB  1 
ATOM   462  C CG  . MET A 1 60  ? 7.775   2.662   5.166   0.44   22.19 ?  57  MET A CG  1 
ATOM   463  S SD  . MET A 1 60  ? 8.735   1.862   6.448   0.91   44.44 ?  57  MET A SD  1 
ATOM   464  C CE  . MET A 1 60  ? 8.610   3.093   7.742   1.00   26.48 ?  57  MET A CE  1 
ATOM   465  N N   . LEU A 1 61  ? 3.537   2.162   7.009   1.00   7.22  ?  58  LEU A N   1 
ATOM   466  C CA  . LEU A 1 61  ? 2.362   2.617   7.734   1.00   11.01 ?  58  LEU A CA  1 
ATOM   467  C C   . LEU A 1 61  ? 2.750   3.624   8.806   1.00   13.46 ?  58  LEU A C   1 
ATOM   468  O O   . LEU A 1 61  ? 3.704   3.407   9.540   1.00   13.11 ?  58  LEU A O   1 
ATOM   469  C CB  . LEU A 1 61  ? 1.684   1.419   8.385   1.00   13.64 ?  58  LEU A CB  1 
ATOM   470  C CG  . LEU A 1 61  ? 0.229   1.510   8.812   1.00   16.32 ?  58  LEU A CG  1 
ATOM   471  C CD1 . LEU A 1 61  ? -0.700  1.712   7.609   1.00   13.85 ?  58  LEU A CD1 1 
ATOM   472  C CD2 . LEU A 1 61  ? -0.143  0.235   9.606   1.00   13.99 ?  58  LEU A CD2 1 
ATOM   473  N N   . ALA A 1 62  ? 2.015   4.725   8.900   1.00   15.17 ?  59  ALA A N   1 
ATOM   474  C CA  . ALA A 1 62  ? 2.200   5.644   10.010  1.00   16.89 ?  59  ALA A CA  1 
ATOM   475  C C   . ALA A 1 62  ? 1.915   4.891   11.311  1.00   15.35 ?  59  ALA A C   1 
ATOM   476  O O   . ALA A 1 62  ? 1.046   4.013   11.361  1.00   13.26 ?  59  ALA A O   1 
ATOM   477  C CB  . ALA A 1 62  ? 1.286   6.860   9.868   1.00   18.02 ?  59  ALA A CB  1 
ATOM   478  N N   . THR A 1 63  ? 2.662   5.221   12.358  1.00   14.12 ?  60  THR A N   1 
ATOM   479  C CA  . THR A 1 63  ? 2.564   4.492   13.613  1.00   12.31 ?  60  THR A CA  1 
ATOM   480  C C   . THR A 1 63  ? 1.150   4.517   14.188  1.00   17.05 ?  60  THR A C   1 
ATOM   481  O O   . THR A 1 63  ? 0.689   3.531   14.755  1.00   14.15 ?  60  THR A O   1 
ATOM   482  C CB  . THR A 1 63  ? 3.584   5.036   14.641  1.00   17.88 ?  60  THR A CB  1 
ATOM   483  O OG1 . THR A 1 63  ? 4.895   4.958   14.071  1.00   24.46 ?  60  THR A OG1 1 
ATOM   484  C CG2 . THR A 1 63  ? 3.557   4.212   15.904  0.76   24.41 ?  60  THR A CG2 1 
ATOM   485  N N   . GLN A 1 64  ? 0.453   5.634   14.002  0.91   17.77 ?  61  GLN A N   1 
ATOM   486  C CA  . GLN A 1 64  ? -0.925  5.785   14.470  1.00   15.51 ?  61  GLN A CA  1 
ATOM   487  C C   . GLN A 1 64  ? -1.851  4.718   13.894  1.00   17.17 ?  61  GLN A C   1 
ATOM   488  O O   . GLN A 1 64  ? -2.868  4.393   14.497  1.00   16.31 ?  61  GLN A O   1 
ATOM   489  C CB  . GLN A 1 64  ? -1.470  7.178   14.121  1.00   22.36 ?  61  GLN A CB  1 
ATOM   490  C CG  . GLN A 1 64  ? -1.723  7.377   12.620  1.00   26.95 ?  61  GLN A CG  1 
ATOM   491  C CD  . GLN A 1 64  ? -1.692  8.830   12.187  0.77   32.10 ?  61  GLN A CD  1 
ATOM   492  O OE1 . GLN A 1 64  ? -1.303  9.714   12.950  0.87   34.39 ?  61  GLN A OE1 1 
ATOM   493  N NE2 . GLN A 1 64  ? -2.097  9.083   10.948  1.00   29.05 ?  61  GLN A NE2 1 
ATOM   494  N N   . LEU A 1 65  ? -1.495  4.167   12.737  1.00   11.28 ?  62  LEU A N   1 
ATOM   495  C CA  . LEU A 1 65  ? -2.324  3.147   12.105  1.00   7.94  ?  62  LEU A CA  1 
ATOM   496  C C   . LEU A 1 65  ? -1.953  1.719   12.475  0.68   10.90 ?  62  LEU A C   1 
ATOM   497  O O   . LEU A 1 65  ? -2.579  0.783   12.001  1.00   11.15 ?  62  LEU A O   1 
ATOM   498  C CB  . LEU A 1 65  ? -2.290  3.285   10.585  1.00   10.16 ?  62  LEU A CB  1 
ATOM   499  C CG  . LEU A 1 65  ? -2.827  4.611   10.046  1.00   18.35 ?  62  LEU A CG  1 
ATOM   500  C CD1 . LEU A 1 65  ? -2.850  4.570   8.528   1.00   15.62 ?  62  LEU A CD1 1 
ATOM   501  C CD2 . LEU A 1 65  ? -4.199  4.876   10.614  1.00   17.75 ?  62  LEU A CD2 1 
ATOM   502  N N   . ASN A 1 66  ? -0.930  1.547   13.307  1.00   10.92 ?  63  ASN A N   1 
ATOM   503  C CA  . ASN A 1 66  ? -0.563  0.210   13.762  1.00   11.18 ?  63  ASN A CA  1 
ATOM   504  C C   . ASN A 1 66  ? -1.710  -0.696  14.240  1.00   14.05 ?  63  ASN A C   1 
ATOM   505  O O   . ASN A 1 66  ? -1.705  -1.887  13.937  1.00   12.21 ?  63  ASN A O   1 
ATOM   506  C CB  . ASN A 1 66  ? 0.557   0.273   14.808  1.00   11.35 ?  63  ASN A CB  1 
ATOM   507  C CG  . ASN A 1 66  ? 1.909   0.587   14.188  1.00   12.50 ?  63  ASN A CG  1 
ATOM   508  O OD1 . ASN A 1 66  ? 2.019   0.781   12.971  1.00   11.26 ?  63  ASN A OD1 1 
ATOM   509  N ND2 . ASN A 1 66  ? 2.946   0.635   15.020  1.00   15.42 ?  63  ASN A ND2 1 
ATOM   510  N N   . PRO A 1 67  ? -2.702  -0.152  14.977  1.00   10.09 ?  64  PRO A N   1 
ATOM   511  C CA  . PRO A 1 67  ? -3.730  -1.102  15.435  1.00   10.85 ?  64  PRO A CA  1 
ATOM   512  C C   . PRO A 1 67  ? -4.536  -1.780  14.313  1.00   10.14 ?  64  PRO A C   1 
ATOM   513  O O   . PRO A 1 67  ? -5.149  -2.812  14.571  1.00   11.09 ?  64  PRO A O   1 
ATOM   514  C CB  . PRO A 1 67  ? -4.653  -0.230  16.295  1.00   18.37 ?  64  PRO A CB  1 
ATOM   515  C CG  . PRO A 1 67  ? -3.802  0.891   16.733  1.00   17.79 ?  64  PRO A CG  1 
ATOM   516  C CD  . PRO A 1 67  ? -2.912  1.184   15.559  1.00   11.48 ?  64  PRO A CD  1 
ATOM   517  N N   . LEU A 1 68  ? -4.541  -1.227  13.103  1.00   13.17 ?  65  LEU A N   1 
ATOM   518  C CA  . LEU A 1 68  ? -5.249  -1.876  11.991  1.00   9.94  ?  65  LEU A CA  1 
ATOM   519  C C   . LEU A 1 68  ? -4.575  -3.193  11.666  1.00   11.59 ?  65  LEU A C   1 
ATOM   520  O O   . LEU A 1 68  ? -5.223  -4.164  11.283  1.00   12.61 ?  65  LEU A O   1 
ATOM   521  C CB  . LEU A 1 68  ? -5.244  -0.989  10.747  1.00   12.05 ?  65  LEU A CB  1 
ATOM   522  C CG  . LEU A 1 68  ? -5.849  0.408   10.880  1.00   16.82 ?  65  LEU A CG  1 
ATOM   523  C CD1 . LEU A 1 68  ? -5.888  1.113   9.543   1.00   20.02 ?  65  LEU A CD1 1 
ATOM   524  C CD2 . LEU A 1 68  ? -7.229  0.322   11.467  1.00   23.97 ?  65  LEU A CD2 1 
ATOM   525  N N   . VAL A 1 69  ? -3.257  -3.215  11.810  1.00   10.52 ?  66  VAL A N   1 
ATOM   526  C CA  . VAL A 1 69  ? -2.482  -4.421  11.555  1.00   9.52  ?  66  VAL A CA  1 
ATOM   527  C C   . VAL A 1 69  ? -2.618  -5.357  12.748  1.00   10.73 ?  66  VAL A C   1 
ATOM   528  O O   . VAL A 1 69  ? -2.993  -6.519  12.606  1.00   12.07 ?  66  VAL A O   1 
ATOM   529  C CB  . VAL A 1 69  ? -0.991  -4.088  11.321  1.00   13.54 ?  66  VAL A CB  1 
ATOM   530  C CG1 . VAL A 1 69  ? -0.161  -5.363  11.262  1.00   14.30 ?  66  VAL A CG1 1 
ATOM   531  C CG2 . VAL A 1 69  ? -0.825  -3.272  10.025  1.00   10.31 ?  66  VAL A CG2 1 
ATOM   532  N N   . GLU A 1 70  ? -2.339  -4.825  13.933  1.00   12.04 ?  67  GLU A N   1 
ATOM   533  C CA  . GLU A 1 70  ? -2.389  -5.609  15.146  1.00   13.76 ?  67  GLU A CA  1 
ATOM   534  C C   . GLU A 1 70  ? -3.746  -6.272  15.376  0.59   17.39 ?  67  GLU A C   1 
ATOM   535  O O   . GLU A 1 70  ? -3.805  -7.408  15.833  1.00   16.14 ?  67  GLU A O   1 
ATOM   536  C CB  . GLU A 1 70  ? -1.955  -4.760  16.339  1.00   17.28 ?  67  GLU A CB  1 
ATOM   537  C CG  . GLU A 1 70  ? -0.459  -4.867  16.566  0.57   28.43 ?  67  GLU A CG  1 
ATOM   538  C CD  . GLU A 1 70  ? 0.204   -3.533  16.769  0.98   26.88 ?  67  GLU A CD  1 
ATOM   539  O OE1 . GLU A 1 70  ? -0.462  -2.618  17.300  1.00   31.32 ?  67  GLU A OE1 1 
ATOM   540  O OE2 . GLU A 1 70  ? 1.396   -3.401  16.405  0.76   21.12 ?  67  GLU A OE2 1 
ATOM   541  N N   . GLU A 1 71  ? -4.829  -5.586  15.020  1.00   7.69  ?  68  GLU A N   1 
ATOM   542  C CA  . GLU A 1 71  ? -6.166  -6.161  15.181  1.00   10.19 ?  68  GLU A CA  1 
ATOM   543  C C   . GLU A 1 71  ? -6.697  -6.793  13.903  1.00   17.14 ?  68  GLU A C   1 
ATOM   544  O O   . GLU A 1 71  ? -7.856  -7.243  13.847  1.00   10.95 ?  68  GLU A O   1 
ATOM   545  C CB  . GLU A 1 71  ? -7.126  -5.132  15.774  1.00   20.09 ?  68  GLU A CB  1 
ATOM   546  C CG  . GLU A 1 71  ? -6.567  -4.517  17.058  1.00   16.37 ?  68  GLU A CG  1 
ATOM   547  C CD  . GLU A 1 71  ? -7.541  -3.593  17.776  1.00   22.50 ?  68  GLU A CD  1 
ATOM   548  O OE1 . GLU A 1 71  ? -7.072  -2.626  18.417  1.00   20.75 ?  68  GLU A OE1 1 
ATOM   549  O OE2 . GLU A 1 71  ? -8.759  -3.840  17.717  0.84   22.51 ?  68  GLU A OE2 1 
ATOM   550  N N   . GLU A 1 72  ? -5.835  -6.812  12.890  0.0000 16.04 ?  69  GLU A N   1 
ATOM   551  C CA  . GLU A 1 72  ? -6.000  -7.639  11.699  1.00   15.80 ?  69  GLU A CA  1 
ATOM   552  C C   . GLU A 1 72  ? -7.035  -7.170  10.673  0.89   19.53 ?  69  GLU A C   1 
ATOM   553  O O   . GLU A 1 72  ? -7.413  -7.952  9.806   0.86   21.14 ?  69  GLU A O   1 
ATOM   554  C CB  . GLU A 1 72  ? -6.284  -9.097  12.086  1.00   21.20 ?  69  GLU A CB  1 
ATOM   555  C CG  . GLU A 1 72  ? -5.291  -9.717  13.059  1.00   17.67 ?  69  GLU A CG  1 
ATOM   556  C CD  . GLU A 1 72  ? -5.664  -11.147 13.415  0.78   24.29 ?  69  GLU A CD  1 
ATOM   557  O OE1 . GLU A 1 72  ? -5.689  -11.995 12.507  1.00   23.52 ?  69  GLU A OE1 1 
ATOM   558  O OE2 . GLU A 1 72  ? -5.952  -11.416 14.598  1.00   30.06 ?  69  GLU A OE2 1 
ATOM   559  N N   . GLN A 1 73  ? -7.503  -5.925  10.755  1.00   13.04 ?  70  GLN A N   1 
ATOM   560  C CA  . GLN A 1 73  ? -8.370  -5.399  9.687   1.00   19.78 ?  70  GLN A CA  1 
ATOM   561  C C   . GLN A 1 73  ? -7.572  -5.131  8.405   1.00   16.49 ?  70  GLN A C   1 
ATOM   562  O O   . GLN A 1 73  ? -8.049  -5.356  7.292   0.0000 16.95 ?  70  GLN A O   1 
ATOM   563  C CB  . GLN A 1 73  ? -9.092  -4.123  10.127  1.00   24.75 ?  70  GLN A CB  1 
ATOM   564  C CG  . GLN A 1 73  ? -10.254 -4.341  11.058  0.0000 23.06 ?  70  GLN A CG  1 
ATOM   565  C CD  . GLN A 1 73  ? -9.853  -4.175  12.490  1.00   27.04 ?  70  GLN A CD  1 
ATOM   566  O OE1 . GLN A 1 73  ? -8.664  -4.106  12.809  0.80   27.31 ?  70  GLN A OE1 1 
ATOM   567  N NE2 . GLN A 1 73  ? -10.838 -4.100  13.374  1.00   27.25 ?  70  GLN A NE2 1 
ATOM   568  N N   . LEU A 1 74  ? -6.358  -4.622  8.603   1.00   12.05 ?  71  LEU A N   1 
ATOM   569  C CA  . LEU A 1 74  ? -5.399  -4.418  7.525   1.00   14.63 ?  71  LEU A CA  1 
ATOM   570  C C   . LEU A 1 74  ? -4.499  -5.656  7.410   1.00   18.46 ?  71  LEU A C   1 
ATOM   571  O O   . LEU A 1 74  ? -3.610  -5.867  8.235   1.00   14.02 ?  71  LEU A O   1 
ATOM   572  C CB  . LEU A 1 74  ? -4.556  -3.177  7.811   1.00   14.06 ?  71  LEU A CB  1 
ATOM   573  C CG  . LEU A 1 74  ? -3.654  -2.664  6.687   1.00   18.03 ?  71  LEU A CG  1 
ATOM   574  C CD1 . LEU A 1 74  ? -4.501  -2.260  5.517   1.00   20.77 ?  71  LEU A CD1 1 
ATOM   575  C CD2 . LEU A 1 74  ? -2.825  -1.500  7.166   1.00   14.92 ?  71  LEU A CD2 1 
ATOM   576  N N   . SER A 1 75  ? -4.744  -6.494  6.408   1.00   11.28 ?  72  SER A N   1 
ATOM   577  C CA  . SER A 1 75  ? -3.954  -7.708  6.246   1.00   14.20 ?  72  SER A CA  1 
ATOM   578  C C   . SER A 1 75  ? -3.915  -8.136  4.785   1.00   11.52 ?  72  SER A C   1 
ATOM   579  O O   . SER A 1 75  ? -4.705  -7.662  3.986   1.00   8.65  ?  72  SER A O   1 
ATOM   580  C CB  . SER A 1 75  ? -4.527  -8.845  7.095   1.00   19.23 ?  72  SER A CB  1 
ATOM   581  O OG  . SER A 1 75  ? -5.791  -9.223  6.606   1.00   23.26 ?  72  SER A OG  1 
ATOM   582  N N   . SER A 1 76  ? -2.998  -9.040  4.454   1.00   11.25 ?  73  SER A N   1 
ATOM   583  C CA  . SER A 1 76  ? -2.806  -9.478  3.075   1.00   10.87 ?  73  SER A CA  1 
ATOM   584  C C   . SER A 1 76  ? -4.120  -9.869  2.393   1.00   12.92 ?  73  SER A C   1 
ATOM   585  O O   . SER A 1 76  ? -4.896  -10.634 2.953   1.00   14.30 ?  73  SER A O   1 
ATOM   586  C CB  . SER A 1 76  ? -1.825  -10.654 3.039   1.00   21.02 ?  73  SER A CB  1 
ATOM   587  O OG  . SER A 1 76  ? -0.563  -10.255 3.542   0.75   21.04 ?  73  SER A OG  1 
ATOM   588  N N   . ASN A 1 77  ? -4.323  -9.326  1.189   1.00   10.01 ?  74  ASN A N   1 
ATOM   589  C CA  . ASN A 1 77  ? -5.501  -9.490  0.306   1.00   9.55  ?  74  ASN A CA  1 
ATOM   590  C C   . ASN A 1 77  ? -6.584  -8.425  0.474   1.00   11.84 ?  74  ASN A C   1 
ATOM   591  O O   . ASN A 1 77  ? -7.432  -8.276  -0.392  1.00   10.95 ?  74  ASN A O   1 
ATOM   592  C CB  . ASN A 1 77  ? -6.160  -10.873 0.375   1.00   12.05 ?  74  ASN A CB  1 
ATOM   593  C CG  . ASN A 1 77  ? -5.265  -11.977 -0.154  1.00   17.15 ?  74  ASN A CG  1 
ATOM   594  O OD1 . ASN A 1 77  ? -4.431  -11.754 -1.024  1.00   13.46 ?  74  ASN A OD1 1 
ATOM   595  N ND2 . ASN A 1 77  ? -5.441  -13.182 0.381   1.00   19.16 ?  74  ASN A ND2 1 
ATOM   596  N N   . CYS A 1 78  ? -6.583  -7.718  1.595   1.00   11.11 ?  75  CYS A N   1 
ATOM   597  C CA  . CYS A 1 78  ? -7.615  -6.703  1.783   1.00   6.95  ?  75  CYS A CA  1 
ATOM   598  C C   . CYS A 1 78  ? -7.435  -5.585  0.766   1.00   7.27  ?  75  CYS A C   1 
ATOM   599  O O   . CYS A 1 78  ? -6.333  -5.345  0.274   1.00   9.86  ?  75  CYS A O   1 
ATOM   600  C CB  . CYS A 1 78  ? -7.625  -6.147  3.202   0.87   10.87 ?  75  CYS A CB  1 
ATOM   601  S SG  . CYS A 1 78  ? -6.464  -4.811  3.479   0.94   11.69 ?  75  CYS A SG  1 
ATOM   602  N N   . VAL A 1 79  ? -8.532  -4.914  0.453   1.00   7.94  ?  76  VAL A N   1 
ATOM   603  C CA  . VAL A 1 79  ? -8.506  -3.788  -0.470  1.00   11.17 ?  76  VAL A CA  1 
ATOM   604  C C   . VAL A 1 79  ? -8.783  -2.516  0.328   1.00   12.32 ?  76  VAL A C   1 
ATOM   605  O O   . VAL A 1 79  ? -9.728  -2.450  1.142   1.00   9.15  ?  76  VAL A O   1 
ATOM   606  C CB  . VAL A 1 79  ? -9.532  -3.983  -1.593  1.00   10.84 ?  76  VAL A CB  1 
ATOM   607  C CG1 . VAL A 1 79  ? -9.747  -2.691  -2.374  1.00   10.10 ?  76  VAL A CG1 1 
ATOM   608  C CG2 . VAL A 1 79  ? -9.083  -5.103  -2.510  1.00   8.38  ?  76  VAL A CG2 1 
ATOM   609  N N   . CYS A 1 80  ? -7.946  -1.512  0.108   1.00   9.63  ?  77  CYS A N   1 
ATOM   610  C CA  A CYS A 1 80  ? -8.063  -0.304  0.897   0.68   11.75 ?  77  CYS A CA  1 
ATOM   611  C CA  B CYS A 1 80  ? -7.953  -0.285  0.909   0.32   11.77 ?  77  CYS A CA  1 
ATOM   612  C C   . CYS A 1 80  ? -7.934  0.938   0.032   1.00   12.68 ?  77  CYS A C   1 
ATOM   613  O O   . CYS A 1 80  ? -7.395  0.897   -1.072  1.00   9.95  ?  77  CYS A O   1 
ATOM   614  C CB  A CYS A 1 80  ? -7.014  -0.302  2.015   0.68   11.15 ?  77  CYS A CB  1 
ATOM   615  C CB  B CYS A 1 80  ? -6.690  -0.177  1.760   0.32   11.34 ?  77  CYS A CB  1 
ATOM   616  S SG  A CYS A 1 80  ? -5.320  -0.307  1.445   0.68   15.05 ?  77  CYS A SG  1 
ATOM   617  S SG  B CYS A 1 80  ? -6.321  -1.546  2.804   0.32   11.56 ?  77  CYS A SG  1 
ATOM   618  N N   . GLN A 1 81  ? -8.463  2.041   0.544   1.00   9.36  ?  78  GLN A N   1 
ATOM   619  C CA  . GLN A 1 81  ? -8.320  3.315   -0.133  1.00   10.54 ?  78  GLN A CA  1 
ATOM   620  C C   . GLN A 1 81  ? -7.408  4.208   0.686   1.00   8.13  ?  78  GLN A C   1 
ATOM   621  O O   . GLN A 1 81  ? -7.622  4.378   1.884   1.00   10.17 ?  78  GLN A O   1 
ATOM   622  C CB  . GLN A 1 81  ? -9.673  3.995   -0.296  1.00   10.12 ?  78  GLN A CB  1 
ATOM   623  C CG  . GLN A 1 81  ? -9.559  5.372   -0.933  1.00   9.51  ?  78  GLN A CG  1 
ATOM   624  C CD  . GLN A 1 81  ? -10.878 5.823   -1.494  1.00   14.38 ?  78  GLN A CD  1 
ATOM   625  O OE1 . GLN A 1 81  ? -11.920 5.452   -0.981  1.00   16.22 ?  78  GLN A OE1 1 
ATOM   626  N NE2 . GLN A 1 81  ? -10.843 6.600   -2.570  1.00   11.69 ?  78  GLN A NE2 1 
ATOM   627  N N   . ILE A 1 82  ? -6.399  4.789   0.044   1.00   6.88  ?  79  ILE A N   1 
ATOM   628  C CA  . ILE A 1 82  ? -5.475  5.661   0.752   1.00   9.17  ?  79  ILE A CA  1 
ATOM   629  C C   . ILE A 1 82  ? -6.019  7.094   0.748   1.00   12.96 ?  79  ILE A C   1 
ATOM   630  O O   . ILE A 1 82  ? -6.139  7.724   -0.305  1.00   9.07  ?  79  ILE A O   1 
ATOM   631  C CB  . ILE A 1 82  ? -4.073  5.656   0.111   1.00   13.82 ?  79  ILE A CB  1 
ATOM   632  C CG1 . ILE A 1 82  ? -3.564  4.220   -0.094  1.00   14.14 ?  79  ILE A CG1 1 
ATOM   633  C CG2 . ILE A 1 82  ? -3.099  6.465   0.969   1.00   13.36 ?  79  ILE A CG2 1 
ATOM   634  C CD1 . ILE A 1 82  ? -3.523  3.391   1.184   0.76   15.24 ?  79  ILE A CD1 1 
ATOM   635  N N   . HIS A 1 83  ? -6.367  7.600   1.923   1.00   12.82 ?  80  HIS A N   1 
ATOM   636  C CA  . HIS A 1 83  ? -6.982  8.923   2.026   1.00   11.30 ?  80  HIS A CA  1 
ATOM   637  C C   . HIS A 1 83  ? -5.974  10.037  2.231   1.00   13.72 ?  80  HIS A C   1 
ATOM   638  O O   . HIS A 1 83  ? -6.234  11.176  1.853   1.00   13.75 ?  80  HIS A O   1 
ATOM   639  C CB  . HIS A 1 83  ? -8.024  8.934   3.139   1.00   12.19 ?  80  HIS A CB  1 
ATOM   640  C CG  . HIS A 1 83  ? -9.272  8.210   2.765   1.00   14.50 ?  80  HIS A CG  1 
ATOM   641  N ND1 . HIS A 1 83  ? -10.168 8.714   1.851   1.00   11.10 ?  80  HIS A ND1 1 
ATOM   642  C CD2 . HIS A 1 83  ? -9.747  7.000   3.142   1.00   14.51 ?  80  HIS A CD2 1 
ATOM   643  C CE1 . HIS A 1 83  ? -11.155 7.852   1.692   1.00   16.54 ?  80  HIS A CE1 1 
ATOM   644  N NE2 . HIS A 1 83  ? -10.925 6.805   2.461   1.00   13.72 ?  80  HIS A NE2 1 
ATOM   645  N N   . ARG A 1 84  ? -4.826  9.695   2.811   1.00   10.17 ?  81  ARG A N   1 
ATOM   646  C CA  . ARG A 1 84  ? -3.722  10.630  2.960   1.00   8.41  ?  81  ARG A CA  1 
ATOM   647  C C   . ARG A 1 84  ? -2.389  9.899   2.976   1.00   14.03 ?  81  ARG A C   1 
ATOM   648  O O   . ARG A 1 84  ? -2.205  8.915   3.697   1.00   10.38 ?  81  ARG A O   1 
ATOM   649  C CB  . ARG A 1 84  ? -3.866  11.433  4.244   1.00   11.38 ?  81  ARG A CB  1 
ATOM   650  C CG  . ARG A 1 84  ? -2.852  12.543  4.378   0.86   16.25 ?  81  ARG A CG  1 
ATOM   651  C CD  . ARG A 1 84  ? -3.289  13.588  5.399   1.00   25.05 ?  81  ARG A CD  1 
ATOM   652  N NE  . ARG A 1 84  ? -3.385  13.033  6.749   0.67   21.70 ?  81  ARG A NE  1 
ATOM   653  C CZ  . ARG A 1 84  ? -2.438  13.157  7.673   0.61   23.66 ?  81  ARG A CZ  1 
ATOM   654  N NH1 . ARG A 1 84  ? -1.323  13.821  7.392   1.00   32.50 ?  81  ARG A NH1 1 
ATOM   655  N NH2 . ARG A 1 84  ? -2.608  12.621  8.875   1.00   32.26 ?  81  ARG A NH2 1 
ATOM   656  N N   . PHE A 1 85  ? -1.448  10.386  2.186   1.00   12.43 ?  82  PHE A N   1 
ATOM   657  C CA  . PHE A 1 85  ? -0.105  9.829   2.224   1.00   12.58 ?  82  PHE A CA  1 
ATOM   658  C C   . PHE A 1 85  ? 0.949   10.905  1.988   1.00   17.60 ?  82  PHE A C   1 
ATOM   659  O O   . PHE A 1 85  ? 0.655   11.981  1.463   1.00   14.22 ?  82  PHE A O   1 
ATOM   660  C CB  . PHE A 1 85  ? 0.037   8.670   1.230   1.00   11.95 ?  82  PHE A CB  1 
ATOM   661  C CG  . PHE A 1 85  ? -0.050  9.088   -0.209  1.00   17.68 ?  82  PHE A CG  1 
ATOM   662  C CD1 . PHE A 1 85  ? -1.280  9.232   -0.829  1.00   15.71 ?  82  PHE A CD1 1 
ATOM   663  C CD2 . PHE A 1 85  ? 1.097   9.330   -0.942  1.00   14.26 ?  82  PHE A CD2 1 
ATOM   664  C CE1 . PHE A 1 85  ? -1.369  9.611   -2.149  1.00   17.69 ?  82  PHE A CE1 1 
ATOM   665  C CE2 . PHE A 1 85  ? 1.016   9.713   -2.265  1.00   19.17 ?  82  PHE A CE2 1 
ATOM   666  C CZ  . PHE A 1 85  ? -0.219  9.849   -2.873  1.00   21.87 ?  82  PHE A CZ  1 
ATOM   667  N N   . ILE A 1 86  ? 2.175   10.625  2.402   1.00   14.42 ?  83  ILE A N   1 
ATOM   668  C CA  . ILE A 1 86  ? 3.275   11.526  2.100   1.00   24.74 ?  83  ILE A CA  1 
ATOM   669  C C   . ILE A 1 86  ? 4.467   10.726  1.584   1.00   18.09 ?  83  ILE A C   1 
ATOM   670  O O   . ILE A 1 86  ? 4.704   9.598   2.014   1.00   21.65 ?  83  ILE A O   1 
ATOM   671  C CB  . ILE A 1 86  ? 3.685   12.388  3.329   1.00   18.97 ?  83  ILE A CB  1 
ATOM   672  C CG1 . ILE A 1 86  ? 4.238   11.519  4.455   1.00   27.19 ?  83  ILE A CG1 1 
ATOM   673  C CG2 . ILE A 1 86  ? 2.512   13.233  3.816   1.00   20.48 ?  83  ILE A CG2 1 
ATOM   674  C CD1 . ILE A 1 86  ? 5.028   12.311  5.490   1.00   40.38 ?  83  ILE A CD1 1 
ATOM   675  N N   . VAL A 1 87  ? 5.195   11.295  0.636   1.00   12.22 ?  84  VAL A N   1 
ATOM   676  C CA  . VAL A 1 87  ? 6.384   10.644  0.117   1.00   11.59 ?  84  VAL A CA  1 
ATOM   677  C C   . VAL A 1 87  ? 7.599   11.227  0.835   0.51   20.01 ?  84  VAL A C   1 
ATOM   678  O O   . VAL A 1 87  ? 7.711   12.442  1.019   1.00   20.98 ?  84  VAL A O   1 
ATOM   679  C CB  . VAL A 1 87  ? 6.510   10.842  -1.406  1.00   14.73 ?  84  VAL A CB  1 
ATOM   680  C CG1 . VAL A 1 87  ? 7.875   10.396  -1.907  1.00   17.01 ?  84  VAL A CG1 1 
ATOM   681  C CG2 . VAL A 1 87  ? 5.400   10.092  -2.130  1.00   22.82 ?  84  VAL A CG2 1 
ATOM   682  N N   . ASN A 1 88  ? 8.493   10.349  1.267   1.00   14.67 ?  85  ASN A N   1 
ATOM   683  C CA  . ASN A 1 88  ? 9.739   10.765  1.868   1.00   12.54 ?  85  ASN A CA  1 
ATOM   684  C C   . ASN A 1 88  ? 10.901  10.164  1.091   0.68   12.97 ?  85  ASN A C   1 
ATOM   685  O O   . ASN A 1 88  ? 10.847  9.006   0.693   1.00   13.92 ?  85  ASN A O   1 
ATOM   686  C CB  . ASN A 1 88  ? 9.802   10.314  3.323   1.00   22.33 ?  85  ASN A CB  1 
ATOM   687  C CG  . ASN A 1 88  ? 10.789  11.128  4.132   1.00   31.78 ?  85  ASN A CG  1 
ATOM   688  O OD1 . ASN A 1 88  ? 10.760  12.353  4.089   1.00   31.23 ?  85  ASN A OD1 1 
ATOM   689  N ND2 . ASN A 1 88  ? 11.677  10.453  4.862   1.00   34.36 ?  85  ASN A ND2 1 
ATOM   690  N N   . THR A 1 89  ? 11.952  10.944  0.878   1.00   9.26  ?  86  THR A N   1 
ATOM   691  C CA  . THR A 1 89  ? 13.080  10.475  0.092   1.00   10.64 ?  86  THR A CA  1 
ATOM   692  C C   . THR A 1 89  ? 14.280  10.275  1.007   1.00   15.20 ?  86  THR A C   1 
ATOM   693  O O   . THR A 1 89  ? 14.633  11.161  1.784   1.00   11.04 ?  86  THR A O   1 
ATOM   694  C CB  . THR A 1 89  ? 13.410  11.453  -1.052  1.00   11.99 ?  86  THR A CB  1 
ATOM   695  O OG1 . THR A 1 89  ? 12.238  11.659  -1.858  1.00   13.35 ?  86  THR A OG1 1 
ATOM   696  C CG2 . THR A 1 89  ? 14.556  10.928  -1.916  1.00   9.60  ?  86  THR A CG2 1 
ATOM   697  N N   . LEU A 1 90  ? 14.882  9.091   0.931   1.00   12.46 ?  87  LEU A N   1 
ATOM   698  C CA  . LEU A 1 90  ? 16.033  8.767   1.770   1.00   12.72 ?  87  LEU A CA  1 
ATOM   699  C C   . LEU A 1 90  ? 17.321  9.338   1.180   0.80   13.32 ?  87  LEU A C   1 
ATOM   700  O O   . LEU A 1 90  ? 17.349  9.762   0.028   1.00   10.77 ?  87  LEU A O   1 
ATOM   701  C CB  . LEU A 1 90  ? 16.171  7.249   1.940   1.00   16.87 ?  87  LEU A CB  1 
ATOM   702  C CG  . LEU A 1 90  ? 14.910  6.483   2.381   1.00   14.56 ?  87  LEU A CG  1 
ATOM   703  C CD1 . LEU A 1 90  ? 15.270  5.078   2.803   1.00   24.62 ?  87  LEU A CD1 1 
ATOM   704  C CD2 . LEU A 1 90  ? 14.170  7.226   3.503   1.00   18.83 ?  87  LEU A CD2 1 
ATOM   705  N N   . LYS A 1 91  ? 18.389  9.320   1.972   1.00   14.66 ?  88  LYS A N   1 
ATOM   706  C CA  . LYS A 1 91  ? 19.694  9.811   1.524   1.00   15.25 ?  88  LYS A CA  1 
ATOM   707  C C   . LYS A 1 91  ? 20.201  9.112   0.278   1.00   15.82 ?  88  LYS A C   1 
ATOM   708  O O   . LYS A 1 91  ? 20.919  9.711   -0.527  1.00   14.43 ?  88  LYS A O   1 
ATOM   709  C CB  . LYS A 1 91  ? 20.745  9.650   2.627   1.00   17.87 ?  88  LYS A CB  1 
ATOM   710  C CG  . LYS A 1 91  ? 20.415  10.339  3.909   1.00   21.87 ?  88  LYS A CG  1 
ATOM   711  C CD  . LYS A 1 91  ? 21.534  10.132  4.938   0.82   22.66 ?  88  LYS A CD  1 
ATOM   712  C CE  . LYS A 1 91  ? 21.206  10.821  6.253   0.68   37.29 ?  88  LYS A CE  1 
ATOM   713  N NZ  . LYS A 1 91  ? 22.326  10.724  7.226   0.0000 28.13 ?  88  LYS A NZ  1 
ATOM   714  N N   . ASP A 1 92  ? 19.850  7.841   0.120   1.00   14.79 ?  89  ASP A N   1 
ATOM   715  C CA  . ASP A 1 92  ? 20.348  7.074   -1.010  1.00   18.71 ?  89  ASP A CA  1 
ATOM   716  C C   . ASP A 1 92  ? 19.494  7.281   -2.258  1.00   11.64 ?  89  ASP A C   1 
ATOM   717  O O   . ASP A 1 92  ? 19.764  6.694   -3.298  1.00   15.53 ?  89  ASP A O   1 
ATOM   718  C CB  . ASP A 1 92  ? 20.454  5.581   -0.674  1.00   23.86 ?  89  ASP A CB  1 
ATOM   719  C CG  . ASP A 1 92  ? 19.119  4.966   -0.265  1.00   27.61 ?  89  ASP A CG  1 
ATOM   720  O OD1 . ASP A 1 92  ? 18.052  5.528   -0.589  1.00   20.29 ?  89  ASP A OD1 1 
ATOM   721  O OD2 . ASP A 1 92  ? 19.140  3.905   0.386   1.00   29.84 ?  89  ASP A OD2 1 
ATOM   722  N N   . GLY A 1 93  ? 18.450  8.097   -2.133  1.00   11.46 ?  90  GLY A N   1 
ATOM   723  C CA  . GLY A 1 93  ? 17.570  8.384   -3.253  1.00   10.00 ?  90  GLY A CA  1 
ATOM   724  C C   . GLY A 1 93  ? 16.315  7.537   -3.342  1.00   14.80 ?  90  GLY A C   1 
ATOM   725  O O   . GLY A 1 93  ? 15.426  7.822   -4.141  1.00   11.25 ?  90  GLY A O   1 
ATOM   726  N N   . ARG A 1 94  ? 16.222  6.489   -2.530  1.00   16.19 ?  91  ARG A N   1 
ATOM   727  C CA  . ARG A 1 94  ? 15.006  5.680   -2.531  1.00   15.68 ?  91  ARG A CA  1 
ATOM   728  C C   . ARG A 1 94  ? 13.880  6.473   -1.899  1.00   16.55 ?  91  ARG A C   1 
ATOM   729  O O   . ARG A 1 94  ? 14.115  7.340   -1.067  1.00   14.66 ?  91  ARG A O   1 
ATOM   730  C CB  . ARG A 1 94  ? 15.217  4.369   -1.766  1.00   20.28 ?  91  ARG A CB  1 
ATOM   731  C CG  . ARG A 1 94  ? 16.158  3.392   -2.460  1.00   29.49 ?  91  ARG A CG  1 
ATOM   732  C CD  . ARG A 1 94  ? 16.294  2.098   -1.666  1.00   32.74 ?  91  ARG A CD  1 
ATOM   733  N NE  . ARG A 1 94  ? 16.808  2.330   -0.320  0.72   30.74 ?  91  ARG A NE  1 
ATOM   734  C CZ  . ARG A 1 94  ? 16.865  1.398   0.623   0.27   35.59 ?  91  ARG A CZ  1 
ATOM   735  N NH1 . ARG A 1 94  ? 17.348  1.694   1.821   1.00   39.34 ?  91  ARG A NH1 1 
ATOM   736  N NH2 . ARG A 1 94  ? 16.434  0.169   0.364   1.00   36.14 ?  91  ARG A NH2 1 
ATOM   737  N N   . ARG A 1 95  ? 12.650  6.183   -2.296  1.00   13.97 ?  92  ARG A N   1 
ATOM   738  C CA  . ARG A 1 95  ? 11.520  6.898   -1.748  1.00   15.33 ?  92  ARG A CA  1 
ATOM   739  C C   . ARG A 1 95  ? 10.602  5.964   -0.999  1.00   18.68 ?  92  ARG A C   1 
ATOM   740  O O   . ARG A 1 95  ? 10.392  4.825   -1.417  1.00   21.94 ?  92  ARG A O   1 
ATOM   741  C CB  . ARG A 1 95  ? 10.771  7.638   -2.849  1.00   15.95 ?  92  ARG A CB  1 
ATOM   742  C CG  . ARG A 1 95  ? 11.517  8.913   -3.228  1.00   23.89 ?  92  ARG A CG  1 
ATOM   743  C CD  . ARG A 1 95  ? 10.877  9.630   -4.358  1.00   19.07 ?  92  ARG A CD  1 
ATOM   744  N NE  . ARG A 1 95  ? 11.444  10.968  -4.545  1.00   14.94 ?  92  ARG A NE  1 
ATOM   745  C CZ  . ARG A 1 95  ? 11.289  11.675  -5.653  0.50   15.14 ?  92  ARG A CZ  1 
ATOM   746  N NH1 . ARG A 1 95  ? 10.611  11.156  -6.669  1.00   15.65 ?  92  ARG A NH1 1 
ATOM   747  N NH2 . ARG A 1 95  ? 11.823  12.882  -5.751  1.00   14.25 ?  92  ARG A NH2 1 
ATOM   748  N N   . VAL A 1 96  ? 10.087  6.448   0.125   1.00   14.28 ?  93  VAL A N   1 
ATOM   749  C CA  . VAL A 1 96  ? 9.124   5.692   0.915   1.00   13.69 ?  93  VAL A CA  1 
ATOM   750  C C   . VAL A 1 96  ? 7.775   6.412   0.917   1.00   15.87 ?  93  VAL A C   1 
ATOM   751  O O   . VAL A 1 96  ? 7.702   7.640   1.018   1.00   12.90 ?  93  VAL A O   1 
ATOM   752  C CB  . VAL A 1 96  ? 9.634   5.449   2.347   1.00   18.53 ?  93  VAL A CB  1 
ATOM   753  C CG1 . VAL A 1 96  ? 11.036  4.846   2.304   1.00   23.95 ?  93  VAL A CG1 1 
ATOM   754  C CG2 . VAL A 1 96  ? 9.672   6.719   3.137   1.00   24.64 ?  93  VAL A CG2 1 
ATOM   755  N N   . VAL A 1 97  ? 6.705   5.647   0.766   1.00   11.16 ?  94  VAL A N   1 
ATOM   756  C CA  . VAL A 1 97  ? 5.374   6.219   0.756   1.00   11.82 ?  94  VAL A CA  1 
ATOM   757  C C   . VAL A 1 97  ? 4.748   5.921   2.109   1.00   17.46 ?  94  VAL A C   1 
ATOM   758  O O   . VAL A 1 97  ? 4.460   4.757   2.432   1.00   14.84 ?  94  VAL A O   1 
ATOM   759  C CB  . VAL A 1 97  ? 4.530   5.613   -0.368  1.00   13.51 ?  94  VAL A CB  1 
ATOM   760  C CG1 . VAL A 1 97  ? 3.152   6.225   -0.383  1.00   12.32 ?  94  VAL A CG1 1 
ATOM   761  C CG2 . VAL A 1 97  ? 5.220   5.816   -1.705  1.00   16.44 ?  94  VAL A CG2 1 
ATOM   762  N N   . ILE A 1 98  ? 4.564   6.965   2.917   1.00   12.49 ?  95  ILE A N   1 
ATOM   763  C CA  . ILE A 1 98  ? 4.020   6.788   4.253   1.00   12.67 ?  95  ILE A CA  1 
ATOM   764  C C   . ILE A 1 98  ? 2.502   6.942   4.226   1.00   12.89 ?  95  ILE A C   1 
ATOM   765  O O   . ILE A 1 98  ? 1.987   7.987   3.841   1.00   12.53 ?  95  ILE A O   1 
ATOM   766  C CB  . ILE A 1 98  ? 4.658   7.766   5.249   1.00   14.18 ?  95  ILE A CB  1 
ATOM   767  C CG1 . ILE A 1 98  ? 6.181   7.737   5.080   1.00   17.66 ?  95  ILE A CG1 1 
ATOM   768  C CG2 . ILE A 1 98  ? 4.270   7.393   6.674   1.00   17.83 ?  95  ILE A CG2 1 
ATOM   769  C CD1 . ILE A 1 98  ? 6.856   8.979   5.574   1.00   27.93 ?  95  ILE A CD1 1 
ATOM   770  N N   . LEU A 1 99  ? 1.795   5.874   4.591   1.00   12.45 ?  96  LEU A N   1 
ATOM   771  C CA  . LEU A 1 99  ? 0.330   5.877   4.649   1.00   12.14 ?  96  LEU A CA  1 
ATOM   772  C C   . LEU A 1 99  ? -0.164  6.473   5.968   1.00   11.82 ?  96  LEU A C   1 
ATOM   773  O O   . LEU A 1 99  ? 0.039   5.879   7.029   1.00   12.59 ?  96  LEU A O   1 
ATOM   774  C CB  . LEU A 1 99  ? -0.192  4.449   4.505   1.00   7.93  ?  96  LEU A CB  1 
ATOM   775  C CG  . LEU A 1 99  ? 0.297   3.772   3.222   1.00   11.68 ?  96  LEU A CG  1 
ATOM   776  C CD1 . LEU A 1 99  ? -0.155  2.330   3.192   1.00   11.04 ?  96  LEU A CD1 1 
ATOM   777  C CD2 . LEU A 1 99  ? -0.220  4.539   2.005   1.00   16.78 ?  96  LEU A CD2 1 
ATOM   778  N N   . MET A 1 100 ? -0.810  7.636   5.892   1.00   12.92 ?  97  MET A N   1 
ATOM   779  C CA  A MET A 1 100 ? -1.247  8.394   7.072   0.82   11.73 ?  97  MET A CA  1 
ATOM   780  C CA  B MET A 1 100 ? -1.231  8.355   7.092   0.18   11.97 ?  97  MET A CA  1 
ATOM   781  C C   . MET A 1 100 ? -2.696  8.130   7.450   1.00   15.25 ?  97  MET A C   1 
ATOM   782  O O   . MET A 1 100 ? -3.043  8.072   8.633   1.00   13.51 ?  97  MET A O   1 
ATOM   783  C CB  A MET A 1 100 ? -1.087  9.898   6.838   0.82   11.81 ?  97  MET A CB  1 
ATOM   784  C CB  B MET A 1 100 ? -0.953  9.850   6.947   0.18   12.31 ?  97  MET A CB  1 
ATOM   785  C CG  A MET A 1 100 ? 0.330   10.350  6.516   0.82   15.16 ?  97  MET A CG  1 
ATOM   786  C CG  B MET A 1 100 ? 0.469   10.166  6.528   0.18   15.07 ?  97  MET A CG  1 
ATOM   787  S SD  A MET A 1 100 ? 1.539   9.878   7.764   0.82   17.15 ?  97  MET A SD  1 
ATOM   788  S SD  B MET A 1 100 ? 0.873   11.907  6.723   0.18   14.59 ?  97  MET A SD  1 
ATOM   789  C CE  A MET A 1 100 ? 0.950   10.771  9.195   0.82   25.92 ?  97  MET A CE  1 
ATOM   790  C CE  B MET A 1 100 ? 1.163   11.996  8.489   0.18   22.85 ?  97  MET A CE  1 
ATOM   791  N N   . GLU A 1 101 ? -3.544  8.020   6.434   1.00   9.46  ?  98  GLU A N   1 
ATOM   792  C CA  . GLU A 1 101 ? -4.952  7.723   6.639   1.00   14.79 ?  98  GLU A CA  1 
ATOM   793  C C   . GLU A 1 101 ? -5.328  6.679   5.625   1.00   13.12 ?  98  GLU A C   1 
ATOM   794  O O   . GLU A 1 101 ? -5.067  6.851   4.431   1.00   14.56 ?  98  GLU A O   1 
ATOM   795  C CB  . GLU A 1 101 ? -5.832  8.961   6.421   1.00   10.16 ?  98  GLU A CB  1 
ATOM   796  C CG  . GLU A 1 101 ? -5.724  9.975   7.531   1.00   14.91 ?  98  GLU A CG  1 
ATOM   797  C CD  . GLU A 1 101 ? -6.693  11.122  7.360   1.00   22.07 ?  98  GLU A CD  1 
ATOM   798  O OE1 . GLU A 1 101 ? -7.344  11.204  6.290   1.00   23.68 ?  98  GLU A OE1 1 
ATOM   799  O OE2 . GLU A 1 101 ? -6.798  11.933  8.300   0.64   28.55 ?  98  GLU A OE2 1 
ATOM   800  N N   . LEU A 1 102 ? -5.944  5.598   6.083   1.00   9.63  ?  99  LEU A N   1 
ATOM   801  C CA  . LEU A 1 102 ? -6.459  4.628   5.126   1.00   14.09 ?  99  LEU A CA  1 
ATOM   802  C C   . LEU A 1 102 ? -7.748  3.962   5.572   1.00   18.31 ?  99  LEU A C   1 
ATOM   803  O O   . LEU A 1 102 ? -8.038  3.840   6.763   1.00   15.19 ?  99  LEU A O   1 
ATOM   804  C CB  . LEU A 1 102 ? -5.386  3.622   4.701   1.00   18.31 ?  99  LEU A CB  1 
ATOM   805  C CG  . LEU A 1 102 ? -4.943  2.417   5.525   1.00   17.46 ?  99  LEU A CG  1 
ATOM   806  C CD1 . LEU A 1 102 ? -5.993  1.284   5.526   0.75   16.08 ?  99  LEU A CD1 1 
ATOM   807  C CD2 . LEU A 1 102 ? -3.608  1.906   4.969   1.00   17.34 ?  99  LEU A CD2 1 
ATOM   808  N N   . GLU A 1 103 ? -8.532  3.550   4.589   1.00   14.78 ?  100 GLU A N   1 
ATOM   809  C CA  . GLU A 1 103 ? -9.803  2.924   4.850   1.00   13.51 ?  100 GLU A CA  1 
ATOM   810  C C   . GLU A 1 103 ? -9.758  1.532   4.238   1.00   16.97 ?  100 GLU A C   1 
ATOM   811  O O   . GLU A 1 103 ? -9.350  1.383   3.102   1.00   15.66 ?  100 GLU A O   1 
ATOM   812  C CB  . GLU A 1 103 ? -10.907 3.745   4.191   1.00   14.26 ?  100 GLU A CB  1 
ATOM   813  C CG  . GLU A 1 103 ? -12.217 3.014   4.089   1.00   17.74 ?  100 GLU A CG  1 
ATOM   814  C CD  . GLU A 1 103 ? -13.282 3.842   3.403   0.67   14.40 ?  100 GLU A CD  1 
ATOM   815  O OE1 . GLU A 1 103 ? -14.453 3.418   3.443   0.95   16.31 ?  100 GLU A OE1 1 
ATOM   816  O OE2 . GLU A 1 103 ? -12.949 4.909   2.830   1.00   12.38 ?  100 GLU A OE2 1 
ATOM   817  N N   . VAL A 1 104 ? -10.139 0.509   4.995   1.00   12.59 ?  101 VAL A N   1 
ATOM   818  C CA  . VAL A 1 104 ? -10.227 -0.829  4.426   1.00   10.71 ?  101 VAL A CA  1 
ATOM   819  C C   . VAL A 1 104 ? -11.601 -0.956  3.808   1.00   12.77 ?  101 VAL A C   1 
ATOM   820  O O   . VAL A 1 104 ? -12.607 -0.899  4.518   1.00   16.08 ?  101 VAL A O   1 
ATOM   821  C CB  . VAL A 1 104 ? -10.008 -1.919  5.499   1.00   13.39 ?  101 VAL A CB  1 
ATOM   822  C CG1 . VAL A 1 104 ? -10.132 -3.301  4.882   1.00   13.68 ?  101 VAL A CG1 1 
ATOM   823  C CG2 . VAL A 1 104 ? -8.649  -1.747  6.134   1.00   15.25 ?  101 VAL A CG2 1 
ATOM   824  N N   . LEU A 1 105 ? -11.655 -1.084  2.482   1.00   12.88 ?  102 LEU A N   1 
ATOM   825  C CA  . LEU A 1 105 ? -12.928 -1.166  1.765   1.00   10.32 ?  102 LEU A CA  1 
ATOM   826  C C   . LEU A 1 105 ? -13.482 -2.586  1.759   1.00   14.07 ?  102 LEU A C   1 
ATOM   827  O O   . LEU A 1 105 ? -14.687 -2.788  1.836   1.00   11.08 ?  102 LEU A O   1 
ATOM   828  C CB  . LEU A 1 105 ? -12.762 -0.697  0.322   1.00   12.84 ?  102 LEU A CB  1 
ATOM   829  C CG  . LEU A 1 105 ? -12.353 0.757   0.093   1.00   11.86 ?  102 LEU A CG  1 
ATOM   830  C CD1 . LEU A 1 105 ? -12.182 1.010   -1.407  1.00   12.25 ?  102 LEU A CD1 1 
ATOM   831  C CD2 . LEU A 1 105 ? -13.381 1.688   0.694   1.00   17.46 ?  102 LEU A CD2 1 
ATOM   832  N N   . LYS A 1 106 ? -12.599 -3.574  1.659   1.00   12.41 ?  103 LYS A N   1 
ATOM   833  C CA  . LYS A 1 106 ? -13.016 -4.972  1.682   1.00   8.97  ?  103 LYS A CA  1 
ATOM   834  C C   . LYS A 1 106 ? -12.005 -5.787  2.463   1.00   14.60 ?  103 LYS A C   1 
ATOM   835  O O   . LYS A 1 106 ? -10.800 -5.640  2.254   1.00   10.41 ?  103 LYS A O   1 
ATOM   836  C CB  . LYS A 1 106 ? -13.157 -5.536  0.257   1.00   13.17 ?  103 LYS A CB  1 
ATOM   837  C CG  . LYS A 1 106 ? -14.414 -5.101  -0.485  1.00   30.65 ?  103 LYS A CG  1 
ATOM   838  C CD  . LYS A 1 106 ? -14.639 -5.905  -1.775  1.00   25.55 ?  103 LYS A CD  1 
ATOM   839  C CE  . LYS A 1 106 ? -15.150 -7.310  -1.485  1.00   36.38 ?  103 LYS A CE  1 
ATOM   840  N NZ  . LYS A 1 106 ? -16.496 -7.291  -0.848  0.0000 27.69 ?  103 LYS A NZ  1 
ATOM   841  N N   . SER A 1 107 ? -12.482 -6.648  3.363   1.00   10.49 ?  104 SER A N   1 
ATOM   842  C CA  . SER A 1 107 ? -11.564 -7.395  4.224   1.00   8.09  ?  104 SER A CA  1 
ATOM   843  C C   . SER A 1 107 ? -10.807 -8.423  3.406   1.00   10.99 ?  104 SER A C   1 
ATOM   844  O O   . SER A 1 107 ? -11.272 -8.831  2.338   1.00   12.73 ?  104 SER A O   1 
ATOM   845  C CB  . SER A 1 107 ? -12.335 -8.112  5.323   1.00   16.98 ?  104 SER A CB  1 
ATOM   846  O OG  . SER A 1 107 ? -13.040 -9.197  4.759   1.00   15.88 ?  104 SER A OG  1 
ATOM   847  N N   . ALA A 1 108 ? -9.642  -8.834  3.907   1.00   9.55  ?  105 ALA A N   1 
ATOM   848  C CA  . ALA A 1 108 ? -8.863  -9.891  3.284   1.00   13.38 ?  105 ALA A CA  1 
ATOM   849  C C   . ALA A 1 108 ? -9.737  -11.116 3.041   1.00   11.67 ?  105 ALA A C   1 
ATOM   850  O O   . ALA A 1 108 ? -9.663  -11.732 1.992   1.00   13.70 ?  105 ALA A O   1 
ATOM   851  C CB  . ALA A 1 108 ? -7.688  -10.263 4.159   1.00   12.05 ?  105 ALA A CB  1 
ATOM   852  N N   . GLU A 1 109 ? -10.572 -11.445 4.021   1.00   12.66 ?  106 GLU A N   1 
ATOM   853  C CA  . GLU A 1 109 ? -11.430 -12.625 3.948   1.00   13.96 ?  106 GLU A CA  1 
ATOM   854  C C   . GLU A 1 109 ? -12.490 -12.477 2.860   1.00   13.33 ?  106 GLU A C   1 
ATOM   855  O O   . GLU A 1 109 ? -12.837 -13.447 2.196   1.00   15.72 ?  106 GLU A O   1 
ATOM   856  C CB  . GLU A 1 109 ? -12.089 -12.915 5.313   1.00   16.22 ?  106 GLU A CB  1 
ATOM   857  C CG  . GLU A 1 109 ? -11.107 -13.335 6.421   0.85   20.42 ?  106 GLU A CG  1 
ATOM   858  C CD  . GLU A 1 109 ? -10.291 -12.178 6.972   0.77   21.82 ?  106 GLU A CD  1 
ATOM   859  O OE1 . GLU A 1 109 ? -10.784 -11.035 6.922   1.00   15.10 ?  106 GLU A OE1 1 
ATOM   860  O OE2 . GLU A 1 109 ? -9.152  -12.411 7.446   0.81   21.42 ?  106 GLU A OE2 1 
ATOM   861  N N   . ALA A 1 110 ? -12.991 -11.261 2.663   1.00   15.28 ?  107 ALA A N   1 
ATOM   862  C CA  . ALA A 1 110 ? -14.013 -11.035 1.645   1.00   13.83 ?  107 ALA A CA  1 
ATOM   863  C C   . ALA A 1 110 ? -13.426 -10.982 0.226   1.00   16.02 ?  107 ALA A C   1 
ATOM   864  O O   . ALA A 1 110 ? -14.138 -11.179 -0.755  1.00   19.20 ?  107 ALA A O   1 
ATOM   865  C CB  . ALA A 1 110 ? -14.808 -9.764  1.948   1.00   13.88 ?  107 ALA A CB  1 
ATOM   866  N N   . VAL A 1 111 ? -12.126 -10.712 0.122   1.00   13.86 ?  108 VAL A N   1 
ATOM   867  C CA  . VAL A 1 111 ? -11.457 -10.664 -1.179  1.00   11.71 ?  108 VAL A CA  1 
ATOM   868  C C   . VAL A 1 111 ? -10.772 -12.012 -1.464  1.00   11.92 ?  108 VAL A C   1 
ATOM   869  O O   . VAL A 1 111 ? -11.020 -12.642 -2.495  1.00   17.77 ?  108 VAL A O   1 
ATOM   870  C CB  . VAL A 1 111 ? -10.413 -9.519  -1.239  1.00   10.56 ?  108 VAL A CB  1 
ATOM   871  C CG1 . VAL A 1 111 ? -9.812  -9.415  -2.622  1.00   10.23 ?  108 VAL A CG1 1 
ATOM   872  C CG2 . VAL A 1 111 ? -11.064 -8.193  -0.861  1.00   12.31 ?  108 VAL A CG2 1 
ATOM   873  N N   . GLY A 1 112 ? -9.897  -12.443 -0.560  1.00   11.66 ?  109 GLY A N   1 
ATOM   874  C CA  . GLY A 1 112 ? -9.410  -13.819 -0.576  1.00   16.91 ?  109 GLY A CA  1 
ATOM   875  C C   . GLY A 1 112 ? -8.278  -14.194 -1.521  1.00   15.12 ?  109 GLY A C   1 
ATOM   876  O O   . GLY A 1 112 ? -7.660  -15.241 -1.350  1.00   10.99 ?  109 GLY A O   1 
ATOM   877  N N   . VAL A 1 113 ? -8.006  -13.367 -2.528  1.00   13.85 ?  110 VAL A N   1 
ATOM   878  C CA  . VAL A 1 113 ? -6.973  -13.682 -3.518  1.00   13.94 ?  110 VAL A CA  1 
ATOM   879  C C   . VAL A 1 113 ? -6.275  -12.406 -3.975  1.00   12.42 ?  110 VAL A C   1 
ATOM   880  O O   . VAL A 1 113 ? -6.847  -11.313 -3.890  1.00   11.66 ?  110 VAL A O   1 
ATOM   881  C CB  . VAL A 1 113 ? -7.588  -14.314 -4.806  1.00   15.65 ?  110 VAL A CB  1 
ATOM   882  C CG1 . VAL A 1 113 ? -8.311  -15.614 -4.503  1.00   17.38 ?  110 VAL A CG1 1 
ATOM   883  C CG2 . VAL A 1 113 ? -8.541  -13.338 -5.441  1.00   21.24 ?  110 VAL A CG2 1 
ATOM   884  N N   . LYS A 1 114 ? -5.045  -12.545 -4.468  1.00   11.45 ?  111 LYS A N   1 
ATOM   885  C CA  . LYS A 1 114 ? -4.378  -11.444 -5.165  1.00   11.46 ?  111 LYS A CA  1 
ATOM   886  C C   . LYS A 1 114 ? -5.116  -11.157 -6.459  1.00   15.03 ?  111 LYS A C   1 
ATOM   887  O O   . LYS A 1 114 ? -5.395  -12.064 -7.246  1.00   13.73 ?  111 LYS A O   1 
ATOM   888  C CB  . LYS A 1 114 ? -2.912  -11.776 -5.486  1.00   18.33 ?  111 LYS A CB  1 
ATOM   889  C CG  . LYS A 1 114 ? -2.240  -10.695 -6.348  1.00   19.48 ?  111 LYS A CG  1 
ATOM   890  C CD  . LYS A 1 114 ? -0.729  -10.873 -6.493  1.00   22.97 ?  111 LYS A CD  1 
ATOM   891  C CE  . LYS A 1 114 ? -0.394  -12.038 -7.398  1.00   25.12 ?  111 LYS A CE  1 
ATOM   892  N NZ  . LYS A 1 114 ? 1.076   -12.074 -7.697  0.70   22.82 ?  111 LYS A NZ  1 
ATOM   893  N N   . ILE A 1 115 ? -5.432  -9.887  -6.672  1.00   10.79 ?  112 ILE A N   1 
ATOM   894  C CA  . ILE A 1 115 ? -6.213  -9.467  -7.825  1.00   11.44 ?  112 ILE A CA  1 
ATOM   895  C C   . ILE A 1 115 ? -5.287  -9.211  -9.008  1.00   13.66 ?  112 ILE A C   1 
ATOM   896  O O   . ILE A 1 115 ? -4.255  -8.549  -8.866  1.00   11.32 ?  112 ILE A O   1 
ATOM   897  C CB  . ILE A 1 115 ? -7.038  -8.199  -7.480  1.00   10.04 ?  112 ILE A CB  1 
ATOM   898  C CG1 . ILE A 1 115 ? -8.159  -8.547  -6.496  1.00   10.97 ?  112 ILE A CG1 1 
ATOM   899  C CG2 . ILE A 1 115 ? -7.623  -7.564  -8.728  1.00   11.66 ?  112 ILE A CG2 1 
ATOM   900  C CD1 . ILE A 1 115 ? -8.784  -7.332  -5.827  1.00   12.21 ?  112 ILE A CD1 1 
ATOM   901  N N   . GLY A 1 116 ? -5.649  -9.765  -10.163 1.00   12.69 ?  113 GLY A N   1 
ATOM   902  C CA  . GLY A 1 116 ? -4.880  -9.584  -11.383 1.00   14.81 ?  113 GLY A CA  1 
ATOM   903  C C   . GLY A 1 116 ? -3.475  -10.146 -11.319 1.00   18.67 ?  113 GLY A C   1 
ATOM   904  O O   . GLY A 1 116 ? -3.156  -11.006 -10.489 1.00   16.62 ?  113 GLY A O   1 
ATOM   905  N N   . ASN A 1 117 ? -2.625  -9.644  -12.203 1.00   16.83 ?  114 ASN A N   1 
ATOM   906  C CA  A ASN A 1 117 ? -1.228  -10.051 -12.230 0.57   18.13 ?  114 ASN A CA  1 
ATOM   907  C CA  B ASN A 1 117 ? -1.230  -10.056 -12.253 0.43   18.15 ?  114 ASN A CA  1 
ATOM   908  C C   . ASN A 1 117 ? -0.285  -8.856  -12.277 0.88   15.93 ?  114 ASN A C   1 
ATOM   909  O O   . ASN A 1 117 ? 0.450   -8.662  -13.246 1.00   19.17 ?  114 ASN A O   1 
ATOM   910  C CB  A ASN A 1 117 ? -0.972  -11.006 -13.394 0.57   22.82 ?  114 ASN A CB  1 
ATOM   911  C CB  B ASN A 1 117 ? -0.990  -10.937 -13.482 0.43   22.75 ?  114 ASN A CB  1 
ATOM   912  C CG  A ASN A 1 117 ? -1.745  -12.302 -13.250 0.57   23.53 ?  114 ASN A CG  1 
ATOM   913  C CG  B ASN A 1 117 ? 0.348   -11.652 -13.440 0.43   21.72 ?  114 ASN A CG  1 
ATOM   914  O OD1 A ASN A 1 117 ? -1.272  -13.256 -12.635 0.57   27.31 ?  114 ASN A OD1 1 
ATOM   915  O OD1 B ASN A 1 117 ? 0.998   -11.720 -12.396 0.43   20.49 ?  114 ASN A OD1 1 
ATOM   916  N ND2 A ASN A 1 117 ? -2.957  -12.329 -13.791 0.57   27.43 ?  114 ASN A ND2 1 
ATOM   917  N ND2 B ASN A 1 117 ? 0.766   -12.190 -14.580 0.43   23.74 ?  114 ASN A ND2 1 
ATOM   918  N N   . PRO A 1 118 ? -0.297  -8.048  -11.205 1.00   14.49 ?  115 PRO A N   1 
ATOM   919  C CA  . PRO A 1 118 ? 0.556   -6.860  -11.149 1.00   11.07 ?  115 PRO A CA  1 
ATOM   920  C C   . PRO A 1 118 ? 2.043   -7.224  -11.216 0.88   14.55 ?  115 PRO A C   1 
ATOM   921  O O   . PRO A 1 118 ? 2.435   -8.275  -10.717 1.00   14.22 ?  115 PRO A O   1 
ATOM   922  C CB  . PRO A 1 118 ? 0.213   -6.255  -9.784  1.00   11.63 ?  115 PRO A CB  1 
ATOM   923  C CG  . PRO A 1 118 ? -0.235  -7.423  -8.958  1.00   10.85 ?  115 PRO A CG  1 
ATOM   924  C CD  . PRO A 1 118 ? -0.980  -8.302  -9.916  1.00   13.12 ?  115 PRO A CD  1 
ATOM   925  N N   . VAL A 1 119 ? 2.858   -6.371  -11.831 1.00   18.64 ?  116 VAL A N   1 
ATOM   926  C CA  . VAL A 1 119 ? 4.300   -6.606  -11.879 1.00   17.42 ?  116 VAL A CA  1 
ATOM   927  C C   . VAL A 1 119 ? 5.026   -5.576  -11.044 1.00   12.68 ?  116 VAL A C   1 
ATOM   928  O O   . VAL A 1 119 ? 4.569   -4.436  -10.930 1.00   14.89 ?  116 VAL A O   1 
ATOM   929  C CB  . VAL A 1 119 ? 4.855   -6.554  -13.322 1.00   21.95 ?  116 VAL A CB  1 
ATOM   930  C CG1 . VAL A 1 119 ? 4.199   -7.631  -14.182 1.00   27.37 ?  116 VAL A CG1 1 
ATOM   931  C CG2 . VAL A 1 119 ? 4.641   -5.187  -13.925 1.00   21.32 ?  116 VAL A CG2 1 
ATOM   932  N N   . PRO A 1 120 ? 6.165   -5.963  -10.459 1.00   14.53 ?  117 PRO A N   1 
ATOM   933  C CA  . PRO A 1 120 ? 6.894   -5.040  -9.595  1.00   14.16 ?  117 PRO A CA  1 
ATOM   934  C C   . PRO A 1 120 ? 7.250   -3.757  -10.314 0.79   19.83 ?  117 PRO A C   1 
ATOM   935  O O   . PRO A 1 120 ? 7.758   -3.783  -11.434 1.00   21.97 ?  117 PRO A O   1 
ATOM   936  C CB  . PRO A 1 120 ? 8.158   -5.820  -9.243  1.00   24.22 ?  117 PRO A CB  1 
ATOM   937  C CG  . PRO A 1 120 ? 7.741   -7.237  -9.338  1.00   17.09 ?  117 PRO A CG  1 
ATOM   938  C CD  . PRO A 1 120 ? 6.794   -7.297  -10.484 1.00   18.45 ?  117 PRO A CD  1 
ATOM   939  N N   . TYR A 1 121 ? 6.940   -2.638  -9.676  1.00   15.98 ?  118 TYR A N   1 
ATOM   940  C CA  . TYR A 1 121 ? 7.352   -1.351  -10.181 1.00   17.16 ?  118 TYR A CA  1 
ATOM   941  C C   . TYR A 1 121 ? 8.828   -1.192  -9.826  1.00   19.44 ?  118 TYR A C   1 
ATOM   942  O O   . TYR A 1 121 ? 9.238   -1.485  -8.714  1.00   22.15 ?  118 TYR A O   1 
ATOM   943  C CB  . TYR A 1 121 ? 6.535   -0.239  -9.531  1.00   16.07 ?  118 TYR A CB  1 
ATOM   944  C CG  . TYR A 1 121 ? 6.764   1.095   -10.176 1.00   16.80 ?  118 TYR A CG  1 
ATOM   945  C CD1 . TYR A 1 121 ? 6.033   1.478   -11.286 1.00   18.09 ?  118 TYR A CD1 1 
ATOM   946  C CD2 . TYR A 1 121 ? 7.730   1.967   -9.688  1.00   20.43 ?  118 TYR A CD2 1 
ATOM   947  C CE1 . TYR A 1 121 ? 6.246   2.696   -11.889 1.00   21.80 ?  118 TYR A CE1 1 
ATOM   948  C CE2 . TYR A 1 121 ? 7.949   3.188   -10.285 1.00   19.90 ?  118 TYR A CE2 1 
ATOM   949  C CZ  . TYR A 1 121 ? 7.208   3.541   -11.386 1.00   24.10 ?  118 TYR A CZ  1 
ATOM   950  O OH  . TYR A 1 121 ? 7.421   4.750   -11.993 1.00   27.97 ?  118 TYR A OH  1 
ATOM   951  N N   . ASN A 1 122 ? 9.635   -0.744  -10.770 1.00   21.65 ?  119 ASN A N   1 
ATOM   952  C CA  . ASN A 1 122 ? 11.034  -0.519  -10.444 0.74   26.38 ?  119 ASN A CA  1 
ATOM   953  C C   . ASN A 1 122 ? 11.357  0.968   -10.385 1.00   31.70 ?  119 ASN A C   1 
ATOM   954  O O   . ASN A 1 122 ? 11.410  1.625   -11.428 1.00   30.80 ?  119 ASN A O   1 
ATOM   955  C CB  . ASN A 1 122 ? 11.943  -1.215  -11.458 1.00   41.62 ?  119 ASN A CB  1 
ATOM   956  C CG  . ASN A 1 122 ? 11.931  -2.729  -11.317 0.0000 30.31 ?  119 ASN A CG  1 
ATOM   957  O OD1 . ASN A 1 122 ? 12.122  -3.275  -10.224 1.00   38.55 ?  119 ASN A OD1 1 
ATOM   958  N ND2 . ASN A 1 122 ? 11.704  -3.416  -12.430 1.00   34.95 ?  119 ASN A ND2 1 
ATOM   959  N N   . GLU A 1 123 ? 11.536  1.494   -9.170  1.00   23.58 ?  120 GLU A N   1 
ATOM   960  C CA  A GLU A 1 123 ? 11.984  2.881   -8.988  0.36   32.37 ?  120 GLU A CA  1 
ATOM   961  C CA  B GLU A 1 123 ? 11.969  2.877   -8.967  0.64   32.45 ?  120 GLU A CA  1 
ATOM   962  C C   . GLU A 1 123 ? 11.186  3.899   -9.804  0.0000 30.71 ?  120 GLU A C   1 
ATOM   963  O O   . GLU A 1 123 ? 11.024  5.064   -9.407  1.00   42.23 ?  120 GLU A O   1 
ATOM   964  C CB  A GLU A 1 123 ? 13.475  3.013   -9.322  0.36   28.96 ?  120 GLU A CB  1 
ATOM   965  C CB  B GLU A 1 123 ? 13.479  2.972   -9.222  0.64   28.94 ?  120 GLU A CB  1 
ATOM   966  C CG  A GLU A 1 123 ? 14.390  2.318   -8.337  0.36   26.89 ?  120 GLU A CG  1 
ATOM   967  C CG  B GLU A 1 123 ? 13.958  4.250   -9.865  0.64   31.92 ?  120 GLU A CG  1 
ATOM   968  C CD  A GLU A 1 123 ? 14.068  2.683   -6.899  0.36   30.54 ?  120 GLU A CD  1 
ATOM   969  C CD  B GLU A 1 123 ? 15.091  3.984   -10.830 0.64   35.29 ?  120 GLU A CD  1 
ATOM   970  O OE1 A GLU A 1 123 ? 14.386  3.817   -6.479  0.36   22.35 ?  120 GLU A OE1 1 
ATOM   971  O OE1 B GLU A 1 123 ? 15.568  4.940   -11.467 0.64   24.44 ?  120 GLU A OE1 1 
ATOM   972  O OE2 A GLU A 1 123 ? 13.480  1.839   -6.190  0.36   29.71 ?  120 GLU A OE2 1 
ATOM   973  O OE2 B GLU A 1 123 ? 15.497  2.805   -10.950 0.64   29.48 ?  120 GLU A OE2 1 
HETATM 974  C C01 . 1XT B 2 .   ? 4.373   8.536   11.150  1.00   42.60 ?  201 1XT A C01 1 
HETATM 975  O O02 . 1XT B 2 .   ? 3.345   9.245   11.356  1.00   37.26 -1 201 1XT A O02 1 
HETATM 976  O O03 . 1XT B 2 .   ? 4.520   7.415   11.720  1.00   25.97 ?  201 1XT A O03 1 
HETATM 977  C C04 . 1XT B 2 .   ? 5.452   9.005   10.230  1.00   42.74 ?  201 1XT A C04 1 
HETATM 978  C C05 . 1XT B 2 .   ? 5.565   10.261  9.615   1.00   39.98 ?  201 1XT A C05 1 
HETATM 979  C C06 . 1XT B 2 .   ? 6.774   10.187  8.848   1.00   31.88 ?  201 1XT A C06 1 
HETATM 980  C C07 . 1XT B 2 .   ? 7.283   8.900   9.074   1.00   33.28 ?  201 1XT A C07 1 
HETATM 981  O O08 . 1XT B 2 .   ? 6.472   8.255   9.878   1.00   43.95 ?  201 1XT A O08 1 
HETATM 982  C C09 . 1XT B 2 .   ? 8.527   8.311   8.496   1.00   41.01 ?  201 1XT A C09 1 
HETATM 983  C C10 . 1XT B 2 .   ? 8.756   6.944   8.620   1.00   45.18 ?  201 1XT A C10 1 
HETATM 984  C C11 . 1XT B 2 .   ? 9.906   6.386   8.083   1.00   41.09 ?  201 1XT A C11 1 
HETATM 985  C C12 . 1XT B 2 .   ? 10.817  7.197   7.419   1.00   44.16 ?  201 1XT A C12 1 
HETATM 986  C C13 . 1XT B 2 .   ? 10.587  8.558   7.294   1.00   46.91 ?  201 1XT A C13 1 
HETATM 987  C C14 . 1XT B 2 .   ? 9.441   9.118   7.837   1.00   46.70 ?  201 1XT A C14 1 
HETATM 988  C C15 . 1XT B 2 .   ? 12.057  6.612   6.831   0.83   47.43 ?  201 1XT A C15 1 
HETATM 989  O O16 . 1XT B 2 .   ? 12.795  5.752   7.616   0.35   41.55 ?  201 1XT A O16 1 
HETATM 990  C C17 . 1XT B 2 .   ? 12.863  4.429   7.248   1.00   42.06 ?  201 1XT A C17 1 
HETATM 991  C C18 . 1XT B 2 .   ? 13.308  4.088   5.982   0.89   39.37 ?  201 1XT A C18 1 
HETATM 992  C C19 . 1XT B 2 .   ? 13.389  2.755   5.601   0.87   41.32 ?  201 1XT A C19 1 
HETATM 993  C C20 . 1XT B 2 .   ? 13.026  1.760   6.493   0.95   39.45 ?  201 1XT A C20 1 
HETATM 994  C C21 . 1XT B 2 .   ? 12.581  2.111   7.760   0.05   40.41 ?  201 1XT A C21 1 
HETATM 995  C C22 . 1XT B 2 .   ? 12.495  3.440   8.145   0.89   42.87 ?  201 1XT A C22 1 
HETATM 996  C C23 . 1XT B 2 .   ? 13.087  0.310   6.122   0.75   40.93 ?  201 1XT A C23 1 
HETATM 997  C C24 . 1XT B 2 .   ? 13.614  -0.736  6.934   0.77   44.35 ?  201 1XT A C24 1 
HETATM 998  C C25 . 1XT B 2 .   ? 13.442  -1.919  6.166   0.65   44.88 ?  201 1XT A C25 1 
HETATM 999  N N26 . 1XT B 2 .   ? 12.860  -1.565  5.034   0.52   40.46 ?  201 1XT A N26 1 
HETATM 1000 N N27 . 1XT B 2 .   ? 12.645  -0.264  4.999   0.08   38.80 ?  201 1XT A N27 1 
HETATM 1001 C C28 . 1XT B 2 .   ? 12.027  0.361   3.876   0.89   35.19 ?  201 1XT A C28 1 
HETATM 1002 C C29 . 1XT B 2 .   ? 12.810  0.858   2.846   0.55   38.66 ?  201 1XT A C29 1 
HETATM 1003 C C30 . 1XT B 2 .   ? 12.206  1.446   1.747   0.96   34.74 ?  201 1XT A C30 1 
HETATM 1004 C C31 . 1XT B 2 .   ? 10.827  1.526   1.682   0.52   29.28 ?  201 1XT A C31 1 
HETATM 1005 C C32 . 1XT B 2 .   ? 10.040  1.023   2.707   0.46   27.08 ?  201 1XT A C32 1 
HETATM 1006 C C33 . 1XT B 2 .   ? 10.643  0.432   3.805   0.78   33.44 ?  201 1XT A C33 1 
HETATM 1007 C C34 . 1XT B 2 .   ? 13.046  1.994   0.639   0.73   37.83 ?  201 1XT A C34 1 
HETATM 1008 C C35 . 1XT B 2 .   ? 13.816  -3.317  6.526   0.57   44.16 ?  201 1XT A C35 1 
HETATM 1009 O O36 . 1XT B 2 .   ? 12.955  -4.228  6.395   0.96   49.64 -1 201 1XT A O36 1 
HETATM 1010 O O37 . 1XT B 2 .   ? 14.974  -3.584  6.940   0.45   45.25 ?  201 1XT A O37 1 
HETATM 1011 O O   . HOH C 3 .   ? -9.257  -0.047  -12.613 1.00   10.71 ?  301 HOH A O   1 
HETATM 1012 O O   . HOH C 3 .   ? -3.407  -7.200  -6.865  1.00   11.36 ?  302 HOH A O   1 
HETATM 1013 O O   . HOH C 3 .   ? 4.069   1.418   11.160  1.00   12.95 ?  303 HOH A O   1 
HETATM 1014 O O   . HOH C 3 .   ? 1.030   1.772   -11.736 1.00   14.31 ?  304 HOH A O   1 
HETATM 1015 O O   . HOH C 3 .   ? -2.454  12.460  0.354   1.00   19.49 ?  305 HOH A O   1 
HETATM 1016 O O   . HOH C 3 .   ? -15.262 -6.755  3.670   1.00   16.65 ?  306 HOH A O   1 
HETATM 1017 O O   . HOH C 3 .   ? -8.349  -7.686  6.288   1.00   14.81 ?  307 HOH A O   1 
HETATM 1018 O O   . HOH C 3 .   ? 6.967   -4.783  -5.843  1.00   19.43 ?  308 HOH A O   1 
HETATM 1019 O O   . HOH C 3 .   ? 19.701  6.050   2.725   1.00   16.46 ?  309 HOH A O   1 
HETATM 1020 O O   . HOH C 3 .   ? 1.171   -10.387 5.568   1.00   25.36 ?  310 HOH A O   1 
HETATM 1021 O O   . HOH C 3 .   ? 16.420  11.759  3.774   1.00   16.15 ?  311 HOH A O   1 
HETATM 1022 O O   . HOH C 3 .   ? -7.616  -13.589 2.440   1.00   19.66 ?  312 HOH A O   1 
HETATM 1023 O O   . HOH C 3 .   ? -10.095 -3.872  20.034  1.00   18.35 ?  313 HOH A O   1 
HETATM 1024 O O   . HOH C 3 .   ? -14.013 -14.387 0.012   1.00   20.82 ?  314 HOH A O   1 
HETATM 1025 O O   . HOH C 3 .   ? -0.219  6.257   -14.316 1.00   18.39 ?  315 HOH A O   1 
HETATM 1026 O O   . HOH C 3 .   ? 8.885   -3.234  -6.973  1.00   19.01 ?  316 HOH A O   1 
HETATM 1027 O O   . HOH C 3 .   ? -10.732 -4.005  16.024  1.00   19.97 ?  317 HOH A O   1 
HETATM 1028 O O   . HOH C 3 .   ? 13.694  6.966   -5.862  1.00   19.43 ?  318 HOH A O   1 
HETATM 1029 O O   . HOH C 3 .   ? -1.287  -9.935  6.744   1.00   17.42 ?  319 HOH A O   1 
HETATM 1030 O O   . HOH C 3 .   ? 16.000  6.931   -11.202 1.00   25.31 ?  320 HOH A O   1 
HETATM 1031 O O   . HOH C 3 .   ? 9.360   8.541   -7.157  1.00   25.60 ?  321 HOH A O   1 
HETATM 1032 O O   . HOH C 3 .   ? 1.205   -10.942 -10.045 1.00   28.82 ?  322 HOH A O   1 
HETATM 1033 O O   . HOH C 3 .   ? -15.224 1.024   4.432   1.00   19.65 ?  323 HOH A O   1 
HETATM 1034 O O   . HOH C 3 .   ? 3.172   -9.788  -5.647  1.00   23.29 ?  324 HOH A O   1 
HETATM 1035 O O   . HOH C 3 .   ? 9.205   -1.562  -4.601  1.00   22.87 ?  325 HOH A O   1 
HETATM 1036 O O   . HOH C 3 .   ? -3.599  -13.507 -8.647  1.00   25.67 ?  326 HOH A O   1 
HETATM 1037 O O   . HOH C 3 .   ? -14.580 -4.193  -11.140 1.00   26.79 ?  327 HOH A O   1 
HETATM 1038 O O   . HOH C 3 .   ? 7.321   10.074  -5.749  1.00   28.77 ?  328 HOH A O   1 
HETATM 1039 O O   . HOH C 3 .   ? 13.026  7.851   -12.625 1.00   23.20 ?  329 HOH A O   1 
HETATM 1040 O O   . HOH C 3 .   ? 5.031   -8.246  -6.783  1.00   23.56 ?  330 HOH A O   1 
HETATM 1041 O O   . HOH C 3 .   ? 2.461   1.868   -14.885 1.00   22.49 ?  331 HOH A O   1 
HETATM 1042 O O   . HOH C 3 .   ? -11.148 -5.444  7.702   1.00   28.73 ?  332 HOH A O   1 
HETATM 1043 O O   . HOH C 3 .   ? -14.784 6.958   4.211   1.00   26.39 ?  333 HOH A O   1 
HETATM 1044 O O   . HOH C 3 .   ? 8.776   -6.564  -4.772  1.00   25.84 ?  334 HOH A O   1 
HETATM 1045 O O   . HOH C 3 .   ? -4.479  -15.423 -5.074  1.00   27.03 ?  335 HOH A O   1 
HETATM 1046 O O   . HOH C 3 .   ? 2.317   16.701  -13.130 1.00   35.86 ?  336 HOH A O   1 
HETATM 1047 O O   . HOH C 3 .   ? -4.786  11.717  -0.523  1.00   34.38 ?  337 HOH A O   1 
HETATM 1048 O O   . HOH C 3 .   ? -16.734 -12.960 0.057   1.00   26.00 ?  338 HOH A O   1 
HETATM 1049 O O   . HOH C 3 .   ? 5.951   -0.781  -14.731 1.00   25.64 ?  339 HOH A O   1 
HETATM 1050 O O   . HOH C 3 .   ? -2.778  -7.803  9.850   1.00   21.56 ?  340 HOH A O   1 
HETATM 1051 O O   . HOH C 3 .   ? 12.268  8.334   -10.202 1.00   25.56 ?  341 HOH A O   1 
HETATM 1052 O O   . HOH C 3 .   ? 22.367  6.014   3.133   1.00   25.88 ?  342 HOH A O   1 
HETATM 1053 O O   . HOH C 3 .   ? 9.178   -5.746  -12.893 1.00   25.30 ?  343 HOH A O   1 
HETATM 1054 O O   . HOH C 3 .   ? 4.980   2.964   -15.553 1.00   31.90 ?  344 HOH A O   1 
HETATM 1055 O O   . HOH C 3 .   ? 9.310   5.854   -11.346 1.00   26.97 ?  345 HOH A O   1 
HETATM 1056 O O   . HOH C 3 .   ? 24.751  7.808   3.044   1.00   32.57 ?  346 HOH A O   1 
HETATM 1057 O O   . HOH C 3 .   ? 5.710   -6.064  3.041   1.00   23.35 ?  347 HOH A O   1 
HETATM 1058 O O   . HOH C 3 .   ? -1.704  -8.671  17.082  1.00   30.58 ?  348 HOH A O   1 
HETATM 1059 O O   . HOH C 3 .   ? 10.144  10.130  -10.300 1.00   30.80 ?  349 HOH A O   1 
HETATM 1060 O O   . HOH C 3 .   ? 9.947   12.459  -8.961  1.00   21.67 ?  350 HOH A O   1 
HETATM 1061 O O   . HOH C 3 .   ? -16.857 -11.376 -1.508  1.00   32.05 ?  351 HOH A O   1 
HETATM 1062 O O   . HOH C 3 .   ? -9.670  -9.116  8.231   1.00   26.35 ?  352 HOH A O   1 
HETATM 1063 O O   . HOH C 3 .   ? 14.055  7.861   -8.635  1.00   22.42 ?  353 HOH A O   1 
HETATM 1064 O O   . HOH C 3 .   ? 4.625   13.766  -0.258  1.00   25.87 ?  354 HOH A O   1 
HETATM 1065 O O   . HOH C 3 .   ? 12.380  3.977   -4.728  1.00   31.59 ?  355 HOH A O   1 
HETATM 1066 O O   . HOH C 3 .   ? -5.564  -9.499  16.719  1.00   29.51 ?  356 HOH A O   1 
HETATM 1067 O O   . HOH C 3 .   ? -4.840  -12.115 5.087   1.00   25.90 ?  357 HOH A O   1 
HETATM 1068 O O   . HOH C 3 .   ? 18.684  4.483   -5.025  1.00   36.41 ?  358 HOH A O   1 
HETATM 1069 O O   . HOH C 3 .   ? -1.408  -14.042 0.959   1.00   34.16 ?  359 HOH A O   1 
HETATM 1070 O O   . HOH C 3 .   ? 2.170   -0.335  17.768  1.00   24.54 ?  360 HOH A O   1 
HETATM 1071 O O   . HOH C 3 .   ? 10.873  14.516  -7.910  1.00   26.32 ?  361 HOH A O   1 
HETATM 1072 O O   . HOH C 3 .   ? -1.246  19.236  -3.971  1.00   32.11 ?  362 HOH A O   1 
HETATM 1073 O O   . HOH C 3 .   ? -1.159  -11.676 -0.942  1.00   29.62 ?  363 HOH A O   1 
HETATM 1074 O O   . HOH C 3 .   ? -11.493 -8.160  -15.721 1.00   36.03 ?  364 HOH A O   1 
HETATM 1075 O O   . HOH C 3 .   ? 0.817   -6.168  -14.734 1.00   28.76 ?  365 HOH A O   1 
HETATM 1076 O O   . HOH C 3 .   ? -8.944  12.606  4.797   1.00   33.14 ?  366 HOH A O   1 
HETATM 1077 O O   . HOH C 3 .   ? 8.714   -3.717  14.113  1.00   24.74 ?  367 HOH A O   1 
HETATM 1078 O O   . HOH C 3 .   ? -2.880  4.384   17.112  1.00   37.89 ?  368 HOH A O   1 
HETATM 1079 O O   . HOH C 3 .   ? -16.404 -8.544  5.410   1.00   29.72 ?  369 HOH A O   1 
HETATM 1080 O O   . HOH C 3 .   ? -13.034 -14.575 -1.863  1.00   23.93 ?  370 HOH A O   1 
HETATM 1081 O O   . HOH C 3 .   ? 11.095  6.438   -6.360  1.00   33.45 ?  371 HOH A O   1 
HETATM 1082 O O   . HOH C 3 .   ? -0.313  -12.926 -3.086  1.00   29.96 ?  372 HOH A O   1 
HETATM 1083 O O   . HOH C 3 .   ? 7.314   -10.684 -3.779  1.00   38.98 ?  373 HOH A O   1 
HETATM 1084 O O   . HOH C 3 .   ? 7.178   -9.315  -5.213  1.00   33.32 ?  374 HOH A O   1 
HETATM 1085 O O   . HOH C 3 .   ? -3.849  -8.233  -14.178 1.00   34.58 ?  375 HOH A O   1 
HETATM 1086 O O   . HOH C 3 .   ? -11.637 -6.341  19.694  1.00   30.98 ?  376 HOH A O   1 
HETATM 1087 O O   . HOH C 3 .   ? 7.107   12.419  -5.103  1.00   28.08 ?  377 HOH A O   1 
HETATM 1088 O O   . HOH C 3 .   ? -14.885 -10.554 6.132   1.00   25.56 ?  378 HOH A O   1 
HETATM 1089 O O   . HOH C 3 .   ? 0.580   3.561   -15.728 1.00   33.19 ?  379 HOH A O   1 
HETATM 1090 O O   . HOH C 3 .   ? 7.231   -0.861  -16.497 1.00   32.66 ?  380 HOH A O   1 
HETATM 1091 O O   . HOH C 3 .   ? 6.594   -11.189 4.682   1.00   31.45 ?  381 HOH A O   1 
HETATM 1092 O O   . HOH C 3 .   ? -2.479  -12.253 6.655   1.00   29.56 ?  382 HOH A O   1 
HETATM 1093 O O   . HOH C 3 .   ? -1.152  19.697  -1.790  1.00   37.50 ?  383 HOH A O   1 
HETATM 1094 O O   . HOH C 3 .   ? 7.380   12.333  -8.935  1.00   36.60 ?  384 HOH A O   1 
HETATM 1095 O O   . HOH C 3 .   ? 0.786   8.626   -14.021 1.00   40.02 ?  385 HOH A O   1 
HETATM 1096 O O   . HOH C 3 .   ? -2.887  -14.647 -3.409  1.00   40.58 ?  386 HOH A O   1 
HETATM 1097 O O   . HOH C 3 .   ? -10.884 11.351  1.467   1.00   32.74 ?  387 HOH A O   1 
HETATM 1098 O O   . HOH C 3 .   ? -10.106 -7.235  21.416  1.00   38.53 ?  388 HOH A O   1 
HETATM 1099 O O   . HOH C 3 .   ? -3.151  14.936  1.140   1.00   33.04 ?  389 HOH A O   1 
HETATM 1100 O O   . HOH C 3 .   ? -13.495 -8.337  -4.277  1.00   42.00 ?  390 HOH A O   1 
HETATM 1101 O O   . HOH C 3 .   ? -8.810  12.834  -5.024  1.00   31.92 ?  391 HOH A O   1 
HETATM 1102 O O   . HOH C 3 .   ? 7.584   -6.639  1.140   1.00   37.90 ?  392 HOH A O   1 
HETATM 1103 O O   . HOH C 3 .   ? -14.586 -10.708 -4.630  1.00   39.50 ?  393 HOH A O   1 
HETATM 1104 O O   . HOH C 3 .   ? 8.289   -6.998  -0.960  1.00   36.88 ?  394 HOH A O   1 
HETATM 1105 O O   . HOH C 3 .   ? 3.492   11.997  12.081  1.00   36.25 ?  395 HOH A O   1 
HETATM 1106 O O   . HOH C 3 .   ? -16.442 -0.695  2.456   1.00   34.72 ?  396 HOH A O   1 
HETATM 1107 O O   . HOH C 3 .   ? 0.832   13.076  12.049  1.00   45.62 ?  397 HOH A O   1 
HETATM 1108 O O   . HOH C 3 .   ? -9.579  -10.796 10.684  1.00   39.10 ?  398 HOH A O   1 
HETATM 1109 O O   . HOH C 3 .   ? -13.405 -10.888 8.049   1.00   33.91 ?  399 HOH A O   1 
HETATM 1110 O O   . HOH C 3 .   ? -3.982  -15.558 -1.903  1.00   38.61 ?  400 HOH A O   1 
HETATM 1111 O O   . HOH C 3 .   ? 6.520   6.690   16.067  1.00   35.28 ?  401 HOH A O   1 
HETATM 1112 O O   . HOH C 3 .   ? 0.824   13.439  14.572  1.00   36.25 ?  402 HOH A O   1 
HETATM 1113 O O   . HOH C 3 .   ? -10.677 -6.536  14.616  1.00   37.99 ?  403 HOH A O   1 
HETATM 1114 O O   . HOH C 3 .   ? -11.972 -7.649  9.048   1.00   33.42 ?  404 HOH A O   1 
HETATM 1115 O O   . HOH C 3 .   ? -1.825  2.959   -16.988 1.00   30.29 ?  405 HOH A O   1 
HETATM 1116 O O   . HOH C 3 .   ? 14.973  -2.934  24.807  1.00   33.18 ?  406 HOH A O   1 
HETATM 1117 O O   . HOH C 3 .   ? -4.159  2.866   -16.170 1.00   40.46 ?  407 HOH A O   1 
HETATM 1118 O O   . HOH C 3 .   ? -12.971 -10.466 -16.404 1.00   38.74 ?  408 HOH A O   1 
HETATM 1119 O O   . HOH C 3 .   ? -4.428  14.591  -8.872  1.00   39.01 ?  409 HOH A O   1 
HETATM 1120 O O   . HOH C 3 .   ? 8.559   -10.822 -9.839  1.00   32.25 ?  410 HOH A O   1 
HETATM 1121 O O   . HOH C 3 .   ? 9.017   -9.953  -12.128 1.00   33.74 ?  411 HOH A O   1 
HETATM 1122 O O   . HOH C 3 .   ? 6.843   13.960  -13.733 1.00   42.03 ?  412 HOH A O   1 
HETATM 1123 O O   . HOH C 3 .   ? 16.225  5.256   -6.602  1.00   20.91 ?  413 HOH A O   1 
HETATM 1124 O O   . HOH C 3 .   ? 4.377   -9.497  -9.033  1.00   37.28 ?  414 HOH A O   1 
HETATM 1125 O O   . HOH C 3 .   ? -6.396  14.110  2.774   1.00   37.92 ?  415 HOH A O   1 
HETATM 1126 O O   . HOH C 3 .   ? -4.421  -2.783  19.039  1.00   26.33 ?  416 HOH A O   1 
HETATM 1127 O O   . HOH C 3 .   ? 1.533   8.093   13.161  1.00   27.71 ?  417 HOH A O   1 
HETATM 1128 O O   . HOH C 3 .   ? -2.141  15.906  -8.473  1.00   37.32 ?  418 HOH A O   1 
HETATM 1129 O O   . HOH C 3 .   ? -9.385  -7.395  23.273  1.00   44.24 ?  419 HOH A O   1 
HETATM 1130 O O   . HOH C 3 .   ? 1.961   16.764  -15.848 1.00   44.00 ?  420 HOH A O   1 
HETATM 1131 O O   . HOH C 3 .   ? 18.267  7.990   4.735   1.00   21.52 ?  421 HOH A O   1 
HETATM 1132 O O   . HOH C 3 .   ? 14.800  -1.145  -1.443  1.00   43.55 ?  422 HOH A O   1 
HETATM 1133 O O   . HOH C 3 .   ? 10.463  0.234   -4.945  1.00   35.47 ?  423 HOH A O   1 
HETATM 1134 O O   . HOH C 3 .   ? 11.310  -7.004  7.424   1.00   28.70 ?  424 HOH A O   1 
HETATM 1135 O O   . HOH C 3 .   ? -8.106  -13.046 12.117  1.00   42.64 ?  425 HOH A O   1 
HETATM 1136 O O   . HOH C 3 .   ? -15.992 -5.688  -9.228  1.00   40.14 ?  426 HOH A O   1 
HETATM 1137 O O   . HOH C 3 .   ? -5.039  -12.033 9.700   1.00   41.40 ?  427 HOH A O   1 
HETATM 1138 O O   . HOH C 3 .   ? 5.349   8.343   14.645  1.00   40.57 ?  428 HOH A O   1 
HETATM 1139 O O   . HOH C 3 .   ? -2.583  -10.216 9.596   1.00   46.76 ?  429 HOH A O   1 
# 
loop_
_pdbx_poly_seq_scheme.asym_id 
_pdbx_poly_seq_scheme.entity_id 
_pdbx_poly_seq_scheme.seq_id 
_pdbx_poly_seq_scheme.mon_id 
_pdbx_poly_seq_scheme.ndb_seq_num 
_pdbx_poly_seq_scheme.pdb_seq_num 
_pdbx_poly_seq_scheme.auth_seq_num 
_pdbx_poly_seq_scheme.pdb_mon_id 
_pdbx_poly_seq_scheme.auth_mon_id 
_pdbx_poly_seq_scheme.pdb_strand_id 
_pdbx_poly_seq_scheme.pdb_ins_code 
_pdbx_poly_seq_scheme.hetero 
A 1 1   GLY 1   -2  -2  GLY GLY A . n 
A 1 2   SER 2   -1  -1  SER SER A . n 
A 1 3   HIS 3   0   0   HIS HIS A . n 
A 1 4   MET 4   1   1   MET MET A . n 
A 1 5   VAL 5   2   2   VAL VAL A . n 
A 1 6   GLY 6   3   3   GLY GLY A . n 
A 1 7   GLN 7   4   4   GLN GLN A . n 
A 1 8   LEU 8   5   5   LEU LEU A . n 
A 1 9   SER 9   6   6   SER SER A . n 
A 1 10  ARG 10  7   7   ARG ARG A . n 
A 1 11  GLY 11  8   8   GLY GLY A . n 
A 1 12  ALA 12  9   9   ALA ALA A . n 
A 1 13  ILE 13  10  10  ILE ILE A . n 
A 1 14  ALA 14  11  11  ALA ALA A . n 
A 1 15  ALA 15  12  12  ALA ALA A . n 
A 1 16  ILE 16  13  13  ILE ILE A . n 
A 1 17  MET 17  14  14  MET MET A . n 
A 1 18  GLN 18  15  15  GLN GLN A . n 
A 1 19  LYS 19  16  16  LYS LYS A . n 
A 1 20  GLY 20  17  17  GLY GLY A . n 
A 1 21  ASP 21  18  18  ASP ASP A . n 
A 1 22  THR 22  19  19  THR THR A . n 
A 1 23  ASN 23  20  20  ASN ASN A . n 
A 1 24  ILE 24  21  21  ILE ILE A . n 
A 1 25  LYS 25  22  22  LYS LYS A . n 
A 1 26  PRO 26  23  23  PRO PRO A . n 
A 1 27  ILE 27  24  24  ILE ILE A . n 
A 1 28  LEU 28  25  25  LEU LEU A . n 
A 1 29  GLN 29  26  26  GLN GLN A . n 
A 1 30  VAL 30  27  27  VAL VAL A . n 
A 1 31  ILE 31  28  28  ILE ILE A . n 
A 1 32  ASN 32  29  29  ASN ASN A . n 
A 1 33  ILE 33  30  30  ILE ILE A . n 
A 1 34  ARG 34  31  31  ARG ARG A . n 
A 1 35  PRO 35  32  32  PRO PRO A . n 
A 1 36  ILE 36  33  33  ILE ILE A . n 
A 1 37  THR 37  34  34  THR THR A . n 
A 1 38  THR 38  35  35  THR THR A . n 
A 1 39  GLY 39  36  36  GLY GLY A . n 
A 1 40  ASN 40  37  37  ASN ASN A . n 
A 1 41  SER 41  38  38  SER SER A . n 
A 1 42  PRO 42  39  39  PRO PRO A . n 
A 1 43  PRO 43  40  40  PRO PRO A . n 
A 1 44  ARG 44  41  41  ARG ARG A . n 
A 1 45  TYR 45  42  42  TYR TYR A . n 
A 1 46  ARG 46  43  43  ARG ARG A . n 
A 1 47  LEU 47  44  44  LEU LEU A . n 
A 1 48  LEU 48  45  45  LEU LEU A . n 
A 1 49  MET 49  46  46  MET MET A . n 
A 1 50  SER 50  47  47  SER SER A . n 
A 1 51  ASP 51  48  48  ASP ASP A . n 
A 1 52  GLY 52  49  49  GLY GLY A . n 
A 1 53  LEU 53  50  50  LEU LEU A . n 
A 1 54  ASN 54  51  51  ASN ASN A . n 
A 1 55  THR 55  52  52  THR THR A . n 
A 1 56  LEU 56  53  53  LEU LEU A . n 
A 1 57  SER 57  54  54  SER SER A . n 
A 1 58  SER 58  55  55  SER SER A . n 
A 1 59  PHE 59  56  56  PHE PHE A . n 
A 1 60  MET 60  57  57  MET MET A . n 
A 1 61  LEU 61  58  58  LEU LEU A . n 
A 1 62  ALA 62  59  59  ALA ALA A . n 
A 1 63  THR 63  60  60  THR THR A . n 
A 1 64  GLN 64  61  61  GLN GLN A . n 
A 1 65  LEU 65  62  62  LEU LEU A . n 
A 1 66  ASN 66  63  63  ASN ASN A . n 
A 1 67  PRO 67  64  64  PRO PRO A . n 
A 1 68  LEU 68  65  65  LEU LEU A . n 
A 1 69  VAL 69  66  66  VAL VAL A . n 
A 1 70  GLU 70  67  67  GLU GLU A . n 
A 1 71  GLU 71  68  68  GLU GLU A . n 
A 1 72  GLU 72  69  69  GLU GLU A . n 
A 1 73  GLN 73  70  70  GLN GLN A . n 
A 1 74  LEU 74  71  71  LEU LEU A . n 
A 1 75  SER 75  72  72  SER SER A . n 
A 1 76  SER 76  73  73  SER SER A . n 
A 1 77  ASN 77  74  74  ASN ASN A . n 
A 1 78  CYS 78  75  75  CYS CYS A . n 
A 1 79  VAL 79  76  76  VAL VAL A . n 
A 1 80  CYS 80  77  77  CYS CYS A . n 
A 1 81  GLN 81  78  78  GLN GLN A . n 
A 1 82  ILE 82  79  79  ILE ILE A . n 
A 1 83  HIS 83  80  80  HIS HIS A . n 
A 1 84  ARG 84  81  81  ARG ARG A . n 
A 1 85  PHE 85  82  82  PHE PHE A . n 
A 1 86  ILE 86  83  83  ILE ILE A . n 
A 1 87  VAL 87  84  84  VAL VAL A . n 
A 1 88  ASN 88  85  85  ASN ASN A . n 
A 1 89  THR 89  86  86  THR THR A . n 
A 1 90  LEU 90  87  87  LEU LEU A . n 
A 1 91  LYS 91  88  88  LYS LYS A . n 
A 1 92  ASP 92  89  89  ASP ASP A . n 
A 1 93  GLY 93  90  90  GLY GLY A . n 
A 1 94  ARG 94  91  91  ARG ARG A . n 
A 1 95  ARG 95  92  92  ARG ARG A . n 
A 1 96  VAL 96  93  93  VAL VAL A . n 
A 1 97  VAL 97  94  94  VAL VAL A . n 
A 1 98  ILE 98  95  95  ILE ILE A . n 
A 1 99  LEU 99  96  96  LEU LEU A . n 
A 1 100 MET 100 97  97  MET MET A . n 
A 1 101 GLU 101 98  98  GLU GLU A . n 
A 1 102 LEU 102 99  99  LEU LEU A . n 
A 1 103 GLU 103 100 100 GLU GLU A . n 
A 1 104 VAL 104 101 101 VAL VAL A . n 
A 1 105 LEU 105 102 102 LEU LEU A . n 
A 1 106 LYS 106 103 103 LYS LYS A . n 
A 1 107 SER 107 104 104 SER SER A . n 
A 1 108 ALA 108 105 105 ALA ALA A . n 
A 1 109 GLU 109 106 106 GLU GLU A . n 
A 1 110 ALA 110 107 107 ALA ALA A . n 
A 1 111 VAL 111 108 108 VAL VAL A . n 
A 1 112 GLY 112 109 109 GLY GLY A . n 
A 1 113 VAL 113 110 110 VAL VAL A . n 
A 1 114 LYS 114 111 111 LYS LYS A . n 
A 1 115 ILE 115 112 112 ILE ILE A . n 
A 1 116 GLY 116 113 113 GLY GLY A . n 
A 1 117 ASN 117 114 114 ASN ASN A . n 
A 1 118 PRO 118 115 115 PRO PRO A . n 
A 1 119 VAL 119 116 116 VAL VAL A . n 
A 1 120 PRO 120 117 117 PRO PRO A . n 
A 1 121 TYR 121 118 118 TYR TYR A . n 
A 1 122 ASN 122 119 119 ASN ASN A . n 
A 1 123 GLU 123 120 120 GLU GLU A . n 
# 
loop_
_pdbx_nonpoly_scheme.asym_id 
_pdbx_nonpoly_scheme.entity_id 
_pdbx_nonpoly_scheme.mon_id 
_pdbx_nonpoly_scheme.ndb_seq_num 
_pdbx_nonpoly_scheme.pdb_seq_num 
_pdbx_nonpoly_scheme.auth_seq_num 
_pdbx_nonpoly_scheme.pdb_mon_id 
_pdbx_nonpoly_scheme.auth_mon_id 
_pdbx_nonpoly_scheme.pdb_strand_id 
_pdbx_nonpoly_scheme.pdb_ins_code 
B 2 1XT 1   201 1   1XT LIG A . 
C 3 HOH 1   301 1   HOH HOH A . 
C 3 HOH 2   302 2   HOH HOH A . 
C 3 HOH 3   303 3   HOH HOH A . 
C 3 HOH 4   304 4   HOH HOH A . 
C 3 HOH 5   305 5   HOH HOH A . 
C 3 HOH 6   306 6   HOH HOH A . 
C 3 HOH 7   307 7   HOH HOH A . 
C 3 HOH 8   308 8   HOH HOH A . 
C 3 HOH 9   309 9   HOH HOH A . 
C 3 HOH 10  310 10  HOH HOH A . 
C 3 HOH 11  311 11  HOH HOH A . 
C 3 HOH 12  312 12  HOH HOH A . 
C 3 HOH 13  313 13  HOH HOH A . 
C 3 HOH 14  314 14  HOH HOH A . 
C 3 HOH 15  315 15  HOH HOH A . 
C 3 HOH 16  316 16  HOH HOH A . 
C 3 HOH 17  317 17  HOH HOH A . 
C 3 HOH 18  318 18  HOH HOH A . 
C 3 HOH 19  319 19  HOH HOH A . 
C 3 HOH 20  320 20  HOH HOH A . 
C 3 HOH 21  321 21  HOH HOH A . 
C 3 HOH 22  322 22  HOH HOH A . 
C 3 HOH 23  323 23  HOH HOH A . 
C 3 HOH 24  324 24  HOH HOH A . 
C 3 HOH 25  325 25  HOH HOH A . 
C 3 HOH 26  326 26  HOH HOH A . 
C 3 HOH 27  327 27  HOH HOH A . 
C 3 HOH 28  328 28  HOH HOH A . 
C 3 HOH 29  329 29  HOH HOH A . 
C 3 HOH 30  330 30  HOH HOH A . 
C 3 HOH 31  331 31  HOH HOH A . 
C 3 HOH 32  332 32  HOH HOH A . 
C 3 HOH 33  333 33  HOH HOH A . 
C 3 HOH 34  334 34  HOH HOH A . 
C 3 HOH 35  335 35  HOH HOH A . 
C 3 HOH 36  336 36  HOH HOH A . 
C 3 HOH 37  337 37  HOH HOH A . 
C 3 HOH 38  338 38  HOH HOH A . 
C 3 HOH 39  339 39  HOH HOH A . 
C 3 HOH 40  340 40  HOH HOH A . 
C 3 HOH 41  341 41  HOH HOH A . 
C 3 HOH 42  342 42  HOH HOH A . 
C 3 HOH 43  343 43  HOH HOH A . 
C 3 HOH 44  344 44  HOH HOH A . 
C 3 HOH 45  345 45  HOH HOH A . 
C 3 HOH 46  346 46  HOH HOH A . 
C 3 HOH 47  347 47  HOH HOH A . 
C 3 HOH 48  348 48  HOH HOH A . 
C 3 HOH 49  349 49  HOH HOH A . 
C 3 HOH 50  350 50  HOH HOH A . 
C 3 HOH 51  351 51  HOH HOH A . 
C 3 HOH 52  352 52  HOH HOH A . 
C 3 HOH 53  353 53  HOH HOH A . 
C 3 HOH 54  354 54  HOH HOH A . 
C 3 HOH 55  355 55  HOH HOH A . 
C 3 HOH 56  356 56  HOH HOH A . 
C 3 HOH 57  357 57  HOH HOH A . 
C 3 HOH 58  358 58  HOH HOH A . 
C 3 HOH 59  359 59  HOH HOH A . 
C 3 HOH 60  360 60  HOH HOH A . 
C 3 HOH 61  361 61  HOH HOH A . 
C 3 HOH 62  362 62  HOH HOH A . 
C 3 HOH 63  363 63  HOH HOH A . 
C 3 HOH 64  364 64  HOH HOH A . 
C 3 HOH 65  365 65  HOH HOH A . 
C 3 HOH 66  366 66  HOH HOH A . 
C 3 HOH 67  367 67  HOH HOH A . 
C 3 HOH 68  368 68  HOH HOH A . 
C 3 HOH 69  369 69  HOH HOH A . 
C 3 HOH 70  370 70  HOH HOH A . 
C 3 HOH 71  371 71  HOH HOH A . 
C 3 HOH 72  372 72  HOH HOH A . 
C 3 HOH 73  373 73  HOH HOH A . 
C 3 HOH 74  374 74  HOH HOH A . 
C 3 HOH 75  375 75  HOH HOH A . 
C 3 HOH 76  376 76  HOH HOH A . 
C 3 HOH 77  377 77  HOH HOH A . 
C 3 HOH 78  378 78  HOH HOH A . 
C 3 HOH 79  379 79  HOH HOH A . 
C 3 HOH 80  380 80  HOH HOH A . 
C 3 HOH 81  381 81  HOH HOH A . 
C 3 HOH 82  382 82  HOH HOH A . 
C 3 HOH 83  383 83  HOH HOH A . 
C 3 HOH 84  384 84  HOH HOH A . 
C 3 HOH 85  385 85  HOH HOH A . 
C 3 HOH 86  386 86  HOH HOH A . 
C 3 HOH 87  387 87  HOH HOH A . 
C 3 HOH 88  388 88  HOH HOH A . 
C 3 HOH 89  389 89  HOH HOH A . 
C 3 HOH 90  390 90  HOH HOH A . 
C 3 HOH 91  391 91  HOH HOH A . 
C 3 HOH 92  392 92  HOH HOH A . 
C 3 HOH 93  393 93  HOH HOH A . 
C 3 HOH 94  394 94  HOH HOH A . 
C 3 HOH 95  395 95  HOH HOH A . 
C 3 HOH 96  396 96  HOH HOH A . 
C 3 HOH 97  397 97  HOH HOH A . 
C 3 HOH 98  398 98  HOH HOH A . 
C 3 HOH 99  399 99  HOH HOH A . 
C 3 HOH 100 400 100 HOH HOH A . 
C 3 HOH 101 401 101 HOH HOH A . 
C 3 HOH 102 402 102 HOH HOH A . 
C 3 HOH 103 403 103 HOH HOH A . 
C 3 HOH 104 404 104 HOH HOH A . 
C 3 HOH 105 405 105 HOH HOH A . 
C 3 HOH 106 406 106 HOH HOH A . 
C 3 HOH 107 407 107 HOH HOH A . 
C 3 HOH 108 408 108 HOH HOH A . 
C 3 HOH 109 409 109 HOH HOH A . 
C 3 HOH 110 410 110 HOH HOH A . 
C 3 HOH 111 411 111 HOH HOH A . 
C 3 HOH 112 412 112 HOH HOH A . 
C 3 HOH 113 413 113 HOH HOH A . 
C 3 HOH 114 414 114 HOH HOH A . 
C 3 HOH 115 415 115 HOH HOH A . 
C 3 HOH 116 416 116 HOH HOH A . 
C 3 HOH 117 417 117 HOH HOH A . 
C 3 HOH 118 418 118 HOH HOH A . 
C 3 HOH 119 419 119 HOH HOH A . 
C 3 HOH 120 420 120 HOH HOH A . 
C 3 HOH 121 421 121 HOH HOH A . 
C 3 HOH 122 422 122 HOH HOH A . 
C 3 HOH 123 423 123 HOH HOH A . 
C 3 HOH 124 424 124 HOH HOH A . 
C 3 HOH 125 425 125 HOH HOH A . 
C 3 HOH 126 426 126 HOH HOH A . 
C 3 HOH 127 427 127 HOH HOH A . 
C 3 HOH 128 428 128 HOH HOH A . 
C 3 HOH 129 429 129 HOH HOH A . 
# 
_pdbx_struct_assembly.id                   1 
_pdbx_struct_assembly.details              author_and_software_defined_assembly 
_pdbx_struct_assembly.method_details       PISA 
_pdbx_struct_assembly.oligomeric_details   monomeric 
_pdbx_struct_assembly.oligomeric_count     1 
# 
_pdbx_struct_assembly_gen.assembly_id       1 
_pdbx_struct_assembly_gen.oper_expression   1 
_pdbx_struct_assembly_gen.asym_id_list      A,B,C 
# 
_pdbx_struct_oper_list.id                   1 
_pdbx_struct_oper_list.type                 'identity operation' 
_pdbx_struct_oper_list.name                 1_555 
_pdbx_struct_oper_list.symmetry_operation   x,y,z 
_pdbx_struct_oper_list.matrix[1][1]         1.0000000000 
_pdbx_struct_oper_list.matrix[1][2]         0.0000000000 
_pdbx_struct_oper_list.matrix[1][3]         0.0000000000 
_pdbx_struct_oper_list.vector[1]            0.0000000000 
_pdbx_struct_oper_list.matrix[2][1]         0.0000000000 
_pdbx_struct_oper_list.matrix[2][2]         1.0000000000 
_pdbx_struct_oper_list.matrix[2][3]         0.0000000000 
_pdbx_struct_oper_list.vector[2]            0.0000000000 
_pdbx_struct_oper_list.matrix[3][1]         0.0000000000 
_pdbx_struct_oper_list.matrix[3][2]         0.0000000000 
_pdbx_struct_oper_list.matrix[3][3]         1.0000000000 
_pdbx_struct_oper_list.vector[3]            0.0000000000 
# 
loop_
_pdbx_audit_revision_history.ordinal 
_pdbx_audit_revision_history.data_content_type 
_pdbx_audit_revision_history.major_revision 
_pdbx_audit_revision_history.minor_revision 
_pdbx_audit_revision_history.revision_date 
1 'Structure model' 1 0 2013-12-11 
2 'Structure model' 1 1 2014-04-09 
3 'Structure model' 1 2 2014-12-10 
4 'Structure model' 1 3 2023-09-20 
# 
_pdbx_audit_revision_details.ordinal             1 
_pdbx_audit_revision_details.revision_ordinal    1 
_pdbx_audit_revision_details.data_content_type   'Structure model' 
_pdbx_audit_revision_details.provider            repository 
_pdbx_audit_revision_details.type                'Initial release' 
_pdbx_audit_revision_details.description         ? 
_pdbx_audit_revision_details.details             ? 
# 
loop_
_pdbx_audit_revision_group.ordinal 
_pdbx_audit_revision_group.revision_ordinal 
_pdbx_audit_revision_group.data_content_type 
_pdbx_audit_revision_group.group 
1 2 'Structure model' 'Database references'    
2 3 'Structure model' 'Structure summary'      
3 4 'Structure model' 'Data collection'        
4 4 'Structure model' 'Database references'    
5 4 'Structure model' 'Derived calculations'   
6 4 'Structure model' 'Refinement description' 
# 
loop_
_pdbx_audit_revision_category.ordinal 
_pdbx_audit_revision_category.revision_ordinal 
_pdbx_audit_revision_category.data_content_type 
_pdbx_audit_revision_category.category 
1 4 'Structure model' chem_comp_atom                
2 4 'Structure model' chem_comp_bond                
3 4 'Structure model' database_2                    
4 4 'Structure model' pdbx_initial_refinement_model 
5 4 'Structure model' struct_ref_seq_dif            
6 4 'Structure model' struct_site                   
# 
loop_
_pdbx_audit_revision_item.ordinal 
_pdbx_audit_revision_item.revision_ordinal 
_pdbx_audit_revision_item.data_content_type 
_pdbx_audit_revision_item.item 
1 4 'Structure model' '_database_2.pdbx_DOI'                
2 4 'Structure model' '_database_2.pdbx_database_accession' 
3 4 'Structure model' '_struct_ref_seq_dif.details'         
4 4 'Structure model' '_struct_site.pdbx_auth_asym_id'      
5 4 'Structure model' '_struct_site.pdbx_auth_comp_id'      
6 4 'Structure model' '_struct_site.pdbx_auth_seq_id'       
# 
loop_
_software.name 
_software.classification 
_software.version 
_software.citation_id 
_software.pdbx_ordinal 
HKL-2000 'data collection' .                            ? 1 
PHENIX   'model building'  '(phenix.refine: 1.7.3_928)' ? 2 
PHENIX   refinement        '(phenix.refine: 1.7.3_928)' ? 3 
HKL-2000 'data reduction'  .                            ? 4 
HKL-2000 'data scaling'    .                            ? 5 
PHENIX   phasing           1.7.3_928                    ? 6 
# 
loop_
_pdbx_validate_close_contact.id 
_pdbx_validate_close_contact.PDB_model_num 
_pdbx_validate_close_contact.auth_atom_id_1 
_pdbx_validate_close_contact.auth_asym_id_1 
_pdbx_validate_close_contact.auth_comp_id_1 
_pdbx_validate_close_contact.auth_seq_id_1 
_pdbx_validate_close_contact.PDB_ins_code_1 
_pdbx_validate_close_contact.label_alt_id_1 
_pdbx_validate_close_contact.auth_atom_id_2 
_pdbx_validate_close_contact.auth_asym_id_2 
_pdbx_validate_close_contact.auth_comp_id_2 
_pdbx_validate_close_contact.auth_seq_id_2 
_pdbx_validate_close_contact.PDB_ins_code_2 
_pdbx_validate_close_contact.label_alt_id_2 
_pdbx_validate_close_contact.dist 
1 1 O   A HOH 373 ? ? O A HOH 374 ? ? 1.99 
2 1 O   A HOH 388 ? ? O A HOH 419 ? ? 2.00 
3 1 OE1 A GLU 120 ? B O A HOH 320 ? ? 2.05 
4 1 O   A HOH 386 ? ? O A HOH 400 ? ? 2.07 
5 1 O   A HOH 314 ? ? O A HOH 370 ? ? 2.12 
6 1 O   A HOH 339 ? ? O A HOH 380 ? ? 2.18 
# 
loop_
_pdbx_validate_torsion.id 
_pdbx_validate_torsion.PDB_model_num 
_pdbx_validate_torsion.auth_comp_id 
_pdbx_validate_torsion.auth_asym_id 
_pdbx_validate_torsion.auth_seq_id 
_pdbx_validate_torsion.PDB_ins_code 
_pdbx_validate_torsion.label_alt_id 
_pdbx_validate_torsion.phi 
_pdbx_validate_torsion.psi 
1 1 ASN A 37 ? ? 75.58 -22.85 
2 1 ASN A 74 ? ? 92.77 -19.14 
# 
loop_
_pdbx_unobs_or_zero_occ_atoms.id 
_pdbx_unobs_or_zero_occ_atoms.PDB_model_num 
_pdbx_unobs_or_zero_occ_atoms.polymer_flag 
_pdbx_unobs_or_zero_occ_atoms.occupancy_flag 
_pdbx_unobs_or_zero_occ_atoms.auth_asym_id 
_pdbx_unobs_or_zero_occ_atoms.auth_comp_id 
_pdbx_unobs_or_zero_occ_atoms.auth_seq_id 
_pdbx_unobs_or_zero_occ_atoms.PDB_ins_code 
_pdbx_unobs_or_zero_occ_atoms.auth_atom_id 
_pdbx_unobs_or_zero_occ_atoms.label_alt_id 
_pdbx_unobs_or_zero_occ_atoms.label_asym_id 
_pdbx_unobs_or_zero_occ_atoms.label_comp_id 
_pdbx_unobs_or_zero_occ_atoms.label_seq_id 
_pdbx_unobs_or_zero_occ_atoms.label_atom_id 
1  1 Y 0 A GLN 4   ? CA ? A GLN 7   CA 
2  1 Y 0 A GLN 4   ? CD ? A GLN 7   CD 
3  1 Y 0 A ASN 20  ? CB ? A ASN 23  CB 
4  1 Y 0 A ARG 31  ? CZ ? A ARG 34  CZ 
5  1 Y 0 A GLY 36  ? C  ? A GLY 39  C  
6  1 Y 0 A ASN 37  ? C  ? A ASN 40  C  
7  1 Y 0 A ASN 37  ? CG ? A ASN 40  CG 
8  1 Y 0 A SER 55  ? CA A A SER 58  CA 
9  1 Y 0 A SER 55  ? CB A A SER 58  CB 
10 1 Y 0 A SER 55  ? OG A A SER 58  OG 
11 1 Y 0 A GLU 69  ? N  ? A GLU 72  N  
12 1 Y 0 A GLN 70  ? O  ? A GLN 73  O  
13 1 Y 0 A GLN 70  ? CG ? A GLN 73  CG 
14 1 Y 0 A LYS 88  ? NZ ? A LYS 91  NZ 
15 1 Y 0 A LYS 103 ? NZ ? A LYS 106 NZ 
16 1 Y 0 A ASN 119 ? CG ? A ASN 122 CG 
17 1 Y 0 A GLU 120 ? C  ? A GLU 123 C  
# 
loop_
_chem_comp_atom.comp_id 
_chem_comp_atom.atom_id 
_chem_comp_atom.type_symbol 
_chem_comp_atom.pdbx_aromatic_flag 
_chem_comp_atom.pdbx_stereo_config 
_chem_comp_atom.pdbx_ordinal 
1XT C01  C N N 1   
1XT O02  O N N 2   
1XT O03  O N N 3   
1XT C04  C Y N 4   
1XT C05  C Y N 5   
1XT C06  C Y N 6   
1XT C07  C Y N 7   
1XT O08  O Y N 8   
1XT C09  C Y N 9   
1XT C10  C Y N 10  
1XT C11  C Y N 11  
1XT C12  C Y N 12  
1XT C13  C Y N 13  
1XT C14  C Y N 14  
1XT C15  C N N 15  
1XT O16  O N N 16  
1XT C17  C Y N 17  
1XT C18  C Y N 18  
1XT C19  C Y N 19  
1XT C20  C Y N 20  
1XT C21  C Y N 21  
1XT C22  C Y N 22  
1XT C23  C Y N 23  
1XT C24  C Y N 24  
1XT C25  C Y N 25  
1XT N26  N Y N 26  
1XT N27  N Y N 27  
1XT C28  C Y N 28  
1XT C29  C Y N 29  
1XT C30  C Y N 30  
1XT C31  C Y N 31  
1XT C32  C Y N 32  
1XT C33  C Y N 33  
1XT C34  C N N 34  
1XT C35  C N N 35  
1XT O36  O N N 36  
1XT O37  O N N 37  
1XT H1   H N N 38  
1XT H2   H N N 39  
1XT H3   H N N 40  
1XT H4   H N N 41  
1XT H5   H N N 42  
1XT H6   H N N 43  
1XT H7   H N N 44  
1XT H8   H N N 45  
1XT H9   H N N 46  
1XT H10  H N N 47  
1XT H11  H N N 48  
1XT H12  H N N 49  
1XT H13  H N N 50  
1XT H14  H N N 51  
1XT H15  H N N 52  
1XT H16  H N N 53  
1XT H17  H N N 54  
1XT H18  H N N 55  
1XT H19  H N N 56  
1XT H20  H N N 57  
1XT H21  H N N 58  
1XT H22  H N N 59  
ALA N    N N N 60  
ALA CA   C N S 61  
ALA C    C N N 62  
ALA O    O N N 63  
ALA CB   C N N 64  
ALA OXT  O N N 65  
ALA H    H N N 66  
ALA H2   H N N 67  
ALA HA   H N N 68  
ALA HB1  H N N 69  
ALA HB2  H N N 70  
ALA HB3  H N N 71  
ALA HXT  H N N 72  
ARG N    N N N 73  
ARG CA   C N S 74  
ARG C    C N N 75  
ARG O    O N N 76  
ARG CB   C N N 77  
ARG CG   C N N 78  
ARG CD   C N N 79  
ARG NE   N N N 80  
ARG CZ   C N N 81  
ARG NH1  N N N 82  
ARG NH2  N N N 83  
ARG OXT  O N N 84  
ARG H    H N N 85  
ARG H2   H N N 86  
ARG HA   H N N 87  
ARG HB2  H N N 88  
ARG HB3  H N N 89  
ARG HG2  H N N 90  
ARG HG3  H N N 91  
ARG HD2  H N N 92  
ARG HD3  H N N 93  
ARG HE   H N N 94  
ARG HH11 H N N 95  
ARG HH12 H N N 96  
ARG HH21 H N N 97  
ARG HH22 H N N 98  
ARG HXT  H N N 99  
ASN N    N N N 100 
ASN CA   C N S 101 
ASN C    C N N 102 
ASN O    O N N 103 
ASN CB   C N N 104 
ASN CG   C N N 105 
ASN OD1  O N N 106 
ASN ND2  N N N 107 
ASN OXT  O N N 108 
ASN H    H N N 109 
ASN H2   H N N 110 
ASN HA   H N N 111 
ASN HB2  H N N 112 
ASN HB3  H N N 113 
ASN HD21 H N N 114 
ASN HD22 H N N 115 
ASN HXT  H N N 116 
ASP N    N N N 117 
ASP CA   C N S 118 
ASP C    C N N 119 
ASP O    O N N 120 
ASP CB   C N N 121 
ASP CG   C N N 122 
ASP OD1  O N N 123 
ASP OD2  O N N 124 
ASP OXT  O N N 125 
ASP H    H N N 126 
ASP H2   H N N 127 
ASP HA   H N N 128 
ASP HB2  H N N 129 
ASP HB3  H N N 130 
ASP HD2  H N N 131 
ASP HXT  H N N 132 
CYS N    N N N 133 
CYS CA   C N R 134 
CYS C    C N N 135 
CYS O    O N N 136 
CYS CB   C N N 137 
CYS SG   S N N 138 
CYS OXT  O N N 139 
CYS H    H N N 140 
CYS H2   H N N 141 
CYS HA   H N N 142 
CYS HB2  H N N 143 
CYS HB3  H N N 144 
CYS HG   H N N 145 
CYS HXT  H N N 146 
GLN N    N N N 147 
GLN CA   C N S 148 
GLN C    C N N 149 
GLN O    O N N 150 
GLN CB   C N N 151 
GLN CG   C N N 152 
GLN CD   C N N 153 
GLN OE1  O N N 154 
GLN NE2  N N N 155 
GLN OXT  O N N 156 
GLN H    H N N 157 
GLN H2   H N N 158 
GLN HA   H N N 159 
GLN HB2  H N N 160 
GLN HB3  H N N 161 
GLN HG2  H N N 162 
GLN HG3  H N N 163 
GLN HE21 H N N 164 
GLN HE22 H N N 165 
GLN HXT  H N N 166 
GLU N    N N N 167 
GLU CA   C N S 168 
GLU C    C N N 169 
GLU O    O N N 170 
GLU CB   C N N 171 
GLU CG   C N N 172 
GLU CD   C N N 173 
GLU OE1  O N N 174 
GLU OE2  O N N 175 
GLU OXT  O N N 176 
GLU H    H N N 177 
GLU H2   H N N 178 
GLU HA   H N N 179 
GLU HB2  H N N 180 
GLU HB3  H N N 181 
GLU HG2  H N N 182 
GLU HG3  H N N 183 
GLU HE2  H N N 184 
GLU HXT  H N N 185 
GLY N    N N N 186 
GLY CA   C N N 187 
GLY C    C N N 188 
GLY O    O N N 189 
GLY OXT  O N N 190 
GLY H    H N N 191 
GLY H2   H N N 192 
GLY HA2  H N N 193 
GLY HA3  H N N 194 
GLY HXT  H N N 195 
HIS N    N N N 196 
HIS CA   C N S 197 
HIS C    C N N 198 
HIS O    O N N 199 
HIS CB   C N N 200 
HIS CG   C Y N 201 
HIS ND1  N Y N 202 
HIS CD2  C Y N 203 
HIS CE1  C Y N 204 
HIS NE2  N Y N 205 
HIS OXT  O N N 206 
HIS H    H N N 207 
HIS H2   H N N 208 
HIS HA   H N N 209 
HIS HB2  H N N 210 
HIS HB3  H N N 211 
HIS HD1  H N N 212 
HIS HD2  H N N 213 
HIS HE1  H N N 214 
HIS HE2  H N N 215 
HIS HXT  H N N 216 
HOH O    O N N 217 
HOH H1   H N N 218 
HOH H2   H N N 219 
ILE N    N N N 220 
ILE CA   C N S 221 
ILE C    C N N 222 
ILE O    O N N 223 
ILE CB   C N S 224 
ILE CG1  C N N 225 
ILE CG2  C N N 226 
ILE CD1  C N N 227 
ILE OXT  O N N 228 
ILE H    H N N 229 
ILE H2   H N N 230 
ILE HA   H N N 231 
ILE HB   H N N 232 
ILE HG12 H N N 233 
ILE HG13 H N N 234 
ILE HG21 H N N 235 
ILE HG22 H N N 236 
ILE HG23 H N N 237 
ILE HD11 H N N 238 
ILE HD12 H N N 239 
ILE HD13 H N N 240 
ILE HXT  H N N 241 
LEU N    N N N 242 
LEU CA   C N S 243 
LEU C    C N N 244 
LEU O    O N N 245 
LEU CB   C N N 246 
LEU CG   C N N 247 
LEU CD1  C N N 248 
LEU CD2  C N N 249 
LEU OXT  O N N 250 
LEU H    H N N 251 
LEU H2   H N N 252 
LEU HA   H N N 253 
LEU HB2  H N N 254 
LEU HB3  H N N 255 
LEU HG   H N N 256 
LEU HD11 H N N 257 
LEU HD12 H N N 258 
LEU HD13 H N N 259 
LEU HD21 H N N 260 
LEU HD22 H N N 261 
LEU HD23 H N N 262 
LEU HXT  H N N 263 
LYS N    N N N 264 
LYS CA   C N S 265 
LYS C    C N N 266 
LYS O    O N N 267 
LYS CB   C N N 268 
LYS CG   C N N 269 
LYS CD   C N N 270 
LYS CE   C N N 271 
LYS NZ   N N N 272 
LYS OXT  O N N 273 
LYS H    H N N 274 
LYS H2   H N N 275 
LYS HA   H N N 276 
LYS HB2  H N N 277 
LYS HB3  H N N 278 
LYS HG2  H N N 279 
LYS HG3  H N N 280 
LYS HD2  H N N 281 
LYS HD3  H N N 282 
LYS HE2  H N N 283 
LYS HE3  H N N 284 
LYS HZ1  H N N 285 
LYS HZ2  H N N 286 
LYS HZ3  H N N 287 
LYS HXT  H N N 288 
MET N    N N N 289 
MET CA   C N S 290 
MET C    C N N 291 
MET O    O N N 292 
MET CB   C N N 293 
MET CG   C N N 294 
MET SD   S N N 295 
MET CE   C N N 296 
MET OXT  O N N 297 
MET H    H N N 298 
MET H2   H N N 299 
MET HA   H N N 300 
MET HB2  H N N 301 
MET HB3  H N N 302 
MET HG2  H N N 303 
MET HG3  H N N 304 
MET HE1  H N N 305 
MET HE2  H N N 306 
MET HE3  H N N 307 
MET HXT  H N N 308 
PHE N    N N N 309 
PHE CA   C N S 310 
PHE C    C N N 311 
PHE O    O N N 312 
PHE CB   C N N 313 
PHE CG   C Y N 314 
PHE CD1  C Y N 315 
PHE CD2  C Y N 316 
PHE CE1  C Y N 317 
PHE CE2  C Y N 318 
PHE CZ   C Y N 319 
PHE OXT  O N N 320 
PHE H    H N N 321 
PHE H2   H N N 322 
PHE HA   H N N 323 
PHE HB2  H N N 324 
PHE HB3  H N N 325 
PHE HD1  H N N 326 
PHE HD2  H N N 327 
PHE HE1  H N N 328 
PHE HE2  H N N 329 
PHE HZ   H N N 330 
PHE HXT  H N N 331 
PRO N    N N N 332 
PRO CA   C N S 333 
PRO C    C N N 334 
PRO O    O N N 335 
PRO CB   C N N 336 
PRO CG   C N N 337 
PRO CD   C N N 338 
PRO OXT  O N N 339 
PRO H    H N N 340 
PRO HA   H N N 341 
PRO HB2  H N N 342 
PRO HB3  H N N 343 
PRO HG2  H N N 344 
PRO HG3  H N N 345 
PRO HD2  H N N 346 
PRO HD3  H N N 347 
PRO HXT  H N N 348 
SER N    N N N 349 
SER CA   C N S 350 
SER C    C N N 351 
SER O    O N N 352 
SER CB   C N N 353 
SER OG   O N N 354 
SER OXT  O N N 355 
SER H    H N N 356 
SER H2   H N N 357 
SER HA   H N N 358 
SER HB2  H N N 359 
SER HB3  H N N 360 
SER HG   H N N 361 
SER HXT  H N N 362 
THR N    N N N 363 
THR CA   C N S 364 
THR C    C N N 365 
THR O    O N N 366 
THR CB   C N R 367 
THR OG1  O N N 368 
THR CG2  C N N 369 
THR OXT  O N N 370 
THR H    H N N 371 
THR H2   H N N 372 
THR HA   H N N 373 
THR HB   H N N 374 
THR HG1  H N N 375 
THR HG21 H N N 376 
THR HG22 H N N 377 
THR HG23 H N N 378 
THR HXT  H N N 379 
TYR N    N N N 380 
TYR CA   C N S 381 
TYR C    C N N 382 
TYR O    O N N 383 
TYR CB   C N N 384 
TYR CG   C Y N 385 
TYR CD1  C Y N 386 
TYR CD2  C Y N 387 
TYR CE1  C Y N 388 
TYR CE2  C Y N 389 
TYR CZ   C Y N 390 
TYR OH   O N N 391 
TYR OXT  O N N 392 
TYR H    H N N 393 
TYR H2   H N N 394 
TYR HA   H N N 395 
TYR HB2  H N N 396 
TYR HB3  H N N 397 
TYR HD1  H N N 398 
TYR HD2  H N N 399 
TYR HE1  H N N 400 
TYR HE2  H N N 401 
TYR HH   H N N 402 
TYR HXT  H N N 403 
VAL N    N N N 404 
VAL CA   C N S 405 
VAL C    C N N 406 
VAL O    O N N 407 
VAL CB   C N N 408 
VAL CG1  C N N 409 
VAL CG2  C N N 410 
VAL OXT  O N N 411 
VAL H    H N N 412 
VAL H2   H N N 413 
VAL HA   H N N 414 
VAL HB   H N N 415 
VAL HG11 H N N 416 
VAL HG12 H N N 417 
VAL HG13 H N N 418 
VAL HG21 H N N 419 
VAL HG22 H N N 420 
VAL HG23 H N N 421 
VAL HXT  H N N 422 
# 
loop_
_chem_comp_bond.comp_id 
_chem_comp_bond.atom_id_1 
_chem_comp_bond.atom_id_2 
_chem_comp_bond.value_order 
_chem_comp_bond.pdbx_aromatic_flag 
_chem_comp_bond.pdbx_stereo_config 
_chem_comp_bond.pdbx_ordinal 
1XT O16 C17  sing N N 1   
1XT O16 C15  sing N N 2   
1XT C18 C17  doub Y N 3   
1XT C18 C19  sing Y N 4   
1XT C17 C22  sing Y N 5   
1XT O37 C35  doub N N 6   
1XT C19 C20  doub Y N 7   
1XT C15 C12  sing N N 8   
1XT C22 C21  doub Y N 9   
1XT C20 C21  sing Y N 10  
1XT C20 C23  sing N N 11  
1XT C24 C23  doub Y N 12  
1XT C24 C25  sing Y N 13  
1XT C23 N27  sing Y N 14  
1XT C13 C12  doub Y N 15  
1XT C13 C14  sing Y N 16  
1XT C12 C11  sing Y N 17  
1XT C35 C25  sing N N 18  
1XT C35 O36  sing N N 19  
1XT C25 N26  doub Y N 20  
1XT C34 C30  sing N N 21  
1XT C29 C30  doub Y N 22  
1XT C29 C28  sing Y N 23  
1XT N27 N26  sing Y N 24  
1XT N27 C28  sing N N 25  
1XT C14 C09  doub Y N 26  
1XT C30 C31  sing Y N 27  
1XT C11 C10  doub Y N 28  
1XT C28 C33  doub Y N 29  
1XT C09 C10  sing Y N 30  
1XT C09 C07  sing N N 31  
1XT C31 C32  doub Y N 32  
1XT C33 C32  sing Y N 33  
1XT C07 C06  doub Y N 34  
1XT C07 O08  sing Y N 35  
1XT C06 C05  sing Y N 36  
1XT O08 C04  sing Y N 37  
1XT C05 C04  doub Y N 38  
1XT C04 C01  sing N N 39  
1XT C01 O03  doub N N 40  
1XT C01 O02  sing N N 41  
1XT O02 H1   sing N N 42  
1XT C05 H2   sing N N 43  
1XT C06 H3   sing N N 44  
1XT C10 H4   sing N N 45  
1XT C11 H5   sing N N 46  
1XT C13 H6   sing N N 47  
1XT C14 H7   sing N N 48  
1XT C15 H8   sing N N 49  
1XT C15 H9   sing N N 50  
1XT C18 H10  sing N N 51  
1XT C19 H11  sing N N 52  
1XT C21 H12  sing N N 53  
1XT C22 H13  sing N N 54  
1XT C24 H14  sing N N 55  
1XT C29 H15  sing N N 56  
1XT C31 H16  sing N N 57  
1XT C32 H17  sing N N 58  
1XT C33 H18  sing N N 59  
1XT C34 H19  sing N N 60  
1XT C34 H20  sing N N 61  
1XT C34 H21  sing N N 62  
1XT O36 H22  sing N N 63  
ALA N   CA   sing N N 64  
ALA N   H    sing N N 65  
ALA N   H2   sing N N 66  
ALA CA  C    sing N N 67  
ALA CA  CB   sing N N 68  
ALA CA  HA   sing N N 69  
ALA C   O    doub N N 70  
ALA C   OXT  sing N N 71  
ALA CB  HB1  sing N N 72  
ALA CB  HB2  sing N N 73  
ALA CB  HB3  sing N N 74  
ALA OXT HXT  sing N N 75  
ARG N   CA   sing N N 76  
ARG N   H    sing N N 77  
ARG N   H2   sing N N 78  
ARG CA  C    sing N N 79  
ARG CA  CB   sing N N 80  
ARG CA  HA   sing N N 81  
ARG C   O    doub N N 82  
ARG C   OXT  sing N N 83  
ARG CB  CG   sing N N 84  
ARG CB  HB2  sing N N 85  
ARG CB  HB3  sing N N 86  
ARG CG  CD   sing N N 87  
ARG CG  HG2  sing N N 88  
ARG CG  HG3  sing N N 89  
ARG CD  NE   sing N N 90  
ARG CD  HD2  sing N N 91  
ARG CD  HD3  sing N N 92  
ARG NE  CZ   sing N N 93  
ARG NE  HE   sing N N 94  
ARG CZ  NH1  sing N N 95  
ARG CZ  NH2  doub N N 96  
ARG NH1 HH11 sing N N 97  
ARG NH1 HH12 sing N N 98  
ARG NH2 HH21 sing N N 99  
ARG NH2 HH22 sing N N 100 
ARG OXT HXT  sing N N 101 
ASN N   CA   sing N N 102 
ASN N   H    sing N N 103 
ASN N   H2   sing N N 104 
ASN CA  C    sing N N 105 
ASN CA  CB   sing N N 106 
ASN CA  HA   sing N N 107 
ASN C   O    doub N N 108 
ASN C   OXT  sing N N 109 
ASN CB  CG   sing N N 110 
ASN CB  HB2  sing N N 111 
ASN CB  HB3  sing N N 112 
ASN CG  OD1  doub N N 113 
ASN CG  ND2  sing N N 114 
ASN ND2 HD21 sing N N 115 
ASN ND2 HD22 sing N N 116 
ASN OXT HXT  sing N N 117 
ASP N   CA   sing N N 118 
ASP N   H    sing N N 119 
ASP N   H2   sing N N 120 
ASP CA  C    sing N N 121 
ASP CA  CB   sing N N 122 
ASP CA  HA   sing N N 123 
ASP C   O    doub N N 124 
ASP C   OXT  sing N N 125 
ASP CB  CG   sing N N 126 
ASP CB  HB2  sing N N 127 
ASP CB  HB3  sing N N 128 
ASP CG  OD1  doub N N 129 
ASP CG  OD2  sing N N 130 
ASP OD2 HD2  sing N N 131 
ASP OXT HXT  sing N N 132 
CYS N   CA   sing N N 133 
CYS N   H    sing N N 134 
CYS N   H2   sing N N 135 
CYS CA  C    sing N N 136 
CYS CA  CB   sing N N 137 
CYS CA  HA   sing N N 138 
CYS C   O    doub N N 139 
CYS C   OXT  sing N N 140 
CYS CB  SG   sing N N 141 
CYS CB  HB2  sing N N 142 
CYS CB  HB3  sing N N 143 
CYS SG  HG   sing N N 144 
CYS OXT HXT  sing N N 145 
GLN N   CA   sing N N 146 
GLN N   H    sing N N 147 
GLN N   H2   sing N N 148 
GLN CA  C    sing N N 149 
GLN CA  CB   sing N N 150 
GLN CA  HA   sing N N 151 
GLN C   O    doub N N 152 
GLN C   OXT  sing N N 153 
GLN CB  CG   sing N N 154 
GLN CB  HB2  sing N N 155 
GLN CB  HB3  sing N N 156 
GLN CG  CD   sing N N 157 
GLN CG  HG2  sing N N 158 
GLN CG  HG3  sing N N 159 
GLN CD  OE1  doub N N 160 
GLN CD  NE2  sing N N 161 
GLN NE2 HE21 sing N N 162 
GLN NE2 HE22 sing N N 163 
GLN OXT HXT  sing N N 164 
GLU N   CA   sing N N 165 
GLU N   H    sing N N 166 
GLU N   H2   sing N N 167 
GLU CA  C    sing N N 168 
GLU CA  CB   sing N N 169 
GLU CA  HA   sing N N 170 
GLU C   O    doub N N 171 
GLU C   OXT  sing N N 172 
GLU CB  CG   sing N N 173 
GLU CB  HB2  sing N N 174 
GLU CB  HB3  sing N N 175 
GLU CG  CD   sing N N 176 
GLU CG  HG2  sing N N 177 
GLU CG  HG3  sing N N 178 
GLU CD  OE1  doub N N 179 
GLU CD  OE2  sing N N 180 
GLU OE2 HE2  sing N N 181 
GLU OXT HXT  sing N N 182 
GLY N   CA   sing N N 183 
GLY N   H    sing N N 184 
GLY N   H2   sing N N 185 
GLY CA  C    sing N N 186 
GLY CA  HA2  sing N N 187 
GLY CA  HA3  sing N N 188 
GLY C   O    doub N N 189 
GLY C   OXT  sing N N 190 
GLY OXT HXT  sing N N 191 
HIS N   CA   sing N N 192 
HIS N   H    sing N N 193 
HIS N   H2   sing N N 194 
HIS CA  C    sing N N 195 
HIS CA  CB   sing N N 196 
HIS CA  HA   sing N N 197 
HIS C   O    doub N N 198 
HIS C   OXT  sing N N 199 
HIS CB  CG   sing N N 200 
HIS CB  HB2  sing N N 201 
HIS CB  HB3  sing N N 202 
HIS CG  ND1  sing Y N 203 
HIS CG  CD2  doub Y N 204 
HIS ND1 CE1  doub Y N 205 
HIS ND1 HD1  sing N N 206 
HIS CD2 NE2  sing Y N 207 
HIS CD2 HD2  sing N N 208 
HIS CE1 NE2  sing Y N 209 
HIS CE1 HE1  sing N N 210 
HIS NE2 HE2  sing N N 211 
HIS OXT HXT  sing N N 212 
HOH O   H1   sing N N 213 
HOH O   H2   sing N N 214 
ILE N   CA   sing N N 215 
ILE N   H    sing N N 216 
ILE N   H2   sing N N 217 
ILE CA  C    sing N N 218 
ILE CA  CB   sing N N 219 
ILE CA  HA   sing N N 220 
ILE C   O    doub N N 221 
ILE C   OXT  sing N N 222 
ILE CB  CG1  sing N N 223 
ILE CB  CG2  sing N N 224 
ILE CB  HB   sing N N 225 
ILE CG1 CD1  sing N N 226 
ILE CG1 HG12 sing N N 227 
ILE CG1 HG13 sing N N 228 
ILE CG2 HG21 sing N N 229 
ILE CG2 HG22 sing N N 230 
ILE CG2 HG23 sing N N 231 
ILE CD1 HD11 sing N N 232 
ILE CD1 HD12 sing N N 233 
ILE CD1 HD13 sing N N 234 
ILE OXT HXT  sing N N 235 
LEU N   CA   sing N N 236 
LEU N   H    sing N N 237 
LEU N   H2   sing N N 238 
LEU CA  C    sing N N 239 
LEU CA  CB   sing N N 240 
LEU CA  HA   sing N N 241 
LEU C   O    doub N N 242 
LEU C   OXT  sing N N 243 
LEU CB  CG   sing N N 244 
LEU CB  HB2  sing N N 245 
LEU CB  HB3  sing N N 246 
LEU CG  CD1  sing N N 247 
LEU CG  CD2  sing N N 248 
LEU CG  HG   sing N N 249 
LEU CD1 HD11 sing N N 250 
LEU CD1 HD12 sing N N 251 
LEU CD1 HD13 sing N N 252 
LEU CD2 HD21 sing N N 253 
LEU CD2 HD22 sing N N 254 
LEU CD2 HD23 sing N N 255 
LEU OXT HXT  sing N N 256 
LYS N   CA   sing N N 257 
LYS N   H    sing N N 258 
LYS N   H2   sing N N 259 
LYS CA  C    sing N N 260 
LYS CA  CB   sing N N 261 
LYS CA  HA   sing N N 262 
LYS C   O    doub N N 263 
LYS C   OXT  sing N N 264 
LYS CB  CG   sing N N 265 
LYS CB  HB2  sing N N 266 
LYS CB  HB3  sing N N 267 
LYS CG  CD   sing N N 268 
LYS CG  HG2  sing N N 269 
LYS CG  HG3  sing N N 270 
LYS CD  CE   sing N N 271 
LYS CD  HD2  sing N N 272 
LYS CD  HD3  sing N N 273 
LYS CE  NZ   sing N N 274 
LYS CE  HE2  sing N N 275 
LYS CE  HE3  sing N N 276 
LYS NZ  HZ1  sing N N 277 
LYS NZ  HZ2  sing N N 278 
LYS NZ  HZ3  sing N N 279 
LYS OXT HXT  sing N N 280 
MET N   CA   sing N N 281 
MET N   H    sing N N 282 
MET N   H2   sing N N 283 
MET CA  C    sing N N 284 
MET CA  CB   sing N N 285 
MET CA  HA   sing N N 286 
MET C   O    doub N N 287 
MET C   OXT  sing N N 288 
MET CB  CG   sing N N 289 
MET CB  HB2  sing N N 290 
MET CB  HB3  sing N N 291 
MET CG  SD   sing N N 292 
MET CG  HG2  sing N N 293 
MET CG  HG3  sing N N 294 
MET SD  CE   sing N N 295 
MET CE  HE1  sing N N 296 
MET CE  HE2  sing N N 297 
MET CE  HE3  sing N N 298 
MET OXT HXT  sing N N 299 
PHE N   CA   sing N N 300 
PHE N   H    sing N N 301 
PHE N   H2   sing N N 302 
PHE CA  C    sing N N 303 
PHE CA  CB   sing N N 304 
PHE CA  HA   sing N N 305 
PHE C   O    doub N N 306 
PHE C   OXT  sing N N 307 
PHE CB  CG   sing N N 308 
PHE CB  HB2  sing N N 309 
PHE CB  HB3  sing N N 310 
PHE CG  CD1  doub Y N 311 
PHE CG  CD2  sing Y N 312 
PHE CD1 CE1  sing Y N 313 
PHE CD1 HD1  sing N N 314 
PHE CD2 CE2  doub Y N 315 
PHE CD2 HD2  sing N N 316 
PHE CE1 CZ   doub Y N 317 
PHE CE1 HE1  sing N N 318 
PHE CE2 CZ   sing Y N 319 
PHE CE2 HE2  sing N N 320 
PHE CZ  HZ   sing N N 321 
PHE OXT HXT  sing N N 322 
PRO N   CA   sing N N 323 
PRO N   CD   sing N N 324 
PRO N   H    sing N N 325 
PRO CA  C    sing N N 326 
PRO CA  CB   sing N N 327 
PRO CA  HA   sing N N 328 
PRO C   O    doub N N 329 
PRO C   OXT  sing N N 330 
PRO CB  CG   sing N N 331 
PRO CB  HB2  sing N N 332 
PRO CB  HB3  sing N N 333 
PRO CG  CD   sing N N 334 
PRO CG  HG2  sing N N 335 
PRO CG  HG3  sing N N 336 
PRO CD  HD2  sing N N 337 
PRO CD  HD3  sing N N 338 
PRO OXT HXT  sing N N 339 
SER N   CA   sing N N 340 
SER N   H    sing N N 341 
SER N   H2   sing N N 342 
SER CA  C    sing N N 343 
SER CA  CB   sing N N 344 
SER CA  HA   sing N N 345 
SER C   O    doub N N 346 
SER C   OXT  sing N N 347 
SER CB  OG   sing N N 348 
SER CB  HB2  sing N N 349 
SER CB  HB3  sing N N 350 
SER OG  HG   sing N N 351 
SER OXT HXT  sing N N 352 
THR N   CA   sing N N 353 
THR N   H    sing N N 354 
THR N   H2   sing N N 355 
THR CA  C    sing N N 356 
THR CA  CB   sing N N 357 
THR CA  HA   sing N N 358 
THR C   O    doub N N 359 
THR C   OXT  sing N N 360 
THR CB  OG1  sing N N 361 
THR CB  CG2  sing N N 362 
THR CB  HB   sing N N 363 
THR OG1 HG1  sing N N 364 
THR CG2 HG21 sing N N 365 
THR CG2 HG22 sing N N 366 
THR CG2 HG23 sing N N 367 
THR OXT HXT  sing N N 368 
TYR N   CA   sing N N 369 
TYR N   H    sing N N 370 
TYR N   H2   sing N N 371 
TYR CA  C    sing N N 372 
TYR CA  CB   sing N N 373 
TYR CA  HA   sing N N 374 
TYR C   O    doub N N 375 
TYR C   OXT  sing N N 376 
TYR CB  CG   sing N N 377 
TYR CB  HB2  sing N N 378 
TYR CB  HB3  sing N N 379 
TYR CG  CD1  doub Y N 380 
TYR CG  CD2  sing Y N 381 
TYR CD1 CE1  sing Y N 382 
TYR CD1 HD1  sing N N 383 
TYR CD2 CE2  doub Y N 384 
TYR CD2 HD2  sing N N 385 
TYR CE1 CZ   doub Y N 386 
TYR CE1 HE1  sing N N 387 
TYR CE2 CZ   sing Y N 388 
TYR CE2 HE2  sing N N 389 
TYR CZ  OH   sing N N 390 
TYR OH  HH   sing N N 391 
TYR OXT HXT  sing N N 392 
VAL N   CA   sing N N 393 
VAL N   H    sing N N 394 
VAL N   H2   sing N N 395 
VAL CA  C    sing N N 396 
VAL CA  CB   sing N N 397 
VAL CA  HA   sing N N 398 
VAL C   O    doub N N 399 
VAL C   OXT  sing N N 400 
VAL CB  CG1  sing N N 401 
VAL CB  CG2  sing N N 402 
VAL CB  HB   sing N N 403 
VAL CG1 HG11 sing N N 404 
VAL CG1 HG12 sing N N 405 
VAL CG1 HG13 sing N N 406 
VAL CG2 HG21 sing N N 407 
VAL CG2 HG22 sing N N 408 
VAL CG2 HG23 sing N N 409 
VAL OXT HXT  sing N N 410 
# 
loop_
_pdbx_entity_nonpoly.entity_id 
_pdbx_entity_nonpoly.name 
_pdbx_entity_nonpoly.comp_id 
2 '5-(4-{[4-(5-carboxyfuran-2-yl)benzyl]oxy}phenyl)-1-(3-methylphenyl)-1H-pyrazole-3-carboxylic acid' 1XT 
3 water                                                                                               HOH 
# 
_pdbx_initial_refinement_model.id               1 
_pdbx_initial_refinement_model.entity_id_list   ? 
_pdbx_initial_refinement_model.type             'experimental model' 
_pdbx_initial_refinement_model.source_name      PDB 
_pdbx_initial_refinement_model.accession_code   2B29 
_pdbx_initial_refinement_model.details          'pdb entry 2B29' 
# 
